data_2FDW
#
_entry.id   2FDW
#
_cell.length_a   69.746
_cell.length_b   157.564
_cell.length_c   103.789
_cell.angle_alpha   90.00
_cell.angle_beta   91.88
_cell.angle_gamma   90.00
#
_symmetry.space_group_name_H-M   'P 1 21 1'
#
loop_
_entity.id
_entity.type
_entity.pdbx_description
1 polymer 'Cytochrome P450 2A6'
2 non-polymer 'PROTOPORPHYRIN IX CONTAINING FE'
3 non-polymer (5-(PYRIDIN-3-YL)FURAN-2-YL)METHANAMINE
4 water water
#
_entity_poly.entity_id   1
_entity_poly.type   'polypeptide(L)'
_entity_poly.pdbx_seq_one_letter_code
;MAKKTSSKGKLPPGPTPLPFIGNYLQLNTEQMYNSLMKISERYGPVFTIHLGPRRVVVLCGHDAVREALVDQAEEFSGRG
EQATFDWVFKGYGVVFSNGERAKQLRRFSIATLRDFGVGKRGIEERIQEEAGFLIDALRGTGGANIDPTFFLSRTVSNVI
SSIVFGDRFDYKDKEFLSLLRMMLGIFQFTSTSTGQLYEMFSSVMKHLPGPQQQAFQLLQGLEDFIAKKVEHNQRTLDPN
SPRDFIDSFLIRMQEEEKNPNTEFYLKNLVMTTLNLFIGGTETVSTTLRYGFLLLMKHPEVEAKVHEEIDRVIGKNRQPK
FEDRAKMPYMEAVIHEIQRFGDVIPMSLARRVKKDTKFRDFFLPKGTEVYPMLGSVLRDPSFFSNPQDFNPQHFLNEKGQ
FKKSDAFVPFSIGKRNCFGEGLARMELFLFFTTVMQNFRLKSSQSPKDIDVSPKHVGFATIPRNYTMSFLPRHHHH
;
_entity_poly.pdbx_strand_id   A,B,C,D
#
loop_
_chem_comp.id
_chem_comp.type
_chem_comp.name
_chem_comp.formula
D3G non-polymer (5-(PYRIDIN-3-YL)FURAN-2-YL)METHANAMINE 'C10 H10 N2 O'
HEM non-polymer 'PROTOPORPHYRIN IX CONTAINING FE' 'C34 H32 Fe N4 O4'
#
# COMPACT_ATOMS: atom_id res chain seq x y z
N LYS A 8 -7.75 -6.84 35.74
CA LYS A 8 -7.82 -7.76 34.56
C LYS A 8 -6.40 -8.08 34.08
N GLY A 9 -5.52 -7.09 34.16
CA GLY A 9 -4.15 -7.28 33.72
C GLY A 9 -4.05 -7.20 32.20
N LYS A 10 -5.09 -6.63 31.58
CA LYS A 10 -5.12 -6.49 30.14
C LYS A 10 -5.25 -5.05 29.66
N LEU A 11 -4.76 -4.81 28.45
CA LEU A 11 -4.82 -3.49 27.83
C LEU A 11 -6.26 -3.06 27.66
N PRO A 12 -6.51 -1.74 27.57
CA PRO A 12 -7.87 -1.24 27.39
C PRO A 12 -8.50 -1.89 26.16
N PRO A 13 -9.83 -2.08 26.16
CA PRO A 13 -10.52 -2.69 25.01
C PRO A 13 -10.41 -1.81 23.77
N GLY A 14 -10.59 -2.42 22.60
CA GLY A 14 -10.52 -1.68 21.36
C GLY A 14 -10.74 -2.55 20.14
N PRO A 15 -11.00 -1.97 18.96
CA PRO A 15 -11.21 -2.77 17.76
C PRO A 15 -10.04 -3.71 17.47
N THR A 16 -10.36 -4.88 16.93
CA THR A 16 -9.34 -5.87 16.60
C THR A 16 -8.46 -5.37 15.46
N PRO A 17 -7.14 -5.32 15.69
CA PRO A 17 -6.21 -4.85 14.67
C PRO A 17 -5.78 -5.95 13.70
N LEU A 18 -5.42 -5.55 12.49
CA LEU A 18 -4.93 -6.47 11.47
C LEU A 18 -3.40 -6.32 11.46
N PRO A 19 -2.68 -7.35 11.01
CA PRO A 19 -1.21 -7.25 10.98
C PRO A 19 -0.69 -6.03 10.22
N PHE A 20 0.24 -5.31 10.86
CA PHE A 20 0.87 -4.11 10.31
C PHE A 20 -0.01 -2.88 10.17
N ILE A 21 -1.09 -2.97 9.40
CA ILE A 21 -1.98 -1.82 9.21
C ILE A 21 -2.81 -1.48 10.45
N GLY A 22 -2.79 -2.38 11.44
CA GLY A 22 -3.54 -2.12 12.66
C GLY A 22 -5.03 -1.83 12.48
N ASN A 23 -5.47 -0.69 13.00
CA ASN A 23 -6.88 -0.30 12.91
C ASN A 23 -7.11 0.69 11.79
N TYR A 24 -6.17 0.75 10.85
CA TYR A 24 -6.26 1.67 9.73
C TYR A 24 -7.61 1.67 8.99
N LEU A 25 -8.15 0.49 8.73
CA LEU A 25 -9.42 0.38 8.01
C LEU A 25 -10.61 0.97 8.79
N GLN A 26 -10.44 1.19 10.09
CA GLN A 26 -11.51 1.76 10.91
C GLN A 26 -11.22 3.21 11.29
N LEU A 27 -10.35 3.85 10.50
CA LEU A 27 -9.97 5.22 10.75
C LEU A 27 -9.93 6.05 9.48
N ASN A 28 -10.29 7.32 9.59
CA ASN A 28 -10.23 8.25 8.46
C ASN A 28 -9.04 9.17 8.77
N THR A 29 -7.95 9.02 8.02
CA THR A 29 -6.75 9.82 8.27
C THR A 29 -6.98 11.33 8.17
N GLU A 30 -8.00 11.74 7.42
CA GLU A 30 -8.28 13.17 7.29
C GLU A 30 -9.03 13.69 8.53
N GLN A 31 -9.58 12.76 9.31
CA GLN A 31 -10.32 13.11 10.52
C GLN A 31 -10.00 12.14 11.63
N MET A 32 -8.75 12.14 12.09
CA MET A 32 -8.33 11.24 13.15
C MET A 32 -9.12 11.45 14.44
N TYR A 33 -9.32 12.70 14.83
CA TYR A 33 -10.07 12.98 16.05
C TYR A 33 -11.48 12.38 16.04
N ASN A 34 -12.26 12.69 15.01
CA ASN A 34 -13.62 12.18 14.91
C ASN A 34 -13.66 10.65 14.84
N SER A 35 -12.68 10.05 14.17
CA SER A 35 -12.61 8.60 14.05
C SER A 35 -12.42 7.96 15.41
N LEU A 36 -11.49 8.50 16.19
CA LEU A 36 -11.21 7.97 17.52
C LEU A 36 -12.41 8.19 18.46
N MET A 37 -13.03 9.37 18.37
CA MET A 37 -14.19 9.67 19.22
C MET A 37 -15.34 8.72 18.92
N LYS A 38 -15.50 8.37 17.64
CA LYS A 38 -16.57 7.47 17.25
C LYS A 38 -16.29 6.09 17.85
N ILE A 39 -15.04 5.66 17.76
CA ILE A 39 -14.63 4.38 18.31
C ILE A 39 -14.81 4.38 19.82
N SER A 40 -14.68 5.56 20.42
CA SER A 40 -14.83 5.71 21.86
C SER A 40 -16.26 5.48 22.34
N GLU A 41 -17.21 5.73 21.45
CA GLU A 41 -18.62 5.57 21.77
C GLU A 41 -19.00 4.12 22.06
N ARG A 42 -18.22 3.17 21.55
CA ARG A 42 -18.53 1.76 21.77
C ARG A 42 -17.53 1.04 22.65
N TYR A 43 -16.35 1.63 22.85
CA TYR A 43 -15.34 0.99 23.68
C TYR A 43 -15.11 1.71 25.00
N GLY A 44 -15.49 2.98 25.07
CA GLY A 44 -15.31 3.73 26.30
C GLY A 44 -14.33 4.88 26.19
N PRO A 45 -14.25 5.73 27.24
CA PRO A 45 -13.35 6.89 27.27
C PRO A 45 -11.88 6.48 27.22
N VAL A 46 -11.62 5.24 27.62
CA VAL A 46 -10.25 4.72 27.61
C VAL A 46 -10.22 3.46 26.77
N PHE A 47 -9.54 3.53 25.61
CA PHE A 47 -9.46 2.38 24.74
C PHE A 47 -8.12 2.27 24.04
N THR A 48 -7.91 1.14 23.35
CA THR A 48 -6.66 0.88 22.66
C THR A 48 -6.86 0.95 21.16
N ILE A 49 -5.96 1.63 20.48
CA ILE A 49 -6.04 1.75 19.03
C ILE A 49 -4.66 1.41 18.46
N HIS A 50 -4.65 0.91 17.22
CA HIS A 50 -3.38 0.57 16.58
C HIS A 50 -3.20 1.45 15.35
N LEU A 51 -2.32 2.42 15.49
CA LEU A 51 -2.03 3.32 14.38
C LEU A 51 -0.94 2.62 13.59
N GLY A 52 -1.36 1.78 12.66
CA GLY A 52 -0.42 0.99 11.91
C GLY A 52 0.10 0.07 12.98
N PRO A 53 1.43 -0.12 13.07
CA PRO A 53 1.97 -1.00 14.11
C PRO A 53 2.03 -0.37 15.52
N ARG A 54 1.80 0.94 15.62
CA ARG A 54 1.84 1.60 16.92
C ARG A 54 0.62 1.33 17.79
N ARG A 55 0.83 0.64 18.91
CA ARG A 55 -0.25 0.36 19.84
C ARG A 55 -0.38 1.58 20.76
N VAL A 56 -1.55 2.21 20.75
CA VAL A 56 -1.77 3.43 21.53
C VAL A 56 -3.01 3.39 22.44
N VAL A 57 -2.86 3.86 23.67
CA VAL A 57 -3.99 3.92 24.58
C VAL A 57 -4.54 5.35 24.50
N VAL A 58 -5.78 5.47 24.08
CA VAL A 58 -6.44 6.77 23.92
C VAL A 58 -7.23 7.19 25.17
N LEU A 59 -6.99 8.41 25.61
CA LEU A 59 -7.66 8.95 26.80
C LEU A 59 -8.61 10.07 26.38
N CYS A 60 -9.91 9.84 26.56
CA CYS A 60 -10.92 10.81 26.18
C CYS A 60 -11.61 11.39 27.41
N GLY A 61 -11.95 12.68 27.34
CA GLY A 61 -12.62 13.34 28.46
C GLY A 61 -11.69 13.76 29.58
N HIS A 62 -12.13 14.75 30.34
CA HIS A 62 -11.35 15.30 31.45
C HIS A 62 -10.87 14.30 32.50
N ASP A 63 -11.78 13.50 33.02
CA ASP A 63 -11.43 12.53 34.06
C ASP A 63 -10.30 11.60 33.64
N ALA A 64 -10.46 10.94 32.50
CA ALA A 64 -9.44 10.02 32.02
C ALA A 64 -8.09 10.73 31.90
N VAL A 65 -8.08 11.85 31.18
CA VAL A 65 -6.84 12.60 30.98
C VAL A 65 -6.17 13.06 32.27
N ARG A 66 -6.95 13.67 33.17
CA ARG A 66 -6.37 14.13 34.42
C ARG A 66 -5.92 12.99 35.31
N GLU A 67 -6.73 11.94 35.40
CA GLU A 67 -6.38 10.78 36.23
C GLU A 67 -5.04 10.19 35.84
N ALA A 68 -4.78 10.13 34.54
CA ALA A 68 -3.53 9.57 34.05
C ALA A 68 -2.36 10.54 34.14
N LEU A 69 -2.45 11.64 33.41
CA LEU A 69 -1.37 12.62 33.38
C LEU A 69 -1.07 13.35 34.69
N VAL A 70 -2.04 13.44 35.57
CA VAL A 70 -1.80 14.10 36.85
C VAL A 70 -1.75 13.12 38.02
N ASP A 71 -2.79 12.31 38.20
CA ASP A 71 -2.81 11.38 39.31
C ASP A 71 -1.72 10.31 39.22
N GLN A 72 -1.36 9.90 37.99
CA GLN A 72 -0.28 8.94 37.81
C GLN A 72 0.74 9.62 36.90
N ALA A 73 1.00 10.87 37.22
CA ALA A 73 1.92 11.73 36.50
C ALA A 73 3.28 11.13 36.14
N GLU A 74 3.93 10.48 37.10
CA GLU A 74 5.24 9.89 36.81
C GLU A 74 5.10 8.70 35.85
N GLU A 75 4.10 7.85 36.09
CA GLU A 75 3.89 6.68 35.23
C GLU A 75 3.63 7.09 33.77
N PHE A 76 2.93 8.20 33.58
CA PHE A 76 2.62 8.71 32.24
C PHE A 76 3.55 9.83 31.77
N SER A 77 4.70 9.96 32.43
CA SER A 77 5.65 11.02 32.10
C SER A 77 6.56 10.73 30.92
N GLY A 78 6.34 9.63 30.22
CA GLY A 78 7.17 9.32 29.07
C GLY A 78 6.71 10.09 27.84
N ARG A 79 7.61 10.27 26.88
CA ARG A 79 7.29 10.98 25.64
C ARG A 79 7.06 9.97 24.52
N GLY A 80 5.92 10.07 23.86
CA GLY A 80 5.62 9.17 22.77
C GLY A 80 6.23 9.72 21.48
N GLU A 81 5.76 9.26 20.34
CA GLU A 81 6.32 9.77 19.10
C GLU A 81 5.37 10.59 18.24
N GLN A 82 5.98 11.27 17.27
CA GLN A 82 5.29 12.07 16.29
C GLN A 82 6.28 11.79 15.15
N ALA A 83 5.88 10.87 14.27
CA ALA A 83 6.72 10.41 13.18
C ALA A 83 7.35 11.46 12.29
N THR A 84 6.56 12.43 11.83
CA THR A 84 7.09 13.47 10.96
C THR A 84 8.24 14.22 11.62
N PHE A 85 8.04 14.66 12.86
CA PHE A 85 9.09 15.39 13.57
C PHE A 85 10.26 14.48 13.92
N ASP A 86 9.97 13.23 14.27
CA ASP A 86 11.04 12.31 14.63
C ASP A 86 11.98 12.08 13.44
N TRP A 87 11.50 12.36 12.23
CA TRP A 87 12.34 12.21 11.04
C TRP A 87 13.62 13.03 11.22
N VAL A 88 13.48 14.27 11.66
CA VAL A 88 14.64 15.12 11.86
C VAL A 88 15.19 15.09 13.29
N PHE A 89 14.31 15.00 14.29
CA PHE A 89 14.78 14.99 15.67
C PHE A 89 15.44 13.72 16.15
N LYS A 90 14.91 12.58 15.74
CA LYS A 90 15.50 11.29 16.12
C LYS A 90 15.68 11.08 17.62
N GLY A 91 14.76 11.60 18.42
CA GLY A 91 14.87 11.42 19.85
C GLY A 91 15.78 12.40 20.59
N TYR A 92 16.39 13.34 19.86
CA TYR A 92 17.26 14.34 20.49
C TYR A 92 16.45 15.61 20.75
N GLY A 93 16.98 16.51 21.56
CA GLY A 93 16.27 17.73 21.84
C GLY A 93 15.41 17.54 23.07
N VAL A 94 14.86 18.62 23.62
CA VAL A 94 14.06 18.54 24.84
C VAL A 94 12.65 17.97 24.70
N VAL A 95 11.98 18.27 23.59
CA VAL A 95 10.61 17.80 23.38
C VAL A 95 10.43 16.31 23.13
N PHE A 96 11.06 15.82 22.07
CA PHE A 96 10.91 14.42 21.70
C PHE A 96 11.90 13.46 22.34
N SER A 97 12.45 13.85 23.48
CA SER A 97 13.40 12.99 24.17
C SER A 97 12.74 12.31 25.37
N ASN A 98 13.44 11.31 25.90
CA ASN A 98 12.96 10.55 27.04
C ASN A 98 14.05 10.40 28.08
N GLY A 99 13.66 9.92 29.26
CA GLY A 99 14.58 9.67 30.35
C GLY A 99 15.57 10.76 30.72
N GLU A 100 16.79 10.33 31.04
CA GLU A 100 17.87 11.24 31.44
C GLU A 100 18.06 12.42 30.51
N ARG A 101 18.02 12.18 29.19
CA ARG A 101 18.20 13.26 28.22
C ARG A 101 17.10 14.31 28.37
N ALA A 102 15.86 13.85 28.54
CA ALA A 102 14.72 14.75 28.68
C ALA A 102 14.81 15.54 29.99
N LYS A 103 15.08 14.84 31.08
CA LYS A 103 15.18 15.46 32.40
C LYS A 103 16.26 16.55 32.42
N GLN A 104 17.40 16.25 31.82
CA GLN A 104 18.51 17.17 31.76
C GLN A 104 18.18 18.39 30.89
N LEU A 105 17.77 18.15 29.65
CA LEU A 105 17.47 19.25 28.74
C LEU A 105 16.31 20.12 29.22
N ARG A 106 15.29 19.52 29.83
CA ARG A 106 14.14 20.30 30.30
C ARG A 106 14.51 21.19 31.49
N ARG A 107 15.27 20.64 32.44
CA ARG A 107 15.65 21.44 33.59
C ARG A 107 16.50 22.64 33.15
N PHE A 108 17.44 22.39 32.26
CA PHE A 108 18.31 23.45 31.76
C PHE A 108 17.53 24.49 30.95
N SER A 109 16.61 24.03 30.11
CA SER A 109 15.83 24.91 29.26
C SER A 109 14.95 25.85 30.09
N ILE A 110 14.23 25.31 31.07
CA ILE A 110 13.38 26.12 31.93
C ILE A 110 14.23 27.17 32.65
N ALA A 111 15.36 26.75 33.19
CA ALA A 111 16.25 27.65 33.92
C ALA A 111 16.82 28.74 33.02
N THR A 112 17.30 28.35 31.85
CA THR A 112 17.89 29.32 30.93
C THR A 112 16.82 30.28 30.40
N LEU A 113 15.62 29.77 30.19
CA LEU A 113 14.52 30.61 29.70
C LEU A 113 14.23 31.71 30.74
N ARG A 114 14.25 31.34 32.01
CA ARG A 114 14.00 32.31 33.08
C ARG A 114 15.12 33.32 33.19
N ASP A 115 16.36 32.87 32.94
CA ASP A 115 17.51 33.77 33.00
C ASP A 115 17.40 34.87 31.95
N PHE A 116 16.75 34.57 30.84
CA PHE A 116 16.59 35.56 29.77
C PHE A 116 15.28 36.33 29.84
N GLY A 117 14.70 36.40 31.03
CA GLY A 117 13.47 37.18 31.20
C GLY A 117 12.12 36.50 31.22
N VAL A 118 12.02 35.26 30.78
CA VAL A 118 10.73 34.60 30.78
C VAL A 118 10.15 34.61 32.19
N GLY A 119 8.94 35.17 32.31
CA GLY A 119 8.27 35.25 33.60
C GLY A 119 8.62 36.53 34.35
N LYS A 120 9.49 37.34 33.77
CA LYS A 120 9.91 38.59 34.40
C LYS A 120 9.60 39.82 33.55
N ARG A 121 9.95 41.00 34.08
CA ARG A 121 9.71 42.25 33.38
C ARG A 121 10.54 42.28 32.09
N GLY A 122 11.66 41.57 32.10
CA GLY A 122 12.53 41.53 30.93
C GLY A 122 11.81 41.10 29.66
N ILE A 123 11.21 39.92 29.67
CA ILE A 123 10.50 39.45 28.49
C ILE A 123 9.21 40.22 28.28
N GLU A 124 8.61 40.72 29.36
CA GLU A 124 7.36 41.50 29.21
C GLU A 124 7.67 42.72 28.36
N GLU A 125 8.79 43.37 28.64
CA GLU A 125 9.20 44.54 27.87
C GLU A 125 9.44 44.15 26.42
N ARG A 126 10.03 42.98 26.21
CA ARG A 126 10.32 42.47 24.87
C ARG A 126 9.01 42.30 24.08
N ILE A 127 8.02 41.68 24.71
CA ILE A 127 6.73 41.44 24.07
C ILE A 127 6.01 42.76 23.78
N GLN A 128 6.11 43.72 24.69
CA GLN A 128 5.45 45.02 24.50
C GLN A 128 6.05 45.75 23.31
N GLU A 129 7.38 45.72 23.22
CA GLU A 129 8.06 46.38 22.11
C GLU A 129 7.67 45.69 20.80
N GLU A 130 7.72 44.37 20.76
CA GLU A 130 7.34 43.65 19.56
C GLU A 130 5.87 43.90 19.22
N ALA A 131 5.05 44.05 20.25
CA ALA A 131 3.63 44.33 20.01
C ALA A 131 3.54 45.68 19.31
N GLY A 132 4.41 46.60 19.74
CA GLY A 132 4.44 47.91 19.14
C GLY A 132 4.80 47.83 17.67
N PHE A 133 5.73 46.94 17.34
CA PHE A 133 6.14 46.75 15.96
C PHE A 133 5.00 46.15 15.14
N LEU A 134 4.17 45.31 15.77
CA LEU A 134 3.03 44.73 15.05
C LEU A 134 2.03 45.84 14.72
N ILE A 135 1.77 46.72 15.69
CA ILE A 135 0.84 47.83 15.49
C ILE A 135 1.30 48.67 14.30
N ASP A 136 2.59 49.02 14.27
CA ASP A 136 3.13 49.81 13.16
C ASP A 136 2.84 49.08 11.84
N ALA A 137 3.18 47.80 11.80
CA ALA A 137 2.97 47.00 10.60
C ALA A 137 1.51 46.98 10.18
N LEU A 138 0.61 46.85 11.16
CA LEU A 138 -0.81 46.84 10.85
C LEU A 138 -1.26 48.22 10.34
N ARG A 139 -0.73 49.29 10.93
CA ARG A 139 -1.09 50.63 10.47
C ARG A 139 -0.55 50.80 9.04
N GLY A 140 0.57 50.16 8.76
CA GLY A 140 1.17 50.24 7.45
C GLY A 140 0.28 49.71 6.33
N THR A 141 -0.67 48.83 6.67
CA THR A 141 -1.55 48.27 5.65
C THR A 141 -2.60 49.28 5.22
N GLY A 142 -2.64 50.42 5.91
CA GLY A 142 -3.61 51.45 5.58
C GLY A 142 -5.06 50.97 5.59
N GLY A 143 -5.37 49.99 6.42
CA GLY A 143 -6.74 49.49 6.49
C GLY A 143 -7.11 48.57 5.34
N ALA A 144 -6.16 48.27 4.47
CA ALA A 144 -6.41 47.39 3.33
C ALA A 144 -6.68 45.97 3.78
N ASN A 145 -7.36 45.20 2.94
CA ASN A 145 -7.67 43.82 3.27
C ASN A 145 -6.38 43.01 3.10
N ILE A 146 -5.99 42.28 4.15
CA ILE A 146 -4.75 41.51 4.11
C ILE A 146 -4.85 40.11 4.72
N ASP A 147 -3.84 39.29 4.45
CA ASP A 147 -3.76 37.97 5.04
C ASP A 147 -2.92 38.25 6.29
N PRO A 148 -3.51 38.14 7.49
CA PRO A 148 -2.78 38.41 8.72
C PRO A 148 -1.71 37.38 9.09
N THR A 149 -1.86 36.18 8.56
CA THR A 149 -0.95 35.07 8.85
C THR A 149 0.49 35.41 9.21
N PHE A 150 1.23 36.01 8.28
CA PHE A 150 2.62 36.31 8.54
C PHE A 150 2.89 37.59 9.31
N PHE A 151 1.90 38.46 9.41
CA PHE A 151 2.08 39.66 10.21
C PHE A 151 2.16 39.17 11.64
N LEU A 152 1.28 38.22 11.97
CA LEU A 152 1.21 37.64 13.30
C LEU A 152 2.37 36.69 13.64
N SER A 153 2.72 35.79 12.73
CA SER A 153 3.80 34.86 13.01
C SER A 153 5.16 35.56 13.15
N ARG A 154 5.39 36.60 12.37
CA ARG A 154 6.66 37.34 12.47
C ARG A 154 6.81 37.94 13.87
N THR A 155 5.75 38.59 14.33
CA THR A 155 5.73 39.24 15.65
C THR A 155 5.95 38.21 16.75
N VAL A 156 5.25 37.09 16.68
CA VAL A 156 5.36 36.03 17.66
C VAL A 156 6.76 35.40 17.64
N SER A 157 7.22 35.02 16.46
CA SER A 157 8.52 34.38 16.34
C SER A 157 9.65 35.26 16.88
N ASN A 158 9.52 36.57 16.75
CA ASN A 158 10.55 37.47 17.24
C ASN A 158 10.75 37.48 18.75
N VAL A 159 9.74 37.05 19.49
CA VAL A 159 9.86 36.98 20.93
C VAL A 159 10.82 35.83 21.28
N ILE A 160 10.46 34.61 20.90
CA ILE A 160 11.34 33.48 21.21
C ILE A 160 12.68 33.62 20.47
N SER A 161 12.67 34.25 19.30
CA SER A 161 13.90 34.46 18.54
C SER A 161 14.88 35.34 19.33
N SER A 162 14.34 36.35 20.00
CA SER A 162 15.16 37.26 20.83
C SER A 162 15.89 36.48 21.90
N ILE A 163 15.20 35.51 22.48
CA ILE A 163 15.75 34.67 23.54
C ILE A 163 16.82 33.70 23.06
N VAL A 164 16.54 32.97 21.99
CA VAL A 164 17.49 31.98 21.49
C VAL A 164 18.59 32.49 20.56
N PHE A 165 18.32 33.52 19.76
CA PHE A 165 19.32 34.04 18.83
C PHE A 165 19.94 35.34 19.27
N GLY A 166 19.45 35.90 20.38
CA GLY A 166 19.99 37.15 20.88
C GLY A 166 19.40 38.40 20.28
N ASP A 167 18.79 38.28 19.10
CA ASP A 167 18.20 39.44 18.45
C ASP A 167 16.96 39.07 17.63
N ARG A 168 16.14 40.07 17.31
CA ARG A 168 14.94 39.85 16.53
C ARG A 168 15.22 39.96 15.04
N PHE A 169 14.33 39.39 14.25
CA PHE A 169 14.46 39.44 12.79
C PHE A 169 13.78 40.70 12.28
N ASP A 170 14.33 41.24 11.21
CA ASP A 170 13.76 42.42 10.55
C ASP A 170 12.53 41.88 9.84
N TYR A 171 11.40 42.58 9.90
CA TYR A 171 10.18 42.10 9.26
C TYR A 171 10.33 41.94 7.74
N LYS A 172 11.33 42.61 7.16
CA LYS A 172 11.57 42.53 5.72
C LYS A 172 12.62 41.48 5.37
N ASP A 173 13.11 40.76 6.37
CA ASP A 173 14.11 39.72 6.14
C ASP A 173 13.48 38.55 5.38
N LYS A 174 13.84 38.40 4.11
CA LYS A 174 13.32 37.33 3.24
C LYS A 174 13.53 35.94 3.82
N GLU A 175 14.72 35.70 4.38
CA GLU A 175 15.03 34.40 4.96
C GLU A 175 14.13 34.15 6.18
N PHE A 176 13.77 35.21 6.90
CA PHE A 176 12.90 35.08 8.05
C PHE A 176 11.54 34.60 7.55
N LEU A 177 11.06 35.18 6.45
CA LEU A 177 9.78 34.77 5.88
C LEU A 177 9.84 33.32 5.44
N SER A 178 10.99 32.92 4.90
CA SER A 178 11.15 31.55 4.44
C SER A 178 10.97 30.57 5.59
N LEU A 179 11.59 30.87 6.72
CA LEU A 179 11.50 30.02 7.90
C LEU A 179 10.06 29.92 8.40
N LEU A 180 9.35 31.05 8.45
CA LEU A 180 7.97 31.05 8.90
C LEU A 180 7.13 30.19 7.97
N ARG A 181 7.45 30.22 6.68
CA ARG A 181 6.73 29.40 5.71
C ARG A 181 6.99 27.93 5.97
N MET A 182 8.21 27.62 6.41
CA MET A 182 8.55 26.24 6.71
C MET A 182 7.75 25.73 7.90
N MET A 183 7.64 26.55 8.94
CA MET A 183 6.89 26.16 10.14
C MET A 183 5.40 26.01 9.84
N LEU A 184 4.85 26.92 9.05
CA LEU A 184 3.44 26.85 8.70
C LEU A 184 3.23 25.59 7.87
N GLY A 185 4.18 25.32 6.97
CA GLY A 185 4.09 24.14 6.13
C GLY A 185 4.07 22.84 6.90
N ILE A 186 4.94 22.70 7.90
CA ILE A 186 5.00 21.47 8.68
C ILE A 186 3.75 21.28 9.56
N PHE A 187 3.22 22.39 10.08
CA PHE A 187 2.02 22.32 10.91
C PHE A 187 0.83 21.88 10.07
N GLN A 188 0.74 22.37 8.84
CA GLN A 188 -0.36 21.99 7.98
C GLN A 188 -0.21 20.54 7.54
N PHE A 189 1.00 20.15 7.15
CA PHE A 189 1.24 18.78 6.71
C PHE A 189 0.84 17.75 7.77
N THR A 190 1.30 17.95 9.00
CA THR A 190 0.99 17.02 10.09
C THR A 190 -0.48 17.01 10.48
N SER A 191 -1.25 17.91 9.89
CA SER A 191 -2.68 18.00 10.17
C SER A 191 -3.53 17.54 9.00
N THR A 192 -2.88 17.10 7.92
CA THR A 192 -3.61 16.63 6.75
C THR A 192 -3.76 15.13 6.83
N SER A 193 -4.50 14.57 5.87
CA SER A 193 -4.74 13.13 5.80
C SER A 193 -3.40 12.38 5.60
N THR A 194 -2.55 12.90 4.72
CA THR A 194 -1.26 12.28 4.44
C THR A 194 -0.35 12.30 5.67
N GLY A 195 -0.38 13.41 6.41
CA GLY A 195 0.45 13.52 7.61
C GLY A 195 0.03 12.55 8.70
N GLN A 196 -1.28 12.32 8.83
CA GLN A 196 -1.77 11.38 9.83
C GLN A 196 -1.57 9.95 9.33
N LEU A 197 -1.55 9.76 8.01
CA LEU A 197 -1.31 8.44 7.46
C LEU A 197 0.17 8.14 7.74
N TYR A 198 1.01 9.17 7.65
CA TYR A 198 2.44 9.02 7.92
C TYR A 198 2.69 8.54 9.35
N GLU A 199 1.88 9.02 10.29
CA GLU A 199 2.03 8.61 11.69
C GLU A 199 1.89 7.10 11.84
N MET A 200 1.15 6.49 10.91
CA MET A 200 0.92 5.05 10.93
C MET A 200 1.95 4.26 10.14
N PHE A 201 2.26 4.74 8.93
CA PHE A 201 3.15 4.02 8.04
C PHE A 201 4.47 4.68 7.66
N SER A 202 5.05 5.41 8.60
CA SER A 202 6.33 6.08 8.36
C SER A 202 7.43 5.10 7.95
N SER A 203 7.37 3.88 8.48
CA SER A 203 8.40 2.88 8.18
C SER A 203 8.57 2.66 6.68
N VAL A 204 7.48 2.85 5.94
CA VAL A 204 7.50 2.69 4.50
C VAL A 204 7.55 4.05 3.82
N MET A 205 6.66 4.93 4.24
CA MET A 205 6.52 6.27 3.67
C MET A 205 7.77 7.17 3.69
N LYS A 206 8.56 7.11 4.74
CA LYS A 206 9.75 7.97 4.77
C LYS A 206 10.67 7.68 3.58
N HIS A 207 10.47 6.53 2.96
CA HIS A 207 11.28 6.12 1.80
C HIS A 207 10.55 6.26 0.46
N LEU A 208 9.28 6.70 0.51
CA LEU A 208 8.48 6.85 -0.70
C LEU A 208 8.29 8.30 -1.15
N PRO A 209 8.00 8.51 -2.44
CA PRO A 209 7.78 9.86 -2.96
C PRO A 209 6.47 10.37 -2.35
N GLY A 210 6.26 11.68 -2.36
CA GLY A 210 5.03 12.21 -1.81
C GLY A 210 5.22 13.47 -0.97
N PRO A 211 4.12 14.05 -0.46
CA PRO A 211 4.14 15.26 0.36
C PRO A 211 5.05 15.16 1.58
N GLN A 212 5.21 13.95 2.12
CA GLN A 212 6.07 13.75 3.28
C GLN A 212 7.52 14.16 3.02
N GLN A 213 7.97 14.00 1.78
CA GLN A 213 9.35 14.35 1.43
C GLN A 213 9.53 15.86 1.47
N GLN A 214 8.54 16.59 0.97
CA GLN A 214 8.58 18.05 0.98
C GLN A 214 8.55 18.51 2.43
N ALA A 215 7.79 17.79 3.26
CA ALA A 215 7.71 18.11 4.68
C ALA A 215 9.09 17.97 5.32
N PHE A 216 9.80 16.89 4.99
CA PHE A 216 11.15 16.66 5.54
C PHE A 216 12.09 17.80 5.12
N GLN A 217 11.90 18.32 3.90
CA GLN A 217 12.75 19.39 3.42
C GLN A 217 12.51 20.68 4.20
N LEU A 218 11.27 20.90 4.62
CA LEU A 218 10.97 22.11 5.41
C LEU A 218 11.70 21.97 6.74
N LEU A 219 11.61 20.78 7.34
CA LEU A 219 12.26 20.52 8.61
C LEU A 219 13.78 20.66 8.50
N GLN A 220 14.33 20.09 7.44
CA GLN A 220 15.78 20.15 7.23
C GLN A 220 16.18 21.60 7.01
N GLY A 221 15.30 22.38 6.38
CA GLY A 221 15.59 23.79 6.16
C GLY A 221 15.70 24.51 7.50
N LEU A 222 14.81 24.16 8.41
CA LEU A 222 14.81 24.76 9.73
C LEU A 222 16.05 24.35 10.52
N GLU A 223 16.39 23.06 10.47
CA GLU A 223 17.56 22.57 11.18
C GLU A 223 18.84 23.20 10.66
N ASP A 224 18.92 23.39 9.35
CA ASP A 224 20.12 23.97 8.73
C ASP A 224 20.28 25.41 9.20
N PHE A 225 19.17 26.13 9.30
CA PHE A 225 19.22 27.50 9.76
C PHE A 225 19.74 27.54 11.19
N ILE A 226 19.21 26.66 12.04
CA ILE A 226 19.64 26.63 13.43
C ILE A 226 21.12 26.26 13.52
N ALA A 227 21.53 25.23 12.80
CA ALA A 227 22.94 24.81 12.81
C ALA A 227 23.82 25.98 12.40
N LYS A 228 23.36 26.76 11.43
CA LYS A 228 24.10 27.92 10.95
C LYS A 228 24.27 28.95 12.08
N LYS A 229 23.19 29.25 12.79
CA LYS A 229 23.23 30.22 13.88
C LYS A 229 24.16 29.75 15.00
N VAL A 230 24.10 28.47 15.32
CA VAL A 230 24.94 27.90 16.36
C VAL A 230 26.42 28.06 15.99
N GLU A 231 26.75 27.76 14.74
CA GLU A 231 28.13 27.88 14.27
C GLU A 231 28.66 29.30 14.45
N HIS A 232 27.85 30.28 14.07
CA HIS A 232 28.25 31.68 14.21
C HIS A 232 28.54 32.00 15.67
N ASN A 233 27.61 31.67 16.55
CA ASN A 233 27.77 31.92 17.98
C ASN A 233 29.05 31.25 18.52
N GLN A 234 29.35 30.06 18.01
CA GLN A 234 30.56 29.34 18.43
C GLN A 234 31.81 30.12 18.07
N ARG A 235 31.82 30.66 16.85
CA ARG A 235 32.96 31.43 16.37
C ARG A 235 33.00 32.86 16.91
N THR A 236 32.21 33.13 17.95
CA THR A 236 32.17 34.48 18.52
C THR A 236 31.76 34.43 19.99
N LEU A 237 31.73 33.23 20.56
CA LEU A 237 31.32 33.03 21.94
C LEU A 237 32.17 33.68 23.03
N ASP A 238 31.50 34.32 23.97
CA ASP A 238 32.16 34.93 25.11
C ASP A 238 31.70 34.10 26.31
N PRO A 239 32.53 33.13 26.72
CA PRO A 239 32.28 32.21 27.84
C PRO A 239 31.82 32.87 29.13
N ASN A 240 32.16 34.15 29.30
CA ASN A 240 31.78 34.87 30.52
C ASN A 240 30.50 35.65 30.36
N SER A 241 30.14 35.95 29.11
CA SER A 241 28.93 36.72 28.86
C SER A 241 28.08 36.13 27.72
N PRO A 242 27.20 35.17 28.06
CA PRO A 242 26.34 34.56 27.04
C PRO A 242 25.34 35.58 26.50
N ARG A 243 25.16 35.58 25.19
CA ARG A 243 24.26 36.50 24.52
C ARG A 243 22.82 35.99 24.45
N ASP A 244 22.65 34.67 24.43
CA ASP A 244 21.33 34.08 24.29
C ASP A 244 21.28 32.63 24.74
N PHE A 245 20.15 31.97 24.46
CA PHE A 245 19.97 30.58 24.84
C PHE A 245 21.09 29.71 24.25
N ILE A 246 21.45 29.96 22.99
CA ILE A 246 22.50 29.18 22.34
C ILE A 246 23.83 29.31 23.07
N ASP A 247 24.21 30.54 23.42
CA ASP A 247 25.46 30.76 24.13
C ASP A 247 25.48 30.00 25.46
N SER A 248 24.39 30.08 26.23
CA SER A 248 24.29 29.38 27.51
C SER A 248 24.60 27.90 27.34
N PHE A 249 23.91 27.27 26.39
CA PHE A 249 24.09 25.85 26.12
C PHE A 249 25.54 25.57 25.72
N LEU A 250 26.11 26.43 24.88
CA LEU A 250 27.48 26.26 24.42
C LEU A 250 28.47 26.30 25.59
N ILE A 251 28.15 27.13 26.57
CA ILE A 251 28.99 27.26 27.76
C ILE A 251 28.89 25.93 28.53
N ARG A 252 27.67 25.50 28.79
CA ARG A 252 27.45 24.26 29.52
C ARG A 252 28.15 23.10 28.80
N MET A 253 28.12 23.12 27.47
CA MET A 253 28.78 22.08 26.67
C MET A 253 30.28 22.07 26.96
N GLN A 254 30.90 23.26 26.98
CA GLN A 254 32.33 23.35 27.25
C GLN A 254 32.65 22.76 28.60
N GLU A 255 31.81 23.08 29.59
CA GLU A 255 31.98 22.59 30.94
C GLU A 255 31.80 21.08 31.08
N GLU A 256 31.05 20.50 30.14
CA GLU A 256 30.77 19.06 30.15
C GLU A 256 31.64 18.26 29.18
N GLU A 257 32.59 18.92 28.53
CA GLU A 257 33.47 18.24 27.58
C GLU A 257 34.23 17.06 28.16
N LYS A 258 34.41 17.05 29.47
CA LYS A 258 35.13 15.96 30.13
C LYS A 258 34.20 14.88 30.67
N ASN A 259 32.91 14.98 30.35
CA ASN A 259 31.94 13.98 30.79
C ASN A 259 31.50 13.17 29.58
N PRO A 260 31.88 11.88 29.55
CA PRO A 260 31.55 10.95 28.47
C PRO A 260 30.05 10.77 28.23
N ASN A 261 29.27 10.77 29.31
CA ASN A 261 27.83 10.57 29.21
C ASN A 261 26.99 11.84 29.41
N THR A 262 27.53 13.00 29.04
CA THR A 262 26.76 14.24 29.19
C THR A 262 25.71 14.33 28.09
N GLU A 263 24.62 15.05 28.37
CA GLU A 263 23.55 15.24 27.39
C GLU A 263 23.75 16.56 26.67
N PHE A 264 24.75 17.31 27.10
CA PHE A 264 25.05 18.61 26.50
C PHE A 264 26.09 18.56 25.42
N TYR A 265 25.63 18.26 24.20
CA TYR A 265 26.48 18.20 23.03
C TYR A 265 25.76 18.87 21.85
N LEU A 266 26.49 19.12 20.77
CA LEU A 266 25.94 19.81 19.62
C LEU A 266 24.53 19.41 19.17
N LYS A 267 24.29 18.13 18.91
CA LYS A 267 22.98 17.72 18.43
C LYS A 267 21.84 18.06 19.38
N ASN A 268 22.03 17.89 20.68
CA ASN A 268 20.96 18.23 21.62
C ASN A 268 20.76 19.74 21.67
N LEU A 269 21.82 20.48 21.34
CA LEU A 269 21.72 21.93 21.33
C LEU A 269 20.90 22.37 20.12
N VAL A 270 21.23 21.80 18.97
CA VAL A 270 20.51 22.12 17.74
C VAL A 270 19.04 21.75 17.85
N MET A 271 18.75 20.52 18.23
CA MET A 271 17.35 20.07 18.35
C MET A 271 16.56 20.82 19.42
N THR A 272 17.18 21.13 20.55
CA THR A 272 16.48 21.84 21.62
C THR A 272 16.14 23.27 21.18
N THR A 273 17.08 23.91 20.49
CA THR A 273 16.89 25.26 20.00
C THR A 273 15.81 25.24 18.91
N LEU A 274 15.81 24.20 18.09
CA LEU A 274 14.80 24.07 17.04
C LEU A 274 13.43 23.89 17.69
N ASN A 275 13.38 23.11 18.77
CA ASN A 275 12.14 22.86 19.52
C ASN A 275 11.50 24.18 19.95
N LEU A 276 12.30 25.02 20.60
CA LEU A 276 11.82 26.31 21.10
C LEU A 276 11.42 27.25 19.97
N PHE A 277 12.21 27.26 18.90
CA PHE A 277 11.93 28.13 17.76
C PHE A 277 10.60 27.79 17.11
N ILE A 278 10.36 26.50 16.87
CA ILE A 278 9.12 26.05 16.25
C ILE A 278 7.98 26.04 17.26
N GLY A 279 8.18 25.32 18.36
CA GLY A 279 7.15 25.25 19.39
C GLY A 279 6.71 26.61 19.91
N GLY A 280 7.65 27.53 20.03
CA GLY A 280 7.32 28.86 20.53
C GLY A 280 6.79 29.81 19.49
N THR A 281 6.71 29.37 18.24
CA THR A 281 6.22 30.24 17.19
C THR A 281 4.83 29.88 16.67
N GLU A 282 4.76 28.75 15.97
CA GLU A 282 3.52 28.31 15.32
C GLU A 282 2.29 28.14 16.20
N THR A 283 2.49 27.66 17.43
CA THR A 283 1.38 27.44 18.34
C THR A 283 0.66 28.75 18.65
N VAL A 284 1.42 29.73 19.12
CA VAL A 284 0.86 31.03 19.44
C VAL A 284 0.32 31.73 18.19
N SER A 285 1.08 31.65 17.10
CA SER A 285 0.66 32.27 15.85
C SER A 285 -0.72 31.76 15.44
N THR A 286 -0.86 30.43 15.46
CA THR A 286 -2.12 29.79 15.09
C THR A 286 -3.26 30.27 15.99
N THR A 287 -3.01 30.35 17.29
CA THR A 287 -4.03 30.79 18.24
C THR A 287 -4.49 32.23 17.93
N LEU A 288 -3.53 33.09 17.64
CA LEU A 288 -3.85 34.47 17.32
C LEU A 288 -4.70 34.50 16.06
N ARG A 289 -4.27 33.79 15.03
CA ARG A 289 -4.98 33.75 13.76
C ARG A 289 -6.43 33.28 13.91
N TYR A 290 -6.64 32.20 14.66
CA TYR A 290 -7.99 31.68 14.87
C TYR A 290 -8.79 32.69 15.71
N GLY A 291 -8.12 33.25 16.71
CA GLY A 291 -8.75 34.22 17.60
C GLY A 291 -9.38 35.41 16.90
N PHE A 292 -8.63 36.03 15.99
CA PHE A 292 -9.16 37.18 15.27
C PHE A 292 -10.35 36.81 14.41
N LEU A 293 -10.33 35.60 13.85
CA LEU A 293 -11.42 35.14 13.01
C LEU A 293 -12.69 34.96 13.83
N LEU A 294 -12.55 34.36 15.02
CA LEU A 294 -13.67 34.15 15.90
C LEU A 294 -14.27 35.47 16.38
N LEU A 295 -13.42 36.46 16.62
CA LEU A 295 -13.87 37.77 17.09
C LEU A 295 -14.68 38.48 16.01
N MET A 296 -14.36 38.20 14.75
CA MET A 296 -15.08 38.82 13.64
C MET A 296 -16.38 38.07 13.42
N LYS A 297 -16.38 36.79 13.78
CA LYS A 297 -17.57 35.95 13.66
C LYS A 297 -18.55 36.37 14.75
N HIS A 298 -18.02 36.95 15.83
CA HIS A 298 -18.83 37.38 16.96
C HIS A 298 -18.54 38.84 17.34
N PRO A 299 -19.17 39.79 16.63
CA PRO A 299 -19.01 41.23 16.84
C PRO A 299 -19.37 41.65 18.27
N GLU A 300 -20.37 41.00 18.86
CA GLU A 300 -20.80 41.33 20.21
C GLU A 300 -19.65 41.14 21.19
N VAL A 301 -18.83 40.11 20.95
CA VAL A 301 -17.70 39.82 21.81
C VAL A 301 -16.61 40.88 21.64
N GLU A 302 -16.35 41.27 20.38
CA GLU A 302 -15.36 42.30 20.12
C GLU A 302 -15.79 43.58 20.83
N ALA A 303 -17.08 43.88 20.72
CA ALA A 303 -17.65 45.08 21.35
C ALA A 303 -17.36 45.14 22.85
N LYS A 304 -17.63 44.05 23.56
CA LYS A 304 -17.37 44.00 24.99
C LYS A 304 -15.88 44.08 25.30
N VAL A 305 -15.06 43.53 24.41
CA VAL A 305 -13.62 43.56 24.60
C VAL A 305 -13.15 45.01 24.55
N HIS A 306 -13.64 45.74 23.56
CA HIS A 306 -13.31 47.15 23.40
C HIS A 306 -13.79 47.96 24.60
N GLU A 307 -14.99 47.64 25.09
CA GLU A 307 -15.55 48.33 26.24
C GLU A 307 -14.62 48.19 27.44
N GLU A 308 -14.20 46.96 27.72
CA GLU A 308 -13.32 46.70 28.84
C GLU A 308 -11.93 47.32 28.68
N ILE A 309 -11.38 47.25 27.47
CA ILE A 309 -10.06 47.82 27.22
C ILE A 309 -10.05 49.35 27.39
N ASP A 310 -11.05 50.03 26.82
CA ASP A 310 -11.09 51.48 26.93
C ASP A 310 -11.21 51.94 28.38
N ARG A 311 -11.99 51.20 29.16
CA ARG A 311 -12.19 51.53 30.57
C ARG A 311 -10.97 51.27 31.46
N VAL A 312 -10.40 50.07 31.34
CA VAL A 312 -9.26 49.71 32.16
C VAL A 312 -7.94 50.31 31.70
N ILE A 313 -7.69 50.28 30.40
CA ILE A 313 -6.43 50.76 29.86
C ILE A 313 -6.46 52.14 29.20
N GLY A 314 -7.51 52.43 28.44
CA GLY A 314 -7.59 53.70 27.76
C GLY A 314 -7.03 53.59 26.35
N LYS A 315 -6.90 54.72 25.67
CA LYS A 315 -6.40 54.74 24.31
C LYS A 315 -4.94 55.17 24.20
N ASN A 316 -4.36 55.57 25.33
CA ASN A 316 -2.99 56.05 25.30
C ASN A 316 -1.87 55.07 25.63
N ARG A 317 -1.77 54.66 26.88
CA ARG A 317 -0.70 53.76 27.29
C ARG A 317 -0.75 52.35 26.71
N GLN A 318 0.40 51.70 26.77
CA GLN A 318 0.53 50.34 26.29
C GLN A 318 0.02 49.37 27.33
N PRO A 319 -0.68 48.31 26.89
CA PRO A 319 -1.19 47.32 27.84
C PRO A 319 0.02 46.64 28.47
N LYS A 320 -0.12 46.22 29.73
CA LYS A 320 0.96 45.52 30.42
C LYS A 320 0.36 44.24 30.96
N PHE A 321 1.19 43.25 31.25
CA PHE A 321 0.67 41.98 31.73
C PHE A 321 -0.21 42.07 32.96
N GLU A 322 0.10 42.98 33.88
CA GLU A 322 -0.70 43.11 35.09
C GLU A 322 -2.14 43.55 34.83
N ASP A 323 -2.39 44.13 33.66
CA ASP A 323 -3.74 44.58 33.32
C ASP A 323 -4.74 43.44 33.27
N ARG A 324 -4.24 42.23 33.00
CA ARG A 324 -5.09 41.06 32.90
C ARG A 324 -5.93 40.84 34.17
N ALA A 325 -5.37 41.16 35.33
CA ALA A 325 -6.08 40.99 36.60
C ALA A 325 -7.33 41.88 36.69
N LYS A 326 -7.29 43.02 36.02
CA LYS A 326 -8.43 43.94 36.03
C LYS A 326 -9.31 43.79 34.78
N MET A 327 -9.08 42.71 34.01
CA MET A 327 -9.82 42.48 32.78
C MET A 327 -10.32 41.04 32.68
N PRO A 328 -11.37 40.69 33.42
CA PRO A 328 -11.92 39.34 33.39
C PRO A 328 -12.52 38.93 32.05
N TYR A 329 -13.16 39.86 31.34
CA TYR A 329 -13.76 39.52 30.07
C TYR A 329 -12.69 39.11 29.04
N MET A 330 -11.65 39.92 28.92
CA MET A 330 -10.56 39.61 27.99
C MET A 330 -9.95 38.26 28.37
N GLU A 331 -9.80 38.01 29.66
CA GLU A 331 -9.23 36.74 30.12
C GLU A 331 -10.14 35.58 29.69
N ALA A 332 -11.45 35.78 29.77
CA ALA A 332 -12.40 34.76 29.38
C ALA A 332 -12.33 34.54 27.87
N VAL A 333 -12.20 35.64 27.13
CA VAL A 333 -12.13 35.58 25.68
C VAL A 333 -10.90 34.83 25.19
N ILE A 334 -9.74 35.11 25.77
CA ILE A 334 -8.55 34.41 25.34
C ILE A 334 -8.65 32.93 25.69
N HIS A 335 -9.22 32.60 26.85
CA HIS A 335 -9.38 31.20 27.24
C HIS A 335 -10.31 30.47 26.30
N GLU A 336 -11.42 31.12 25.95
CA GLU A 336 -12.41 30.56 25.03
C GLU A 336 -11.79 30.37 23.64
N ILE A 337 -10.88 31.26 23.27
CA ILE A 337 -10.23 31.14 21.97
C ILE A 337 -9.36 29.88 21.96
N GLN A 338 -8.61 29.68 23.05
CA GLN A 338 -7.75 28.52 23.14
C GLN A 338 -8.56 27.23 23.26
N ARG A 339 -9.70 27.30 23.93
CA ARG A 339 -10.58 26.15 24.10
C ARG A 339 -11.21 25.76 22.77
N PHE A 340 -11.80 26.74 22.10
CA PHE A 340 -12.44 26.51 20.81
C PHE A 340 -11.38 26.20 19.74
N GLY A 341 -10.27 26.92 19.81
CA GLY A 341 -9.19 26.72 18.85
C GLY A 341 -8.63 25.32 18.88
N ASP A 342 -8.44 24.77 20.09
CA ASP A 342 -7.96 23.40 20.25
C ASP A 342 -6.77 23.16 19.30
N VAL A 343 -5.78 24.04 19.36
CA VAL A 343 -4.60 24.02 18.49
C VAL A 343 -3.81 22.71 18.38
N ILE A 344 -3.62 22.03 19.50
CA ILE A 344 -2.91 20.74 19.50
C ILE A 344 -3.96 19.80 20.06
N PRO A 345 -4.93 19.40 19.21
CA PRO A 345 -6.05 18.51 19.55
C PRO A 345 -5.77 17.22 20.28
N MET A 346 -4.64 16.57 19.99
CA MET A 346 -4.30 15.32 20.65
C MET A 346 -2.98 15.43 21.42
N SER A 347 -2.63 16.66 21.80
CA SER A 347 -1.39 16.92 22.53
C SER A 347 -0.22 16.31 21.76
N LEU A 348 0.88 16.10 22.47
CA LEU A 348 2.04 15.42 21.90
C LEU A 348 2.00 14.10 22.67
N ALA A 349 2.11 12.99 21.97
CA ALA A 349 2.04 11.68 22.60
C ALA A 349 2.88 11.47 23.86
N ARG A 350 2.30 10.74 24.81
CA ARG A 350 3.00 10.40 26.04
C ARG A 350 3.25 8.90 25.90
N ARG A 351 3.85 8.30 26.92
CA ARG A 351 4.09 6.86 26.91
C ARG A 351 4.41 6.42 28.34
N VAL A 352 3.87 5.29 28.76
CA VAL A 352 4.12 4.80 30.11
C VAL A 352 5.58 4.41 30.27
N LYS A 353 6.20 4.94 31.32
CA LYS A 353 7.60 4.69 31.62
C LYS A 353 7.85 3.31 32.23
N LYS A 354 6.79 2.65 32.65
CA LYS A 354 6.88 1.32 33.26
C LYS A 354 5.51 0.65 33.27
N ASP A 355 5.47 -0.66 33.52
CA ASP A 355 4.20 -1.37 33.56
C ASP A 355 3.29 -0.58 34.48
N THR A 356 2.09 -0.29 34.01
CA THR A 356 1.15 0.53 34.76
C THR A 356 -0.25 -0.05 34.89
N LYS A 357 -0.88 0.22 36.03
CA LYS A 357 -2.26 -0.21 36.26
C LYS A 357 -3.10 1.05 36.25
N PHE A 358 -3.81 1.28 35.13
CA PHE A 358 -4.65 2.46 35.01
C PHE A 358 -6.09 2.02 35.07
N ARG A 359 -6.82 2.53 36.06
CA ARG A 359 -8.19 2.14 36.25
C ARG A 359 -8.16 0.62 36.35
N ASP A 360 -8.98 -0.06 35.56
CA ASP A 360 -8.99 -1.51 35.61
C ASP A 360 -8.09 -2.20 34.59
N PHE A 361 -7.34 -1.40 33.82
CA PHE A 361 -6.48 -1.96 32.78
C PHE A 361 -5.00 -2.06 33.11
N PHE A 362 -4.28 -2.74 32.22
CA PHE A 362 -2.83 -2.93 32.36
C PHE A 362 -2.13 -2.33 31.14
N LEU A 363 -1.19 -1.43 31.38
CA LEU A 363 -0.44 -0.80 30.31
C LEU A 363 1.02 -1.16 30.44
N PRO A 364 1.50 -2.09 29.60
CA PRO A 364 2.90 -2.50 29.66
C PRO A 364 3.83 -1.34 29.39
N LYS A 365 5.01 -1.41 30.01
CA LYS A 365 6.02 -0.37 29.86
C LYS A 365 6.25 -0.03 28.38
N GLY A 366 6.39 1.27 28.09
CA GLY A 366 6.63 1.69 26.72
C GLY A 366 5.38 1.99 25.90
N THR A 367 4.22 1.62 26.42
CA THR A 367 2.97 1.85 25.71
C THR A 367 2.75 3.33 25.42
N GLU A 368 2.35 3.65 24.19
CA GLU A 368 2.09 5.03 23.80
C GLU A 368 0.71 5.48 24.25
N VAL A 369 0.60 6.76 24.56
CA VAL A 369 -0.66 7.33 25.03
C VAL A 369 -1.05 8.61 24.29
N TYR A 370 -2.31 8.68 23.86
CA TYR A 370 -2.84 9.87 23.19
C TYR A 370 -3.80 10.62 24.11
N PRO A 371 -3.33 11.67 24.79
CA PRO A 371 -4.25 12.40 25.66
C PRO A 371 -5.10 13.29 24.73
N MET A 372 -6.38 12.96 24.56
CA MET A 372 -7.22 13.77 23.67
C MET A 372 -7.62 15.11 24.30
N LEU A 373 -6.70 16.06 24.26
CA LEU A 373 -6.93 17.39 24.81
C LEU A 373 -8.22 18.01 24.29
N GLY A 374 -8.47 17.86 23.00
CA GLY A 374 -9.69 18.42 22.42
C GLY A 374 -10.97 17.90 23.06
N SER A 375 -10.96 16.63 23.48
CA SER A 375 -12.14 16.03 24.10
C SER A 375 -12.35 16.55 25.52
N VAL A 376 -11.28 17.08 26.11
CA VAL A 376 -11.33 17.66 27.45
C VAL A 376 -11.80 19.12 27.33
N LEU A 377 -11.33 19.82 26.30
CA LEU A 377 -11.71 21.21 26.09
C LEU A 377 -13.18 21.33 25.69
N ARG A 378 -13.78 20.22 25.25
CA ARG A 378 -15.20 20.22 24.86
C ARG A 378 -15.99 19.23 25.71
N ASP A 379 -15.42 18.82 26.84
CA ASP A 379 -16.09 17.87 27.73
C ASP A 379 -17.41 18.52 28.17
N PRO A 380 -18.54 17.92 27.76
CA PRO A 380 -19.88 18.45 28.11
C PRO A 380 -20.20 18.52 29.60
N SER A 381 -19.33 17.95 30.43
CA SER A 381 -19.51 17.99 31.87
C SER A 381 -18.88 19.25 32.44
N PHE A 382 -18.08 19.95 31.63
CA PHE A 382 -17.41 21.16 32.09
C PHE A 382 -17.79 22.45 31.39
N PHE A 383 -18.43 22.32 30.24
CA PHE A 383 -18.86 23.48 29.48
C PHE A 383 -20.26 23.20 28.97
N SER A 384 -21.17 24.16 29.18
CA SER A 384 -22.56 24.01 28.77
C SER A 384 -22.78 23.84 27.27
N ASN A 385 -22.05 24.61 26.46
CA ASN A 385 -22.20 24.50 25.02
C ASN A 385 -20.83 24.42 24.35
N PRO A 386 -20.12 23.29 24.55
CA PRO A 386 -18.79 23.03 24.00
C PRO A 386 -18.59 23.29 22.52
N GLN A 387 -19.64 23.13 21.72
CA GLN A 387 -19.52 23.35 20.28
C GLN A 387 -19.61 24.83 19.87
N ASP A 388 -20.01 25.68 20.79
CA ASP A 388 -20.12 27.10 20.47
C ASP A 388 -18.92 27.88 20.99
N PHE A 389 -18.74 29.08 20.44
CA PHE A 389 -17.68 29.97 20.89
C PHE A 389 -18.42 30.93 21.81
N ASN A 390 -18.21 30.78 23.11
CA ASN A 390 -18.87 31.65 24.07
C ASN A 390 -18.00 31.92 25.27
N PRO A 391 -17.58 33.19 25.45
CA PRO A 391 -16.72 33.55 26.59
C PRO A 391 -17.37 33.26 27.94
N GLN A 392 -18.70 33.17 27.98
CA GLN A 392 -19.39 32.89 29.24
C GLN A 392 -18.89 31.59 29.86
N HIS A 393 -18.33 30.71 29.03
CA HIS A 393 -17.77 29.45 29.50
C HIS A 393 -16.72 29.69 30.59
N PHE A 394 -16.14 30.89 30.60
CA PHE A 394 -15.11 31.23 31.58
C PHE A 394 -15.50 32.44 32.44
N LEU A 395 -16.80 32.60 32.67
CA LEU A 395 -17.32 33.72 33.45
C LEU A 395 -18.54 33.30 34.28
N ASN A 396 -18.68 33.86 35.48
CA ASN A 396 -19.86 33.56 36.29
C ASN A 396 -20.87 34.65 36.00
N GLU A 397 -22.04 34.59 36.63
CA GLU A 397 -23.10 35.58 36.41
C GLU A 397 -22.64 37.01 36.69
N LYS A 398 -21.65 37.15 37.58
CA LYS A 398 -21.12 38.46 37.95
C LYS A 398 -20.15 39.00 36.90
N GLY A 399 -19.82 38.19 35.90
CA GLY A 399 -18.89 38.64 34.87
C GLY A 399 -17.46 38.55 35.37
N GLN A 400 -17.22 37.69 36.35
CA GLN A 400 -15.89 37.50 36.90
C GLN A 400 -15.30 36.23 36.26
N PHE A 401 -13.98 36.20 36.11
CA PHE A 401 -13.33 35.05 35.48
C PHE A 401 -13.40 33.77 36.31
N LYS A 402 -13.89 32.70 35.66
CA LYS A 402 -14.01 31.40 36.29
C LYS A 402 -13.12 30.36 35.62
N LYS A 403 -12.20 29.80 36.38
CA LYS A 403 -11.28 28.79 35.86
C LYS A 403 -12.03 27.48 35.67
N SER A 404 -11.42 26.57 34.90
CA SER A 404 -12.01 25.26 34.65
C SER A 404 -10.92 24.21 34.61
N ASP A 405 -11.14 23.11 35.33
CA ASP A 405 -10.18 22.02 35.36
C ASP A 405 -10.05 21.38 33.98
N ALA A 406 -11.02 21.67 33.10
CA ALA A 406 -11.02 21.14 31.75
C ALA A 406 -10.28 22.04 30.76
N PHE A 407 -9.68 23.12 31.25
CA PHE A 407 -8.92 24.02 30.38
C PHE A 407 -7.51 23.45 30.34
N VAL A 408 -7.23 22.62 29.33
CA VAL A 408 -5.91 21.98 29.22
C VAL A 408 -5.25 22.09 27.83
N PRO A 409 -5.25 23.30 27.23
CA PRO A 409 -4.64 23.46 25.89
C PRO A 409 -3.13 23.25 25.90
N PHE A 410 -2.51 23.44 27.07
CA PHE A 410 -1.08 23.27 27.25
C PHE A 410 -0.83 21.91 27.87
N SER A 411 -1.88 21.08 27.92
CA SER A 411 -1.80 19.76 28.52
C SER A 411 -1.48 19.91 30.01
N ILE A 412 -1.25 18.78 30.68
CA ILE A 412 -0.95 18.78 32.10
C ILE A 412 0.01 17.64 32.43
N GLY A 413 0.55 17.64 33.65
CA GLY A 413 1.47 16.59 34.03
C GLY A 413 2.93 16.97 33.99
N LYS A 414 3.80 15.98 34.14
CA LYS A 414 5.25 16.18 34.18
C LYS A 414 5.95 16.61 32.89
N ARG A 415 5.33 16.39 31.73
CA ARG A 415 5.94 16.79 30.48
C ARG A 415 5.07 17.86 29.81
N ASN A 416 4.35 18.62 30.64
CA ASN A 416 3.47 19.69 30.16
C ASN A 416 4.27 20.81 29.52
N CYS A 417 3.58 21.69 28.79
CA CYS A 417 4.24 22.81 28.11
C CYS A 417 4.94 23.77 29.06
N PHE A 418 6.27 23.85 29.03
CA PHE A 418 6.92 24.80 29.92
C PHE A 418 7.02 26.16 29.25
N GLY A 419 6.41 26.28 28.07
CA GLY A 419 6.39 27.55 27.37
C GLY A 419 5.05 28.23 27.67
N GLU A 420 4.25 27.62 28.53
CA GLU A 420 2.94 28.16 28.88
C GLU A 420 2.95 29.59 29.39
N GLY A 421 3.88 29.90 30.29
CA GLY A 421 3.95 31.26 30.83
C GLY A 421 4.19 32.30 29.75
N LEU A 422 5.16 32.04 28.88
CA LEU A 422 5.47 32.97 27.80
C LEU A 422 4.27 33.08 26.87
N ALA A 423 3.74 31.93 26.46
CA ALA A 423 2.59 31.90 25.57
C ALA A 423 1.44 32.76 26.08
N ARG A 424 1.09 32.62 27.36
CA ARG A 424 -0.01 33.39 27.94
C ARG A 424 0.29 34.89 27.98
N MET A 425 1.54 35.25 28.25
CA MET A 425 1.91 36.65 28.30
C MET A 425 1.81 37.23 26.87
N GLU A 426 2.22 36.43 25.88
CA GLU A 426 2.16 36.87 24.49
C GLU A 426 0.71 37.00 24.02
N LEU A 427 -0.11 36.01 24.35
CA LEU A 427 -1.51 36.04 23.95
C LEU A 427 -2.22 37.24 24.52
N PHE A 428 -2.03 37.51 25.81
CA PHE A 428 -2.70 38.65 26.41
C PHE A 428 -2.19 39.97 25.86
N LEU A 429 -0.88 40.13 25.76
CA LEU A 429 -0.33 41.37 25.27
C LEU A 429 -0.58 41.63 23.79
N PHE A 430 -0.50 40.61 22.95
CA PHE A 430 -0.75 40.81 21.53
C PHE A 430 -2.25 41.00 21.25
N PHE A 431 -3.10 40.14 21.80
CA PHE A 431 -4.54 40.30 21.59
C PHE A 431 -5.04 41.66 22.08
N THR A 432 -4.62 42.03 23.29
CA THR A 432 -5.05 43.30 23.89
C THR A 432 -4.52 44.54 23.18
N THR A 433 -3.24 44.53 22.80
CA THR A 433 -2.68 45.70 22.14
C THR A 433 -3.29 45.90 20.75
N VAL A 434 -3.57 44.79 20.07
CA VAL A 434 -4.18 44.87 18.74
C VAL A 434 -5.63 45.40 18.84
N MET A 435 -6.44 44.79 19.71
CA MET A 435 -7.84 45.22 19.88
C MET A 435 -7.95 46.65 20.42
N GLN A 436 -6.96 47.06 21.21
CA GLN A 436 -6.94 48.41 21.74
C GLN A 436 -6.84 49.42 20.59
N ASN A 437 -6.00 49.10 19.61
CA ASN A 437 -5.76 49.97 18.47
C ASN A 437 -6.65 49.82 17.24
N PHE A 438 -7.20 48.63 17.04
CA PHE A 438 -8.01 48.41 15.85
C PHE A 438 -9.37 47.79 16.07
N ARG A 439 -10.23 48.01 15.07
CA ARG A 439 -11.58 47.46 15.01
C ARG A 439 -11.38 46.43 13.89
N LEU A 440 -11.99 45.27 14.01
CA LEU A 440 -11.81 44.24 12.99
C LEU A 440 -12.89 44.30 11.92
N LYS A 441 -12.48 44.25 10.65
CA LYS A 441 -13.39 44.30 9.52
C LYS A 441 -13.21 43.06 8.65
N SER A 442 -14.22 42.21 8.61
CA SER A 442 -14.17 40.97 7.85
C SER A 442 -14.46 41.15 6.36
N SER A 443 -14.05 40.15 5.59
CA SER A 443 -14.25 40.16 4.14
C SER A 443 -15.68 39.77 3.80
N GLN A 444 -16.40 39.23 4.78
CA GLN A 444 -17.78 38.80 4.56
C GLN A 444 -18.64 38.99 5.80
N SER A 445 -19.95 38.89 5.61
CA SER A 445 -20.88 39.06 6.71
C SER A 445 -20.58 38.02 7.77
N PRO A 446 -20.61 38.42 9.06
CA PRO A 446 -20.34 37.50 10.17
C PRO A 446 -20.98 36.13 10.00
N LYS A 447 -22.28 36.12 9.76
CA LYS A 447 -23.03 34.87 9.60
C LYS A 447 -22.46 33.93 8.53
N ASP A 448 -21.68 34.48 7.59
CA ASP A 448 -21.09 33.66 6.54
C ASP A 448 -19.64 33.27 6.79
N ILE A 449 -19.09 33.71 7.92
CA ILE A 449 -17.70 33.39 8.25
C ILE A 449 -17.63 31.94 8.72
N ASP A 450 -16.77 31.16 8.10
CA ASP A 450 -16.62 29.76 8.48
C ASP A 450 -15.49 29.58 9.49
N VAL A 451 -15.85 29.30 10.74
CA VAL A 451 -14.85 29.09 11.78
C VAL A 451 -14.54 27.62 12.01
N SER A 452 -14.98 26.76 11.10
CA SER A 452 -14.69 25.33 11.22
C SER A 452 -13.25 25.19 10.70
N PRO A 453 -12.47 24.25 11.26
CA PRO A 453 -11.09 24.08 10.81
C PRO A 453 -10.86 23.60 9.39
N LYS A 454 -9.76 24.07 8.80
CA LYS A 454 -9.37 23.67 7.45
C LYS A 454 -8.76 22.26 7.49
N HIS A 455 -7.94 22.02 8.52
CA HIS A 455 -7.28 20.73 8.74
C HIS A 455 -7.29 20.41 10.22
N VAL A 456 -7.34 19.12 10.55
CA VAL A 456 -7.29 18.70 11.95
C VAL A 456 -6.55 17.37 12.01
N GLY A 457 -5.40 17.38 12.66
CA GLY A 457 -4.59 16.18 12.80
C GLY A 457 -3.70 16.45 13.99
N PHE A 458 -2.41 16.65 13.75
CA PHE A 458 -1.50 16.97 14.85
C PHE A 458 -1.93 18.32 15.44
N ALA A 459 -2.36 19.23 14.57
CA ALA A 459 -2.82 20.54 15.00
C ALA A 459 -4.18 20.84 14.37
N THR A 460 -4.82 21.92 14.84
CA THR A 460 -6.09 22.36 14.29
C THR A 460 -5.74 23.62 13.53
N ILE A 461 -5.96 23.60 12.22
CA ILE A 461 -5.61 24.71 11.35
C ILE A 461 -6.85 25.47 10.88
N PRO A 462 -6.91 26.78 11.16
CA PRO A 462 -8.07 27.57 10.73
C PRO A 462 -8.05 27.78 9.21
N ARG A 463 -9.22 28.06 8.63
CA ARG A 463 -9.30 28.29 7.19
C ARG A 463 -8.61 29.61 6.85
N ASN A 464 -8.06 29.68 5.63
CA ASN A 464 -7.38 30.87 5.15
C ASN A 464 -8.38 32.01 5.00
N TYR A 465 -7.97 33.22 5.34
CA TYR A 465 -8.86 34.37 5.24
C TYR A 465 -8.08 35.68 5.24
N THR A 466 -8.73 36.74 4.78
CA THR A 466 -8.14 38.06 4.76
C THR A 466 -9.04 38.94 5.59
N MET A 467 -8.50 40.07 6.04
CA MET A 467 -9.27 40.98 6.88
C MET A 467 -8.57 42.32 6.86
N SER A 468 -9.24 43.33 7.39
CA SER A 468 -8.63 44.64 7.44
C SER A 468 -8.66 45.12 8.89
N PHE A 469 -7.60 45.84 9.27
CA PHE A 469 -7.48 46.38 10.62
C PHE A 469 -7.73 47.89 10.53
N LEU A 470 -8.88 48.32 11.05
CA LEU A 470 -9.25 49.72 11.01
C LEU A 470 -8.90 50.41 12.31
N PRO A 471 -8.11 51.48 12.25
CA PRO A 471 -7.75 52.18 13.48
C PRO A 471 -9.02 52.65 14.21
N ARG A 472 -8.91 52.78 15.53
CA ARG A 472 -10.03 53.21 16.35
C ARG A 472 -9.84 54.66 16.80
N LYS B 10 6.39 -4.24 -28.64
CA LYS B 10 6.73 -3.13 -29.58
C LYS B 10 6.03 -1.84 -29.18
N LEU B 11 5.88 -1.64 -27.87
CA LEU B 11 5.25 -0.44 -27.34
C LEU B 11 6.32 0.62 -27.07
N PRO B 12 5.93 1.89 -26.94
CA PRO B 12 6.89 2.96 -26.68
C PRO B 12 7.77 2.66 -25.48
N PRO B 13 9.06 2.99 -25.57
CA PRO B 13 9.96 2.73 -24.44
C PRO B 13 9.52 3.47 -23.18
N GLY B 14 9.87 2.92 -22.02
CA GLY B 14 9.51 3.55 -20.77
C GLY B 14 10.12 2.85 -19.58
N PRO B 15 10.18 3.52 -18.42
CA PRO B 15 10.76 2.89 -17.24
C PRO B 15 10.04 1.58 -16.88
N THR B 16 10.79 0.60 -16.42
CA THR B 16 10.24 -0.70 -16.05
C THR B 16 9.28 -0.58 -14.87
N PRO B 17 8.06 -1.08 -15.03
CA PRO B 17 7.06 -1.02 -13.96
C PRO B 17 7.07 -2.24 -13.06
N LEU B 18 6.59 -2.06 -11.83
CA LEU B 18 6.48 -3.16 -10.90
C LEU B 18 5.02 -3.65 -10.98
N PRO B 19 4.77 -4.89 -10.55
CA PRO B 19 3.38 -5.38 -10.62
C PRO B 19 2.39 -4.52 -9.85
N PHE B 20 1.28 -4.22 -10.51
CA PHE B 20 0.18 -3.41 -9.98
C PHE B 20 0.48 -1.95 -9.71
N ILE B 21 1.55 -1.67 -8.98
CA ILE B 21 1.90 -0.28 -8.69
C ILE B 21 2.51 0.41 -9.93
N GLY B 22 2.81 -0.37 -10.96
CA GLY B 22 3.40 0.21 -12.16
C GLY B 22 4.65 1.04 -11.90
N ASN B 23 4.65 2.29 -12.35
CA ASN B 23 5.80 3.19 -12.16
C ASN B 23 5.59 4.19 -11.02
N TYR B 24 4.74 3.82 -10.06
CA TYR B 24 4.46 4.70 -8.94
C TYR B 24 5.74 5.16 -8.22
N LEU B 25 6.72 4.27 -8.10
CA LEU B 25 7.96 4.58 -7.41
C LEU B 25 8.83 5.59 -8.15
N GLN B 26 8.64 5.71 -9.46
CA GLN B 26 9.41 6.65 -10.27
C GLN B 26 8.59 7.92 -10.59
N LEU B 27 7.55 8.17 -9.80
CA LEU B 27 6.70 9.33 -10.01
C LEU B 27 6.43 10.07 -8.72
N ASN B 28 6.11 11.35 -8.84
CA ASN B 28 5.79 12.17 -7.68
C ASN B 28 4.36 12.67 -7.84
N THR B 29 3.46 12.17 -7.01
CA THR B 29 2.04 12.54 -7.08
C THR B 29 1.77 14.04 -6.97
N GLU B 30 2.74 14.79 -6.46
CA GLU B 30 2.54 16.23 -6.29
C GLU B 30 2.97 17.04 -7.52
N GLN B 31 3.57 16.36 -8.50
CA GLN B 31 4.03 17.01 -9.72
C GLN B 31 4.03 16.02 -10.88
N MET B 32 2.88 15.44 -11.18
CA MET B 32 2.76 14.47 -12.25
C MET B 32 3.32 14.96 -13.58
N TYR B 33 2.97 16.19 -13.94
CA TYR B 33 3.45 16.75 -15.19
C TYR B 33 4.98 16.75 -15.26
N ASN B 34 5.61 17.28 -14.21
CA ASN B 34 7.06 17.35 -14.18
C ASN B 34 7.70 15.98 -14.09
N SER B 35 7.09 15.07 -13.34
CA SER B 35 7.64 13.73 -13.22
C SER B 35 7.62 13.08 -14.60
N LEU B 36 6.51 13.25 -15.31
CA LEU B 36 6.38 12.69 -16.65
C LEU B 36 7.34 13.34 -17.64
N MET B 37 7.49 14.65 -17.55
CA MET B 37 8.41 15.36 -18.44
C MET B 37 9.84 14.96 -18.09
N LYS B 38 10.08 14.73 -16.79
CA LYS B 38 11.38 14.32 -16.30
C LYS B 38 11.83 13.04 -17.01
N ILE B 39 11.03 12.00 -16.92
CA ILE B 39 11.37 10.73 -17.54
C ILE B 39 11.32 10.84 -19.06
N SER B 40 10.66 11.88 -19.57
CA SER B 40 10.57 12.09 -21.01
C SER B 40 11.95 12.45 -21.55
N GLU B 41 12.74 13.12 -20.72
CA GLU B 41 14.08 13.54 -21.10
C GLU B 41 15.03 12.34 -20.95
N ARG B 42 14.49 11.14 -21.12
CA ARG B 42 15.28 9.94 -20.98
C ARG B 42 14.84 8.87 -21.97
N TYR B 43 13.54 8.85 -22.28
CA TYR B 43 13.01 7.86 -23.21
C TYR B 43 12.48 8.45 -24.51
N GLY B 44 12.27 9.77 -24.54
CA GLY B 44 11.77 10.40 -25.75
C GLY B 44 10.41 11.06 -25.59
N PRO B 45 9.92 11.75 -26.64
CA PRO B 45 8.63 12.45 -26.63
C PRO B 45 7.42 11.51 -26.59
N VAL B 46 7.64 10.25 -26.96
CA VAL B 46 6.57 9.25 -26.96
C VAL B 46 7.03 8.05 -26.14
N PHE B 47 6.55 7.97 -24.90
CA PHE B 47 6.96 6.87 -24.03
C PHE B 47 5.79 6.25 -23.26
N THR B 48 6.01 5.03 -22.76
CA THR B 48 5.00 4.29 -22.02
C THR B 48 5.20 4.45 -20.52
N ILE B 49 4.12 4.69 -19.79
CA ILE B 49 4.19 4.84 -18.34
C ILE B 49 3.05 4.03 -17.73
N HIS B 50 3.25 3.56 -16.50
CA HIS B 50 2.22 2.78 -15.83
C HIS B 50 1.75 3.51 -14.58
N LEU B 51 0.58 4.13 -14.68
CA LEU B 51 -0.02 4.86 -13.56
C LEU B 51 -0.74 3.76 -12.81
N GLY B 52 -0.02 3.12 -11.90
CA GLY B 52 -0.61 1.99 -11.19
C GLY B 52 -0.72 0.95 -12.30
N PRO B 53 -1.85 0.25 -12.40
CA PRO B 53 -2.03 -0.77 -13.45
C PRO B 53 -2.41 -0.20 -14.83
N ARG B 54 -2.71 1.09 -14.91
CA ARG B 54 -3.08 1.72 -16.18
C ARG B 54 -1.87 1.95 -17.07
N ARG B 55 -1.82 1.24 -18.20
CA ARG B 55 -0.72 1.40 -19.14
C ARG B 55 -1.08 2.61 -20.00
N VAL B 56 -0.25 3.64 -19.95
CA VAL B 56 -0.50 4.86 -20.68
C VAL B 56 0.63 5.31 -21.60
N VAL B 57 0.26 5.75 -22.80
CA VAL B 57 1.24 6.27 -23.75
C VAL B 57 1.20 7.79 -23.62
N VAL B 58 2.33 8.37 -23.25
CA VAL B 58 2.44 9.81 -23.05
C VAL B 58 2.99 10.48 -24.31
N LEU B 59 2.30 11.53 -24.76
CA LEU B 59 2.72 12.27 -25.95
C LEU B 59 3.21 13.65 -25.54
N CYS B 60 4.49 13.92 -25.81
CA CYS B 60 5.09 15.20 -25.46
C CYS B 60 5.49 16.00 -26.68
N GLY B 61 5.24 17.30 -26.64
CA GLY B 61 5.59 18.16 -27.76
C GLY B 61 4.51 18.22 -28.82
N HIS B 62 4.49 19.31 -29.57
CA HIS B 62 3.51 19.49 -30.62
C HIS B 62 3.47 18.39 -31.68
N ASP B 63 4.64 18.02 -32.20
CA ASP B 63 4.71 16.99 -33.24
C ASP B 63 4.07 15.65 -32.86
N ALA B 64 4.40 15.15 -31.68
CA ALA B 64 3.82 13.89 -31.23
C ALA B 64 2.31 14.04 -31.06
N VAL B 65 1.90 15.06 -30.31
CA VAL B 65 0.48 15.29 -30.06
C VAL B 65 -0.37 15.44 -31.32
N ARG B 66 0.06 16.31 -32.23
CA ARG B 66 -0.70 16.52 -33.46
C ARG B 66 -0.75 15.27 -34.35
N GLU B 67 0.38 14.60 -34.48
CA GLU B 67 0.43 13.38 -35.29
C GLU B 67 -0.60 12.36 -34.83
N ALA B 68 -0.77 12.24 -33.51
CA ALA B 68 -1.71 11.28 -32.95
C ALA B 68 -3.17 11.74 -32.96
N LEU B 69 -3.45 12.82 -32.23
CA LEU B 69 -4.82 13.31 -32.15
C LEU B 69 -5.42 13.81 -33.47
N VAL B 70 -4.58 14.28 -34.38
CA VAL B 70 -5.07 14.77 -35.67
C VAL B 70 -4.79 13.83 -36.84
N ASP B 71 -3.52 13.66 -37.20
CA ASP B 71 -3.16 12.81 -38.34
C ASP B 71 -3.78 11.41 -38.25
N GLN B 72 -3.92 10.89 -37.03
CA GLN B 72 -4.52 9.59 -36.83
C GLN B 72 -5.72 9.76 -35.90
N ALA B 73 -6.38 10.91 -36.04
CA ALA B 73 -7.53 11.30 -35.23
C ALA B 73 -8.53 10.19 -34.90
N GLU B 74 -8.87 9.38 -35.90
CA GLU B 74 -9.83 8.30 -35.70
C GLU B 74 -9.33 7.26 -34.70
N GLU B 75 -8.08 6.81 -34.88
CA GLU B 75 -7.51 5.81 -34.01
C GLU B 75 -7.29 6.31 -32.58
N PHE B 76 -7.02 7.61 -32.43
CA PHE B 76 -6.81 8.19 -31.11
C PHE B 76 -8.04 8.90 -30.57
N SER B 77 -9.19 8.67 -31.20
CA SER B 77 -10.44 9.31 -30.81
C SER B 77 -11.17 8.68 -29.62
N GLY B 78 -10.55 7.70 -28.98
CA GLY B 78 -11.19 7.08 -27.83
C GLY B 78 -11.02 7.92 -26.59
N ARG B 79 -11.90 7.73 -25.62
CA ARG B 79 -11.88 8.46 -24.37
C ARG B 79 -11.28 7.61 -23.25
N GLY B 80 -10.22 8.11 -22.62
CA GLY B 80 -9.59 7.39 -21.53
C GLY B 80 -10.33 7.66 -20.24
N GLU B 81 -9.73 7.30 -19.11
CA GLU B 81 -10.38 7.50 -17.82
C GLU B 81 -9.83 8.61 -16.94
N GLN B 82 -10.65 9.00 -15.97
CA GLN B 82 -10.30 9.99 -14.98
C GLN B 82 -11.00 9.37 -13.78
N ALA B 83 -10.20 8.66 -12.98
CA ALA B 83 -10.70 7.93 -11.81
C ALA B 83 -11.62 8.67 -10.86
N THR B 84 -11.22 9.87 -10.41
CA THR B 84 -12.06 10.61 -9.48
C THR B 84 -13.46 10.87 -10.03
N PHE B 85 -13.52 11.34 -11.27
CA PHE B 85 -14.79 11.64 -11.91
C PHE B 85 -15.54 10.37 -12.28
N ASP B 86 -14.81 9.36 -12.76
CA ASP B 86 -15.45 8.12 -13.15
C ASP B 86 -16.24 7.51 -11.98
N TRP B 87 -15.91 7.93 -10.75
CA TRP B 87 -16.59 7.44 -9.57
C TRP B 87 -18.09 7.73 -9.63
N VAL B 88 -18.45 8.94 -10.07
CA VAL B 88 -19.86 9.30 -10.17
C VAL B 88 -20.43 9.14 -11.59
N PHE B 89 -19.63 9.41 -12.62
CA PHE B 89 -20.10 9.30 -14.00
C PHE B 89 -20.22 7.88 -14.54
N LYS B 90 -19.34 7.01 -14.06
CA LYS B 90 -19.33 5.61 -14.46
C LYS B 90 -19.56 5.38 -15.96
N GLY B 91 -18.87 6.14 -16.79
CA GLY B 91 -18.99 5.96 -18.22
C GLY B 91 -20.17 6.62 -18.92
N TYR B 92 -21.04 7.29 -18.15
CA TYR B 92 -22.21 7.97 -18.72
C TYR B 92 -21.90 9.44 -18.99
N GLY B 93 -22.78 10.12 -19.71
CA GLY B 93 -22.56 11.52 -20.03
C GLY B 93 -21.76 11.62 -21.32
N VAL B 94 -21.67 12.83 -21.86
CA VAL B 94 -20.95 13.07 -23.12
C VAL B 94 -19.43 13.13 -23.02
N VAL B 95 -18.91 13.56 -21.88
CA VAL B 95 -17.46 13.68 -21.71
C VAL B 95 -16.73 12.36 -21.53
N PHE B 96 -17.09 11.62 -20.48
CA PHE B 96 -16.41 10.37 -20.18
C PHE B 96 -17.03 9.12 -20.76
N SER B 97 -17.50 9.19 -21.99
CA SER B 97 -18.12 8.04 -22.64
C SER B 97 -17.40 7.71 -23.95
N ASN B 98 -17.74 6.55 -24.50
CA ASN B 98 -17.15 6.10 -25.75
C ASN B 98 -18.19 5.54 -26.72
N GLY B 99 -17.71 5.17 -27.91
CA GLY B 99 -18.57 4.61 -28.93
C GLY B 99 -19.81 5.40 -29.29
N GLU B 100 -20.91 4.68 -29.47
CA GLU B 100 -22.20 5.26 -29.82
C GLU B 100 -22.76 6.22 -28.79
N ARG B 101 -22.51 5.94 -27.51
CA ARG B 101 -23.02 6.81 -26.46
C ARG B 101 -22.38 8.19 -26.58
N ALA B 102 -21.07 8.22 -26.76
CA ALA B 102 -20.36 9.48 -26.90
C ALA B 102 -20.75 10.16 -28.21
N LYS B 103 -20.81 9.38 -29.28
CA LYS B 103 -21.16 9.89 -30.60
C LYS B 103 -22.56 10.50 -30.61
N GLN B 104 -23.48 9.85 -29.92
CA GLN B 104 -24.88 10.29 -29.84
C GLN B 104 -25.02 11.55 -28.99
N LEU B 105 -24.52 11.49 -27.75
CA LEU B 105 -24.62 12.61 -26.82
C LEU B 105 -23.86 13.85 -27.29
N ARG B 106 -22.71 13.65 -27.91
CA ARG B 106 -21.92 14.77 -28.41
C ARG B 106 -22.65 15.47 -29.56
N ARG B 107 -23.26 14.68 -30.44
CA ARG B 107 -23.97 15.25 -31.56
C ARG B 107 -25.14 16.09 -31.06
N PHE B 108 -25.93 15.52 -30.15
CA PHE B 108 -27.08 16.19 -29.58
C PHE B 108 -26.68 17.45 -28.83
N SER B 109 -25.67 17.34 -27.97
CA SER B 109 -25.19 18.46 -27.17
C SER B 109 -24.73 19.64 -28.01
N ILE B 110 -23.97 19.37 -29.07
CA ILE B 110 -23.47 20.43 -29.92
C ILE B 110 -24.61 21.15 -30.66
N ALA B 111 -25.63 20.38 -31.04
CA ALA B 111 -26.76 20.95 -31.75
C ALA B 111 -27.67 21.71 -30.78
N THR B 112 -27.94 21.11 -29.63
CA THR B 112 -28.81 21.74 -28.63
C THR B 112 -28.18 23.00 -28.07
N LEU B 113 -26.85 23.05 -28.06
CA LEU B 113 -26.14 24.22 -27.57
C LEU B 113 -26.38 25.39 -28.53
N ARG B 114 -26.28 25.12 -29.83
CA ARG B 114 -26.48 26.17 -30.84
C ARG B 114 -27.92 26.68 -30.84
N ASP B 115 -28.89 25.76 -30.83
CA ASP B 115 -30.28 26.15 -30.83
C ASP B 115 -30.58 27.10 -29.68
N PHE B 116 -29.80 26.99 -28.62
CA PHE B 116 -30.00 27.85 -27.46
C PHE B 116 -29.11 29.09 -27.44
N GLY B 117 -28.62 29.49 -28.61
CA GLY B 117 -27.81 30.68 -28.70
C GLY B 117 -26.30 30.60 -28.87
N VAL B 118 -25.70 29.47 -28.52
CA VAL B 118 -24.25 29.34 -28.66
C VAL B 118 -23.79 29.64 -30.08
N GLY B 119 -22.80 30.54 -30.20
CA GLY B 119 -22.28 30.92 -31.49
C GLY B 119 -23.15 32.00 -32.14
N LYS B 120 -24.30 32.26 -31.54
CA LYS B 120 -25.23 33.26 -32.05
C LYS B 120 -25.29 34.47 -31.13
N ARG B 121 -25.94 35.54 -31.60
CA ARG B 121 -26.08 36.76 -30.82
C ARG B 121 -26.90 36.47 -29.55
N GLY B 122 -27.73 35.44 -29.62
CA GLY B 122 -28.55 35.06 -28.48
C GLY B 122 -27.75 34.85 -27.21
N ILE B 123 -26.70 34.03 -27.29
CA ILE B 123 -25.88 33.76 -26.12
C ILE B 123 -24.90 34.90 -25.88
N GLU B 124 -24.57 35.63 -26.94
CA GLU B 124 -23.65 36.76 -26.82
C GLU B 124 -24.27 37.80 -25.89
N GLU B 125 -25.57 38.03 -26.06
CA GLU B 125 -26.28 38.99 -25.23
C GLU B 125 -26.33 38.52 -23.79
N ARG B 126 -26.49 37.21 -23.60
CA ARG B 126 -26.55 36.66 -22.26
C ARG B 126 -25.20 36.83 -21.58
N ILE B 127 -24.12 36.75 -22.35
CA ILE B 127 -22.79 36.92 -21.80
C ILE B 127 -22.55 38.40 -21.51
N GLN B 128 -23.04 39.27 -22.38
CA GLN B 128 -22.87 40.71 -22.18
C GLN B 128 -23.57 41.16 -20.91
N GLU B 129 -24.82 40.73 -20.75
CA GLU B 129 -25.58 41.11 -19.56
C GLU B 129 -24.91 40.60 -18.29
N GLU B 130 -24.43 39.36 -18.33
CA GLU B 130 -23.78 38.79 -17.16
C GLU B 130 -22.46 39.52 -16.88
N ALA B 131 -21.84 40.04 -17.93
CA ALA B 131 -20.59 40.79 -17.79
C ALA B 131 -20.90 42.11 -17.06
N GLY B 132 -22.08 42.66 -17.32
CA GLY B 132 -22.49 43.90 -16.68
C GLY B 132 -22.67 43.70 -15.18
N PHE B 133 -23.28 42.58 -14.81
CA PHE B 133 -23.49 42.26 -13.40
C PHE B 133 -22.15 42.10 -12.70
N LEU B 134 -21.17 41.52 -13.39
CA LEU B 134 -19.84 41.37 -12.80
C LEU B 134 -19.26 42.76 -12.55
N ILE B 135 -19.43 43.67 -13.52
CA ILE B 135 -18.94 45.04 -13.39
C ILE B 135 -19.59 45.69 -12.17
N ASP B 136 -20.90 45.56 -12.04
CA ASP B 136 -21.59 46.13 -10.89
C ASP B 136 -20.95 45.60 -9.62
N ALA B 137 -20.86 44.27 -9.53
CA ALA B 137 -20.27 43.60 -8.37
C ALA B 137 -18.86 44.11 -8.06
N LEU B 138 -18.02 44.25 -9.08
CA LEU B 138 -16.66 44.74 -8.87
C LEU B 138 -16.70 46.21 -8.44
N ARG B 139 -17.66 46.97 -8.96
CA ARG B 139 -17.79 48.37 -8.59
C ARG B 139 -18.22 48.46 -7.14
N GLY B 140 -19.06 47.51 -6.73
CA GLY B 140 -19.55 47.48 -5.37
C GLY B 140 -18.48 47.27 -4.31
N THR B 141 -17.31 46.80 -4.71
CA THR B 141 -16.24 46.57 -3.74
C THR B 141 -15.54 47.87 -3.33
N GLY B 142 -15.94 48.97 -3.95
CA GLY B 142 -15.35 50.25 -3.62
C GLY B 142 -13.82 50.25 -3.71
N GLY B 143 -13.29 49.48 -4.65
CA GLY B 143 -11.85 49.43 -4.83
C GLY B 143 -11.08 48.68 -3.77
N ALA B 144 -11.79 48.06 -2.83
CA ALA B 144 -11.14 47.29 -1.76
C ALA B 144 -10.42 46.06 -2.31
N ASN B 145 -9.55 45.46 -1.49
CA ASN B 145 -8.83 44.26 -1.89
C ASN B 145 -9.79 43.10 -1.76
N ILE B 146 -9.88 42.28 -2.80
CA ILE B 146 -10.78 41.13 -2.74
C ILE B 146 -10.22 39.92 -3.45
N ASP B 147 -10.75 38.77 -3.09
CA ASP B 147 -10.37 37.51 -3.69
C ASP B 147 -11.37 37.41 -4.83
N PRO B 148 -10.92 37.61 -6.08
CA PRO B 148 -11.77 37.55 -7.27
C PRO B 148 -12.42 36.21 -7.58
N THR B 149 -11.94 35.13 -6.96
CA THR B 149 -12.46 33.80 -7.21
C THR B 149 -13.99 33.68 -7.31
N PHE B 150 -14.68 33.93 -6.20
CA PHE B 150 -16.15 33.84 -6.17
C PHE B 150 -16.84 34.69 -7.21
N PHE B 151 -16.37 35.92 -7.39
CA PHE B 151 -16.99 36.82 -8.36
C PHE B 151 -16.93 36.22 -9.75
N LEU B 152 -15.73 35.83 -10.17
CA LEU B 152 -15.50 35.25 -11.49
C LEU B 152 -16.27 33.94 -11.71
N SER B 153 -16.11 32.98 -10.82
CA SER B 153 -16.79 31.70 -10.97
C SER B 153 -18.31 31.88 -11.03
N ARG B 154 -18.82 32.80 -10.20
CA ARG B 154 -20.24 33.08 -10.14
C ARG B 154 -20.74 33.60 -11.50
N THR B 155 -19.96 34.50 -12.11
CA THR B 155 -20.31 35.07 -13.39
C THR B 155 -20.23 34.04 -14.52
N VAL B 156 -19.14 33.29 -14.55
CA VAL B 156 -18.94 32.28 -15.59
C VAL B 156 -20.03 31.21 -15.53
N SER B 157 -20.29 30.71 -14.33
CA SER B 157 -21.30 29.66 -14.14
C SER B 157 -22.70 30.07 -14.59
N ASN B 158 -23.04 31.34 -14.46
CA ASN B 158 -24.37 31.80 -14.86
C ASN B 158 -24.62 31.67 -16.36
N VAL B 159 -23.57 31.71 -17.16
CA VAL B 159 -23.74 31.58 -18.60
C VAL B 159 -24.24 30.18 -18.93
N ILE B 160 -23.46 29.17 -18.53
CA ILE B 160 -23.84 27.80 -18.79
C ILE B 160 -25.12 27.45 -18.03
N SER B 161 -25.29 28.03 -16.85
CA SER B 161 -26.50 27.77 -16.07
C SER B 161 -27.72 28.22 -16.88
N SER B 162 -27.60 29.38 -17.53
CA SER B 162 -28.69 29.91 -18.35
C SER B 162 -29.12 28.89 -19.41
N ILE B 163 -28.14 28.36 -20.13
CA ILE B 163 -28.39 27.38 -21.18
C ILE B 163 -29.01 26.08 -20.70
N VAL B 164 -28.43 25.49 -19.66
CA VAL B 164 -28.92 24.21 -19.14
C VAL B 164 -30.13 24.29 -18.21
N PHE B 165 -30.17 25.30 -17.34
CA PHE B 165 -31.27 25.45 -16.41
C PHE B 165 -32.33 26.46 -16.85
N GLY B 166 -32.04 27.19 -17.91
CA GLY B 166 -32.98 28.18 -18.41
C GLY B 166 -32.61 29.59 -18.01
N ASP B 167 -32.55 29.85 -16.71
CA ASP B 167 -32.20 31.16 -16.21
C ASP B 167 -30.92 31.14 -15.38
N ARG B 168 -30.42 32.34 -15.07
CA ARG B 168 -29.21 32.49 -14.28
C ARG B 168 -29.48 32.29 -12.81
N PHE B 169 -28.45 32.51 -12.00
CA PHE B 169 -28.54 32.38 -10.55
C PHE B 169 -28.35 33.74 -9.92
N ASP B 170 -29.11 34.00 -8.85
CA ASP B 170 -28.98 35.26 -8.15
C ASP B 170 -27.70 35.14 -7.34
N TYR B 171 -26.87 36.18 -7.37
CA TYR B 171 -25.61 36.17 -6.64
C TYR B 171 -25.84 35.89 -5.15
N LYS B 172 -27.07 36.10 -4.71
CA LYS B 172 -27.44 35.89 -3.30
C LYS B 172 -27.76 34.43 -2.98
N ASP B 173 -28.29 33.70 -3.96
CA ASP B 173 -28.65 32.30 -3.76
C ASP B 173 -27.51 31.52 -3.11
N LYS B 174 -27.61 31.34 -1.79
CA LYS B 174 -26.58 30.64 -1.03
C LYS B 174 -26.29 29.23 -1.53
N GLU B 175 -27.27 28.60 -2.16
CA GLU B 175 -27.06 27.25 -2.69
C GLU B 175 -26.12 27.32 -3.89
N PHE B 176 -26.30 28.36 -4.70
CA PHE B 176 -25.47 28.58 -5.87
C PHE B 176 -24.02 28.64 -5.42
N LEU B 177 -23.78 29.16 -4.23
CA LEU B 177 -22.44 29.26 -3.68
C LEU B 177 -21.85 27.91 -3.27
N SER B 178 -22.63 27.14 -2.52
CA SER B 178 -22.17 25.82 -2.07
C SER B 178 -21.78 25.00 -3.30
N LEU B 179 -22.57 25.11 -4.36
CA LEU B 179 -22.29 24.39 -5.59
C LEU B 179 -20.93 24.81 -6.09
N LEU B 180 -20.69 26.12 -6.07
CA LEU B 180 -19.42 26.67 -6.51
C LEU B 180 -18.26 26.17 -5.67
N ARG B 181 -18.51 25.87 -4.39
CA ARG B 181 -17.45 25.36 -3.52
C ARG B 181 -17.14 23.91 -3.93
N MET B 182 -18.20 23.16 -4.18
CA MET B 182 -18.05 21.77 -4.61
C MET B 182 -17.18 21.68 -5.85
N MET B 183 -17.51 22.48 -6.86
CA MET B 183 -16.73 22.46 -8.10
C MET B 183 -15.29 22.87 -7.83
N LEU B 184 -15.09 23.86 -6.97
CA LEU B 184 -13.75 24.35 -6.65
C LEU B 184 -12.95 23.25 -5.95
N GLY B 185 -13.54 22.67 -4.90
CA GLY B 185 -12.85 21.63 -4.17
C GLY B 185 -12.46 20.44 -5.02
N ILE B 186 -13.38 20.01 -5.89
CA ILE B 186 -13.13 18.87 -6.76
C ILE B 186 -12.01 19.13 -7.73
N PHE B 187 -11.93 20.35 -8.25
CA PHE B 187 -10.88 20.69 -9.20
C PHE B 187 -9.53 20.66 -8.49
N GLN B 188 -9.51 21.04 -7.22
CA GLN B 188 -8.28 21.04 -6.46
C GLN B 188 -7.85 19.60 -6.17
N PHE B 189 -8.76 18.83 -5.58
CA PHE B 189 -8.49 17.43 -5.24
C PHE B 189 -7.78 16.70 -6.38
N THR B 190 -8.39 16.73 -7.56
CA THR B 190 -7.84 16.05 -8.73
C THR B 190 -6.51 16.61 -9.21
N SER B 191 -6.06 17.68 -8.58
CA SER B 191 -4.78 18.30 -8.96
C SER B 191 -3.76 18.24 -7.83
N THR B 192 -4.14 17.58 -6.73
CA THR B 192 -3.25 17.43 -5.57
C THR B 192 -2.63 16.04 -5.58
N SER B 193 -1.85 15.72 -4.55
CA SER B 193 -1.19 14.43 -4.48
C SER B 193 -2.14 13.27 -4.23
N THR B 194 -3.06 13.42 -3.27
CA THR B 194 -4.01 12.36 -2.98
C THR B 194 -4.90 12.15 -4.21
N GLY B 195 -5.19 13.24 -4.91
CA GLY B 195 -6.01 13.16 -6.10
C GLY B 195 -5.30 12.39 -7.21
N GLN B 196 -4.01 12.66 -7.39
CA GLN B 196 -3.25 11.98 -8.42
C GLN B 196 -2.90 10.55 -8.02
N LEU B 197 -2.80 10.30 -6.72
CA LEU B 197 -2.53 8.93 -6.26
C LEU B 197 -3.78 8.11 -6.59
N TYR B 198 -4.94 8.74 -6.42
CA TYR B 198 -6.21 8.06 -6.69
C TYR B 198 -6.27 7.60 -8.14
N GLU B 199 -5.71 8.38 -9.06
CA GLU B 199 -5.72 8.01 -10.47
C GLU B 199 -5.04 6.67 -10.70
N MET B 200 -4.07 6.34 -9.86
CA MET B 200 -3.34 5.08 -9.98
C MET B 200 -3.94 3.95 -9.16
N PHE B 201 -4.42 4.25 -7.96
CA PHE B 201 -4.94 3.21 -7.09
C PHE B 201 -6.41 3.24 -6.69
N SER B 202 -7.25 3.76 -7.57
CA SER B 202 -8.69 3.84 -7.31
C SER B 202 -9.36 2.49 -7.02
N SER B 203 -8.89 1.43 -7.67
CA SER B 203 -9.45 0.08 -7.47
C SER B 203 -9.49 -0.28 -6.00
N VAL B 204 -8.54 0.26 -5.23
CA VAL B 204 -8.49 0.01 -3.79
C VAL B 204 -9.00 1.22 -3.01
N MET B 205 -8.49 2.40 -3.36
CA MET B 205 -8.86 3.63 -2.67
C MET B 205 -10.34 4.00 -2.65
N LYS B 206 -11.09 3.62 -3.68
CA LYS B 206 -12.51 3.98 -3.70
C LYS B 206 -13.25 3.30 -2.54
N HIS B 207 -12.69 2.21 -2.02
CA HIS B 207 -13.33 1.49 -0.93
C HIS B 207 -12.73 1.83 0.43
N LEU B 208 -11.80 2.79 0.46
CA LEU B 208 -11.16 3.16 1.72
C LEU B 208 -11.54 4.52 2.26
N PRO B 209 -11.57 4.67 3.59
CA PRO B 209 -11.92 5.95 4.21
C PRO B 209 -10.79 6.92 3.83
N GLY B 210 -11.08 8.21 3.83
CA GLY B 210 -10.05 9.17 3.47
C GLY B 210 -10.60 10.32 2.66
N PRO B 211 -9.73 11.23 2.20
CA PRO B 211 -10.10 12.40 1.40
C PRO B 211 -10.95 12.07 0.18
N GLN B 212 -10.63 10.96 -0.50
CA GLN B 212 -11.39 10.56 -1.68
C GLN B 212 -12.88 10.61 -1.40
N GLN B 213 -13.26 10.05 -0.25
CA GLN B 213 -14.66 9.99 0.15
C GLN B 213 -15.32 11.36 0.18
N GLN B 214 -14.57 12.37 0.61
CA GLN B 214 -15.09 13.73 0.67
C GLN B 214 -15.20 14.25 -0.77
N ALA B 215 -14.23 13.89 -1.59
CA ALA B 215 -14.25 14.29 -2.99
C ALA B 215 -15.49 13.68 -3.65
N PHE B 216 -15.79 12.43 -3.31
CA PHE B 216 -16.94 11.74 -3.88
C PHE B 216 -18.24 12.43 -3.44
N GLN B 217 -18.26 12.89 -2.19
CA GLN B 217 -19.45 13.56 -1.67
C GLN B 217 -19.68 14.89 -2.40
N LEU B 218 -18.61 15.58 -2.79
CA LEU B 218 -18.76 16.84 -3.51
C LEU B 218 -19.38 16.59 -4.87
N LEU B 219 -18.97 15.50 -5.53
CA LEU B 219 -19.52 15.16 -6.84
C LEU B 219 -20.96 14.71 -6.70
N GLN B 220 -21.24 14.02 -5.60
CA GLN B 220 -22.57 13.51 -5.33
C GLN B 220 -23.53 14.67 -5.08
N GLY B 221 -23.04 15.73 -4.44
CA GLY B 221 -23.88 16.88 -4.19
C GLY B 221 -24.26 17.55 -5.51
N LEU B 222 -23.26 17.75 -6.36
CA LEU B 222 -23.48 18.34 -7.67
C LEU B 222 -24.48 17.50 -8.47
N GLU B 223 -24.34 16.18 -8.38
CA GLU B 223 -25.25 15.30 -9.11
C GLU B 223 -26.69 15.46 -8.60
N ASP B 224 -26.84 15.44 -7.27
CA ASP B 224 -28.16 15.57 -6.67
C ASP B 224 -28.80 16.89 -7.09
N PHE B 225 -28.00 17.95 -7.14
CA PHE B 225 -28.52 19.24 -7.55
C PHE B 225 -29.06 19.19 -8.98
N ILE B 226 -28.26 18.63 -9.89
CA ILE B 226 -28.68 18.53 -11.29
C ILE B 226 -29.97 17.73 -11.40
N ALA B 227 -30.05 16.63 -10.66
CA ALA B 227 -31.22 15.77 -10.65
C ALA B 227 -32.46 16.55 -10.23
N LYS B 228 -32.35 17.32 -9.14
CA LYS B 228 -33.47 18.11 -8.65
C LYS B 228 -34.00 18.99 -9.78
N LYS B 229 -33.09 19.64 -10.48
CA LYS B 229 -33.46 20.51 -11.59
C LYS B 229 -34.14 19.72 -12.71
N VAL B 230 -33.62 18.54 -13.00
CA VAL B 230 -34.20 17.71 -14.05
C VAL B 230 -35.61 17.27 -13.67
N GLU B 231 -35.78 16.80 -12.43
CA GLU B 231 -37.08 16.35 -11.95
C GLU B 231 -38.09 17.49 -12.01
N HIS B 232 -37.62 18.72 -11.82
CA HIS B 232 -38.49 19.88 -11.87
C HIS B 232 -38.92 20.14 -13.31
N ASN B 233 -37.96 20.26 -14.20
CA ASN B 233 -38.25 20.52 -15.61
C ASN B 233 -39.13 19.44 -16.24
N GLN B 234 -39.12 18.23 -15.66
CA GLN B 234 -39.95 17.16 -16.18
C GLN B 234 -41.31 17.19 -15.49
N ARG B 235 -41.33 17.77 -14.30
CA ARG B 235 -42.56 17.88 -13.52
C ARG B 235 -43.37 19.08 -14.02
N THR B 236 -42.89 19.71 -15.10
CA THR B 236 -43.57 20.87 -15.66
C THR B 236 -43.13 21.17 -17.10
N LEU B 237 -42.77 20.13 -17.83
CA LEU B 237 -42.32 20.29 -19.21
C LEU B 237 -43.43 20.51 -20.23
N ASP B 238 -43.08 21.23 -21.29
CA ASP B 238 -44.00 21.50 -22.38
C ASP B 238 -43.33 20.90 -23.63
N PRO B 239 -43.73 19.68 -24.01
CA PRO B 239 -43.21 18.96 -25.16
C PRO B 239 -42.94 19.80 -26.40
N ASN B 240 -43.68 20.89 -26.56
CA ASN B 240 -43.49 21.77 -27.71
C ASN B 240 -42.79 23.07 -27.33
N SER B 241 -42.59 23.29 -26.04
CA SER B 241 -41.93 24.50 -25.57
C SER B 241 -40.72 24.23 -24.67
N PRO B 242 -39.58 23.86 -25.28
CA PRO B 242 -38.34 23.56 -24.55
C PRO B 242 -37.75 24.83 -23.93
N ARG B 243 -37.68 24.87 -22.60
CA ARG B 243 -37.14 26.02 -21.89
C ARG B 243 -35.62 26.05 -21.86
N ASP B 244 -35.00 24.88 -21.73
CA ASP B 244 -33.54 24.79 -21.64
C ASP B 244 -32.98 23.46 -22.17
N PHE B 245 -31.68 23.28 -21.99
CA PHE B 245 -31.00 22.06 -22.43
C PHE B 245 -31.75 20.86 -21.87
N ILE B 246 -32.04 20.88 -20.59
CA ILE B 246 -32.74 19.79 -19.94
C ILE B 246 -34.05 19.41 -20.65
N ASP B 247 -34.81 20.43 -21.09
CA ASP B 247 -36.07 20.21 -21.77
C ASP B 247 -35.89 19.48 -23.10
N SER B 248 -34.99 20.01 -23.94
CA SER B 248 -34.71 19.40 -25.24
C SER B 248 -34.43 17.92 -25.06
N PHE B 249 -33.55 17.61 -24.11
CA PHE B 249 -33.16 16.24 -23.82
C PHE B 249 -34.35 15.39 -23.36
N LEU B 250 -35.12 15.91 -22.40
CA LEU B 250 -36.28 15.22 -21.88
C LEU B 250 -37.27 14.86 -22.98
N ILE B 251 -37.49 15.80 -23.90
CA ILE B 251 -38.41 15.58 -25.01
C ILE B 251 -37.92 14.41 -25.85
N ARG B 252 -36.62 14.41 -26.17
CA ARG B 252 -36.03 13.33 -26.95
C ARG B 252 -36.21 12.04 -26.15
N MET B 253 -36.13 12.15 -24.83
CA MET B 253 -36.30 11.01 -23.95
C MET B 253 -37.71 10.43 -24.08
N GLN B 254 -38.71 11.30 -24.15
CA GLN B 254 -40.10 10.85 -24.29
C GLN B 254 -40.25 10.09 -25.59
N GLU B 255 -39.69 10.65 -26.65
CA GLU B 255 -39.75 10.06 -27.99
C GLU B 255 -39.13 8.67 -28.05
N GLU B 256 -37.95 8.53 -27.43
CA GLU B 256 -37.19 7.28 -27.43
C GLU B 256 -37.53 6.35 -26.27
N GLU B 257 -38.42 6.81 -25.39
CA GLU B 257 -38.81 6.05 -24.20
C GLU B 257 -38.90 4.52 -24.31
N LYS B 258 -39.40 4.03 -25.44
CA LYS B 258 -39.53 2.59 -25.64
C LYS B 258 -38.44 1.99 -26.52
N ASN B 259 -37.45 2.80 -26.89
CA ASN B 259 -36.34 2.33 -27.71
C ASN B 259 -35.30 1.70 -26.79
N PRO B 260 -35.12 0.37 -26.86
CA PRO B 260 -34.15 -0.33 -26.02
C PRO B 260 -32.70 0.10 -26.23
N ASN B 261 -32.38 0.58 -27.43
CA ASN B 261 -31.01 0.98 -27.75
C ASN B 261 -30.81 2.50 -27.73
N THR B 262 -31.68 3.21 -27.02
CA THR B 262 -31.56 4.67 -26.95
C THR B 262 -30.53 5.11 -25.92
N GLU B 263 -29.79 6.16 -26.25
CA GLU B 263 -28.78 6.72 -25.34
C GLU B 263 -29.42 7.86 -24.54
N PHE B 264 -30.65 8.20 -24.91
CA PHE B 264 -31.37 9.28 -24.26
C PHE B 264 -32.25 8.81 -23.12
N TYR B 265 -31.67 8.75 -21.93
CA TYR B 265 -32.39 8.36 -20.74
C TYR B 265 -31.83 9.17 -19.57
N LEU B 266 -32.60 9.24 -18.48
CA LEU B 266 -32.22 10.00 -17.30
C LEU B 266 -30.72 10.07 -16.99
N LYS B 267 -30.11 8.91 -16.73
CA LYS B 267 -28.68 8.85 -16.40
C LYS B 267 -27.81 9.70 -17.32
N ASN B 268 -27.96 9.55 -18.63
CA ASN B 268 -27.16 10.34 -19.56
C ASN B 268 -27.53 11.82 -19.54
N LEU B 269 -28.77 12.12 -19.17
CA LEU B 269 -29.21 13.51 -19.09
C LEU B 269 -28.47 14.21 -17.95
N VAL B 270 -28.59 13.63 -16.77
CA VAL B 270 -27.94 14.17 -15.57
C VAL B 270 -26.43 14.31 -15.73
N MET B 271 -25.77 13.24 -16.17
CA MET B 271 -24.32 13.28 -16.33
C MET B 271 -23.88 14.26 -17.40
N THR B 272 -24.63 14.33 -18.49
CA THR B 272 -24.29 15.25 -19.56
C THR B 272 -24.45 16.69 -19.07
N THR B 273 -25.52 16.95 -18.33
CA THR B 273 -25.77 18.28 -17.81
C THR B 273 -24.70 18.64 -16.77
N LEU B 274 -24.32 17.65 -15.96
CA LEU B 274 -23.29 17.87 -14.94
C LEU B 274 -21.96 18.12 -15.66
N ASN B 275 -21.75 17.42 -16.78
CA ASN B 275 -20.54 17.57 -17.60
C ASN B 275 -20.40 19.04 -18.02
N LEU B 276 -21.47 19.58 -18.60
CA LEU B 276 -21.47 20.96 -19.05
C LEU B 276 -21.39 21.94 -17.89
N PHE B 277 -22.23 21.73 -16.88
CA PHE B 277 -22.25 22.61 -15.73
C PHE B 277 -20.87 22.76 -15.09
N ILE B 278 -20.13 21.67 -15.00
CA ILE B 278 -18.79 21.70 -14.39
C ILE B 278 -17.73 22.11 -15.40
N GLY B 279 -17.60 21.32 -16.48
CA GLY B 279 -16.60 21.62 -17.49
C GLY B 279 -16.68 23.04 -18.03
N GLY B 280 -17.88 23.61 -18.01
CA GLY B 280 -18.07 24.94 -18.54
C GLY B 280 -18.01 26.07 -17.53
N THR B 281 -17.71 25.75 -16.29
CA THR B 281 -17.61 26.76 -15.25
C THR B 281 -16.16 26.93 -14.79
N GLU B 282 -15.63 25.91 -14.13
CA GLU B 282 -14.29 25.96 -13.58
C GLU B 282 -13.14 26.25 -14.54
N THR B 283 -13.20 25.71 -15.76
CA THR B 283 -12.12 25.95 -16.70
C THR B 283 -12.00 27.44 -17.05
N VAL B 284 -13.13 28.06 -17.39
CA VAL B 284 -13.14 29.47 -17.74
C VAL B 284 -12.75 30.34 -16.55
N SER B 285 -13.40 30.10 -15.41
CA SER B 285 -13.11 30.86 -14.19
C SER B 285 -11.62 30.86 -13.88
N THR B 286 -11.00 29.69 -13.90
CA THR B 286 -9.57 29.56 -13.62
C THR B 286 -8.74 30.41 -14.59
N THR B 287 -9.07 30.33 -15.87
CA THR B 287 -8.36 31.08 -16.89
C THR B 287 -8.41 32.58 -16.62
N LEU B 288 -9.60 33.06 -16.25
CA LEU B 288 -9.80 34.47 -15.95
C LEU B 288 -9.00 34.84 -14.70
N ARG B 289 -9.15 34.03 -13.66
CA ARG B 289 -8.46 34.27 -12.40
C ARG B 289 -6.96 34.35 -12.65
N TYR B 290 -6.44 33.41 -13.43
CA TYR B 290 -5.02 33.39 -13.75
C TYR B 290 -4.68 34.59 -14.62
N GLY B 291 -5.60 34.93 -15.53
CA GLY B 291 -5.39 36.04 -16.44
C GLY B 291 -5.13 37.37 -15.78
N PHE B 292 -6.05 37.79 -14.91
CA PHE B 292 -5.91 39.06 -14.21
C PHE B 292 -4.59 39.13 -13.44
N LEU B 293 -4.16 38.01 -12.89
CA LEU B 293 -2.90 37.99 -12.15
C LEU B 293 -1.74 38.25 -13.12
N LEU B 294 -1.79 37.62 -14.29
CA LEU B 294 -0.76 37.81 -15.30
C LEU B 294 -0.63 39.27 -15.68
N LEU B 295 -1.76 39.97 -15.71
CA LEU B 295 -1.79 41.39 -16.09
C LEU B 295 -1.18 42.31 -15.03
N MET B 296 -1.39 42.00 -13.76
CA MET B 296 -0.83 42.83 -12.69
C MET B 296 0.68 42.59 -12.65
N LYS B 297 1.09 41.38 -12.98
CA LYS B 297 2.50 41.00 -13.02
C LYS B 297 3.18 41.75 -14.17
N HIS B 298 2.41 42.06 -15.21
CA HIS B 298 2.92 42.77 -16.39
C HIS B 298 2.09 44.00 -16.71
N PRO B 299 2.28 45.09 -15.95
CA PRO B 299 1.55 46.35 -16.14
C PRO B 299 1.63 46.95 -17.54
N GLU B 300 2.73 46.69 -18.25
CA GLU B 300 2.90 47.21 -19.61
C GLU B 300 1.87 46.60 -20.55
N VAL B 301 1.54 45.33 -20.31
CA VAL B 301 0.56 44.64 -21.13
C VAL B 301 -0.84 45.23 -20.90
N GLU B 302 -1.17 45.51 -19.63
CA GLU B 302 -2.47 46.09 -19.31
C GLU B 302 -2.60 47.46 -19.99
N ALA B 303 -1.49 48.20 -20.01
CA ALA B 303 -1.48 49.52 -20.62
C ALA B 303 -1.85 49.44 -22.10
N LYS B 304 -1.20 48.52 -22.83
CA LYS B 304 -1.47 48.34 -24.25
C LYS B 304 -2.89 47.85 -24.48
N VAL B 305 -3.39 47.03 -23.56
CA VAL B 305 -4.75 46.53 -23.66
C VAL B 305 -5.71 47.72 -23.52
N HIS B 306 -5.44 48.59 -22.54
CA HIS B 306 -6.29 49.76 -22.32
C HIS B 306 -6.36 50.65 -23.55
N GLU B 307 -5.21 50.91 -24.17
CA GLU B 307 -5.17 51.74 -25.36
C GLU B 307 -6.11 51.17 -26.42
N GLU B 308 -5.88 49.92 -26.79
CA GLU B 308 -6.69 49.27 -27.81
C GLU B 308 -8.18 49.31 -27.51
N ILE B 309 -8.55 49.00 -26.27
CA ILE B 309 -9.95 49.02 -25.87
C ILE B 309 -10.58 50.39 -26.11
N ASP B 310 -9.96 51.42 -25.57
CA ASP B 310 -10.47 52.79 -25.71
C ASP B 310 -10.54 53.25 -27.17
N ARG B 311 -9.53 52.89 -27.95
CA ARG B 311 -9.50 53.27 -29.36
C ARG B 311 -10.50 52.52 -30.23
N VAL B 312 -10.71 51.23 -29.95
CA VAL B 312 -11.63 50.43 -30.75
C VAL B 312 -13.07 50.40 -30.24
N ILE B 313 -13.24 50.22 -28.94
CA ILE B 313 -14.58 50.12 -28.37
C ILE B 313 -15.19 51.42 -27.85
N GLY B 314 -14.42 52.22 -27.13
CA GLY B 314 -14.95 53.47 -26.60
C GLY B 314 -15.54 53.28 -25.22
N LYS B 315 -16.47 54.16 -24.84
CA LYS B 315 -17.09 54.09 -23.53
C LYS B 315 -18.62 54.16 -23.58
N ASN B 316 -19.18 54.19 -24.78
CA ASN B 316 -20.64 54.29 -24.93
C ASN B 316 -21.33 52.95 -25.17
N ARG B 317 -20.55 51.88 -25.18
CA ARG B 317 -21.10 50.54 -25.39
C ARG B 317 -20.18 49.47 -24.80
N GLN B 318 -20.76 48.31 -24.50
CA GLN B 318 -20.00 47.20 -23.96
C GLN B 318 -19.31 46.49 -25.12
N PRO B 319 -18.27 45.70 -24.84
CA PRO B 319 -17.59 44.99 -25.93
C PRO B 319 -18.51 44.00 -26.62
N LYS B 320 -18.27 43.77 -27.91
CA LYS B 320 -19.04 42.80 -28.70
C LYS B 320 -18.01 41.78 -29.16
N PHE B 321 -18.43 40.54 -29.39
CA PHE B 321 -17.48 39.52 -29.83
C PHE B 321 -16.78 39.88 -31.14
N GLU B 322 -17.47 40.59 -32.02
CA GLU B 322 -16.87 40.96 -33.30
C GLU B 322 -15.75 42.00 -33.19
N ASP B 323 -15.69 42.71 -32.06
CA ASP B 323 -14.65 43.71 -31.85
C ASP B 323 -13.29 43.01 -31.89
N ARG B 324 -13.33 41.71 -31.68
CA ARG B 324 -12.14 40.88 -31.68
C ARG B 324 -11.33 41.04 -32.98
N ALA B 325 -12.04 41.13 -34.09
CA ALA B 325 -11.38 41.28 -35.40
C ALA B 325 -10.52 42.54 -35.48
N LYS B 326 -10.87 43.54 -34.69
CA LYS B 326 -10.14 44.81 -34.70
C LYS B 326 -9.25 45.00 -33.47
N MET B 327 -9.03 43.92 -32.72
CA MET B 327 -8.21 44.00 -31.52
C MET B 327 -7.20 42.87 -31.47
N PRO B 328 -6.18 42.93 -32.32
CA PRO B 328 -5.15 41.89 -32.37
C PRO B 328 -4.34 41.77 -31.07
N TYR B 329 -4.16 42.87 -30.35
CA TYR B 329 -3.39 42.80 -29.11
C TYR B 329 -4.17 42.07 -28.02
N MET B 330 -5.44 42.40 -27.86
CA MET B 330 -6.26 41.74 -26.85
C MET B 330 -6.26 40.26 -27.18
N GLU B 331 -6.42 39.96 -28.47
CA GLU B 331 -6.44 38.59 -28.96
C GLU B 331 -5.14 37.86 -28.58
N ALA B 332 -4.00 38.53 -28.72
CA ALA B 332 -2.72 37.93 -28.39
C ALA B 332 -2.61 37.69 -26.89
N VAL B 333 -3.15 38.62 -26.11
CA VAL B 333 -3.12 38.53 -24.65
C VAL B 333 -3.94 37.37 -24.10
N ILE B 334 -5.14 37.15 -24.65
CA ILE B 334 -5.97 36.07 -24.18
C ILE B 334 -5.36 34.74 -24.61
N HIS B 335 -4.73 34.73 -25.79
CA HIS B 335 -4.10 33.51 -26.27
C HIS B 335 -2.90 33.20 -25.38
N GLU B 336 -2.10 34.21 -25.07
CA GLU B 336 -0.93 34.01 -24.22
C GLU B 336 -1.34 33.64 -22.80
N ILE B 337 -2.49 34.15 -22.35
CA ILE B 337 -2.98 33.82 -21.03
C ILE B 337 -3.37 32.34 -21.03
N GLN B 338 -4.01 31.90 -22.12
CA GLN B 338 -4.40 30.50 -22.22
C GLN B 338 -3.17 29.61 -22.40
N ARG B 339 -2.15 30.11 -23.08
CA ARG B 339 -0.93 29.32 -23.27
C ARG B 339 -0.17 29.21 -21.95
N PHE B 340 0.09 30.35 -21.31
CA PHE B 340 0.82 30.37 -20.05
C PHE B 340 0.05 29.61 -18.97
N GLY B 341 -1.26 29.89 -18.88
CA GLY B 341 -2.11 29.25 -17.88
C GLY B 341 -2.10 27.73 -17.88
N ASP B 342 -2.13 27.13 -19.07
CA ASP B 342 -2.08 25.68 -19.18
C ASP B 342 -3.07 25.01 -18.22
N VAL B 343 -4.29 25.57 -18.15
CA VAL B 343 -5.36 25.09 -17.27
C VAL B 343 -5.63 23.59 -17.18
N ILE B 344 -5.56 22.89 -18.30
CA ILE B 344 -5.77 21.43 -18.31
C ILE B 344 -4.49 20.87 -18.94
N PRO B 345 -3.38 20.87 -18.17
CA PRO B 345 -2.04 20.41 -18.57
C PRO B 345 -1.90 19.08 -19.29
N MET B 346 -2.67 18.09 -18.89
CA MET B 346 -2.57 16.79 -19.53
C MET B 346 -3.88 16.44 -20.23
N SER B 347 -4.67 17.47 -20.54
CA SER B 347 -5.95 17.28 -21.21
C SER B 347 -6.77 16.24 -20.46
N LEU B 348 -7.67 15.60 -21.20
CA LEU B 348 -8.49 14.53 -20.68
C LEU B 348 -7.97 13.34 -21.48
N ALA B 349 -7.68 12.26 -20.79
CA ALA B 349 -7.12 11.07 -21.43
C ALA B 349 -7.91 10.54 -22.62
N ARG B 350 -7.16 10.13 -23.63
CA ARG B 350 -7.73 9.54 -24.84
C ARG B 350 -7.36 8.06 -24.71
N ARG B 351 -7.66 7.29 -25.75
CA ARG B 351 -7.31 5.88 -25.78
C ARG B 351 -7.54 5.41 -27.21
N VAL B 352 -6.72 4.49 -27.68
CA VAL B 352 -6.83 3.98 -29.04
C VAL B 352 -8.02 3.03 -29.17
N LYS B 353 -8.82 3.26 -30.20
CA LYS B 353 -10.02 2.45 -30.45
C LYS B 353 -9.67 1.06 -30.99
N LYS B 354 -8.48 0.92 -31.58
CA LYS B 354 -8.04 -0.36 -32.15
C LYS B 354 -6.52 -0.47 -32.11
N ASP B 355 -5.99 -1.65 -32.41
CA ASP B 355 -4.54 -1.84 -32.43
C ASP B 355 -4.03 -0.75 -33.36
N THR B 356 -3.06 0.02 -32.89
CA THR B 356 -2.55 1.13 -33.69
C THR B 356 -1.05 1.17 -33.87
N LYS B 357 -0.64 1.55 -35.06
CA LYS B 357 0.77 1.70 -35.40
C LYS B 357 1.07 3.20 -35.35
N PHE B 358 1.77 3.63 -34.31
CA PHE B 358 2.09 5.05 -34.18
C PHE B 358 3.59 5.27 -34.28
N ARG B 359 4.02 5.86 -35.39
CA ARG B 359 5.42 6.13 -35.67
C ARG B 359 6.38 5.04 -35.19
N ASP B 360 6.23 3.85 -35.77
CA ASP B 360 7.07 2.68 -35.44
C ASP B 360 6.55 1.85 -34.26
N PHE B 361 5.99 2.53 -33.26
CA PHE B 361 5.46 1.86 -32.08
C PHE B 361 4.13 1.17 -32.34
N PHE B 362 3.76 0.25 -31.46
CA PHE B 362 2.50 -0.47 -31.56
C PHE B 362 1.68 -0.22 -30.30
N LEU B 363 0.46 0.27 -30.48
CA LEU B 363 -0.42 0.54 -29.34
C LEU B 363 -1.65 -0.33 -29.43
N PRO B 364 -1.69 -1.40 -28.62
CA PRO B 364 -2.85 -2.30 -28.63
C PRO B 364 -4.16 -1.60 -28.34
N LYS B 365 -5.24 -2.19 -28.82
CA LYS B 365 -6.58 -1.64 -28.65
C LYS B 365 -6.87 -1.35 -27.17
N GLY B 366 -7.37 -0.16 -26.89
CA GLY B 366 -7.70 0.20 -25.52
C GLY B 366 -6.59 0.87 -24.72
N THR B 367 -5.45 1.09 -25.34
CA THR B 367 -4.33 1.73 -24.66
C THR B 367 -4.65 3.20 -24.37
N GLU B 368 -4.52 3.60 -23.11
CA GLU B 368 -4.77 4.99 -22.74
C GLU B 368 -3.65 5.87 -23.25
N VAL B 369 -3.97 7.14 -23.52
CA VAL B 369 -3.01 8.10 -24.03
C VAL B 369 -3.15 9.42 -23.30
N TYR B 370 -2.01 9.97 -22.85
CA TYR B 370 -1.98 11.24 -22.15
C TYR B 370 -1.43 12.33 -23.06
N PRO B 371 -2.31 13.13 -23.68
CA PRO B 371 -1.81 14.19 -24.56
C PRO B 371 -1.33 15.32 -23.66
N MET B 372 -0.02 15.46 -23.54
CA MET B 372 0.55 16.51 -22.69
C MET B 372 0.44 17.89 -23.33
N LEU B 373 -0.75 18.49 -23.21
CA LEU B 373 -1.02 19.79 -23.77
C LEU B 373 0.02 20.84 -23.37
N GLY B 374 0.33 20.91 -22.08
CA GLY B 374 1.31 21.88 -21.61
C GLY B 374 2.67 21.79 -22.27
N SER B 375 3.06 20.58 -22.70
CA SER B 375 4.35 20.40 -23.36
C SER B 375 4.29 20.97 -24.77
N VAL B 376 3.07 21.11 -25.29
CA VAL B 376 2.85 21.68 -26.61
C VAL B 376 2.78 23.20 -26.45
N LEU B 377 2.03 23.65 -25.44
CA LEU B 377 1.88 25.08 -25.18
C LEU B 377 3.22 25.72 -24.86
N ARG B 378 4.22 24.90 -24.55
CA ARG B 378 5.54 25.43 -24.24
C ARG B 378 6.61 24.82 -25.14
N ASP B 379 6.19 24.25 -26.27
CA ASP B 379 7.12 23.65 -27.20
C ASP B 379 8.08 24.74 -27.70
N PRO B 380 9.35 24.69 -27.26
CA PRO B 380 10.40 25.64 -27.64
C PRO B 380 10.53 25.86 -29.14
N SER B 381 10.04 24.91 -29.92
CA SER B 381 10.11 25.01 -31.37
C SER B 381 8.96 25.87 -31.92
N PHE B 382 8.08 26.34 -31.04
CA PHE B 382 6.96 27.17 -31.48
C PHE B 382 6.86 28.47 -30.69
N PHE B 383 7.64 28.59 -29.64
CA PHE B 383 7.66 29.79 -28.81
C PHE B 383 9.08 30.04 -28.31
N SER B 384 9.62 31.20 -28.64
CA SER B 384 10.98 31.58 -28.27
C SER B 384 11.27 31.58 -26.77
N ASN B 385 10.32 32.07 -25.98
CA ASN B 385 10.48 32.11 -24.53
C ASN B 385 9.23 31.52 -23.90
N PRO B 386 9.04 30.19 -24.06
CA PRO B 386 7.88 29.46 -23.53
C PRO B 386 7.61 29.67 -22.05
N GLN B 387 8.67 29.91 -21.28
CA GLN B 387 8.53 30.10 -19.84
C GLN B 387 8.11 31.50 -19.45
N ASP B 388 8.20 32.43 -20.39
CA ASP B 388 7.83 33.81 -20.11
C ASP B 388 6.41 34.08 -20.59
N PHE B 389 5.77 35.04 -19.94
CA PHE B 389 4.43 35.46 -20.33
C PHE B 389 4.67 36.63 -21.29
N ASN B 390 4.42 36.40 -22.56
CA ASN B 390 4.63 37.46 -23.55
C ASN B 390 3.64 37.37 -24.71
N PRO B 391 2.68 38.31 -24.78
CA PRO B 391 1.66 38.35 -25.83
C PRO B 391 2.29 38.42 -27.22
N GLN B 392 3.59 38.74 -27.26
CA GLN B 392 4.28 38.84 -28.53
C GLN B 392 4.41 37.46 -29.15
N HIS B 393 4.12 36.43 -28.36
CA HIS B 393 4.17 35.06 -28.83
C HIS B 393 3.08 34.84 -29.87
N PHE B 394 2.09 35.74 -29.89
CA PHE B 394 0.98 35.65 -30.84
C PHE B 394 0.83 36.92 -31.67
N LEU B 395 1.97 37.51 -32.02
CA LEU B 395 2.02 38.73 -32.80
C LEU B 395 3.22 38.67 -33.77
N ASN B 396 3.07 39.29 -34.94
CA ASN B 396 4.20 39.33 -35.88
C ASN B 396 4.87 40.67 -35.59
N GLU B 397 5.80 41.12 -36.43
CA GLU B 397 6.48 42.39 -36.17
C GLU B 397 5.57 43.61 -36.36
N LYS B 398 4.56 43.48 -37.20
CA LYS B 398 3.63 44.58 -37.45
C LYS B 398 2.52 44.66 -36.41
N GLY B 399 2.65 43.86 -35.34
CA GLY B 399 1.63 43.87 -34.30
C GLY B 399 0.32 43.20 -34.66
N GLN B 400 0.33 42.41 -35.72
CA GLN B 400 -0.87 41.68 -36.16
C GLN B 400 -0.92 40.35 -35.42
N PHE B 401 -2.12 39.78 -35.28
CA PHE B 401 -2.26 38.50 -34.60
C PHE B 401 -1.71 37.36 -35.43
N LYS B 402 -0.87 36.54 -34.81
CA LYS B 402 -0.25 35.40 -35.47
C LYS B 402 -0.65 34.09 -34.78
N LYS B 403 -1.31 33.22 -35.53
CA LYS B 403 -1.75 31.94 -35.01
C LYS B 403 -0.60 30.95 -34.89
N SER B 404 -0.77 29.95 -34.03
CA SER B 404 0.24 28.93 -33.81
C SER B 404 -0.35 27.53 -33.80
N ASP B 405 0.38 26.60 -34.39
CA ASP B 405 -0.06 25.21 -34.42
C ASP B 405 0.02 24.62 -33.01
N ALA B 406 0.86 25.22 -32.17
CA ALA B 406 1.05 24.74 -30.80
C ALA B 406 0.04 25.29 -29.78
N PHE B 407 -0.91 26.10 -30.24
CA PHE B 407 -1.92 26.65 -29.35
C PHE B 407 -3.03 25.60 -29.25
N VAL B 408 -2.96 24.74 -28.24
CA VAL B 408 -3.94 23.67 -28.09
C VAL B 408 -4.59 23.53 -26.70
N PRO B 409 -4.98 24.66 -26.07
CA PRO B 409 -5.60 24.54 -24.75
C PRO B 409 -6.90 23.72 -24.72
N PHE B 410 -7.63 23.74 -25.84
CA PHE B 410 -8.88 23.00 -25.96
C PHE B 410 -8.59 21.63 -26.58
N SER B 411 -7.31 21.32 -26.71
CA SER B 411 -6.87 20.08 -27.31
C SER B 411 -7.25 20.12 -28.78
N ILE B 412 -7.17 18.96 -29.45
CA ILE B 412 -7.48 18.84 -30.87
C ILE B 412 -7.96 17.42 -31.16
N GLY B 413 -8.44 17.18 -32.37
CA GLY B 413 -8.91 15.84 -32.70
C GLY B 413 -10.40 15.70 -32.60
N LYS B 414 -10.89 14.48 -32.79
CA LYS B 414 -12.31 14.20 -32.76
C LYS B 414 -13.03 14.38 -31.44
N ARG B 415 -12.30 14.38 -30.33
CA ARG B 415 -12.95 14.55 -29.03
C ARG B 415 -12.54 15.86 -28.37
N ASN B 416 -12.09 16.82 -29.19
CA ASN B 416 -11.67 18.13 -28.71
C ASN B 416 -12.81 18.79 -27.95
N CYS B 417 -12.52 19.89 -27.28
CA CYS B 417 -13.52 20.63 -26.51
C CYS B 417 -14.51 21.31 -27.46
N PHE B 418 -15.77 20.86 -27.46
CA PHE B 418 -16.75 21.50 -28.32
C PHE B 418 -17.41 22.66 -27.55
N GLY B 419 -16.78 23.01 -26.44
CA GLY B 419 -17.25 24.13 -25.65
C GLY B 419 -16.34 25.30 -25.96
N GLU B 420 -15.36 25.07 -26.83
CA GLU B 420 -14.40 26.10 -27.21
C GLU B 420 -15.04 27.40 -27.66
N GLY B 421 -16.05 27.31 -28.51
CA GLY B 421 -16.73 28.51 -28.99
C GLY B 421 -17.26 29.37 -27.85
N LEU B 422 -17.99 28.73 -26.94
CA LEU B 422 -18.56 29.45 -25.80
C LEU B 422 -17.47 30.01 -24.90
N ALA B 423 -16.40 29.24 -24.72
CA ALA B 423 -15.30 29.66 -23.87
C ALA B 423 -14.58 30.86 -24.45
N ARG B 424 -14.29 30.80 -25.76
CA ARG B 424 -13.60 31.90 -26.43
C ARG B 424 -14.41 33.19 -26.32
N MET B 425 -15.74 33.06 -26.46
CA MET B 425 -16.61 34.22 -26.37
C MET B 425 -16.67 34.80 -24.96
N GLU B 426 -16.70 33.90 -23.97
CA GLU B 426 -16.74 34.33 -22.57
C GLU B 426 -15.43 34.99 -22.19
N LEU B 427 -14.32 34.37 -22.57
CA LEU B 427 -13.01 34.93 -22.25
C LEU B 427 -12.82 36.32 -22.85
N PHE B 428 -13.22 36.51 -24.11
CA PHE B 428 -13.05 37.80 -24.75
C PHE B 428 -13.95 38.86 -24.13
N LEU B 429 -15.23 38.56 -23.99
CA LEU B 429 -16.18 39.49 -23.43
C LEU B 429 -15.97 39.82 -21.96
N PHE B 430 -15.51 38.85 -21.17
CA PHE B 430 -15.28 39.12 -19.74
C PHE B 430 -13.96 39.88 -19.54
N PHE B 431 -12.89 39.45 -20.19
CA PHE B 431 -11.60 40.12 -20.07
C PHE B 431 -11.69 41.57 -20.57
N THR B 432 -12.33 41.77 -21.73
CA THR B 432 -12.43 43.12 -22.30
C THR B 432 -13.37 44.05 -21.55
N THR B 433 -14.54 43.55 -21.16
CA THR B 433 -15.51 44.36 -20.44
C THR B 433 -14.95 44.80 -19.09
N VAL B 434 -14.14 43.93 -18.47
CA VAL B 434 -13.54 44.23 -17.18
C VAL B 434 -12.41 45.25 -17.33
N MET B 435 -11.55 45.03 -18.32
CA MET B 435 -10.42 45.93 -18.53
C MET B 435 -10.87 47.29 -19.10
N GLN B 436 -12.09 47.33 -19.61
CA GLN B 436 -12.65 48.56 -20.16
C GLN B 436 -13.10 49.46 -19.03
N ASN B 437 -13.56 48.85 -17.94
CA ASN B 437 -14.09 49.58 -16.78
C ASN B 437 -13.16 49.73 -15.58
N PHE B 438 -12.11 48.92 -15.51
CA PHE B 438 -11.21 48.98 -14.37
C PHE B 438 -9.75 48.84 -14.72
N ARG B 439 -8.89 49.33 -13.83
CA ARG B 439 -7.45 49.18 -13.97
C ARG B 439 -7.11 48.27 -12.77
N LEU B 440 -6.07 47.45 -12.90
CA LEU B 440 -5.75 46.53 -11.84
C LEU B 440 -4.70 46.98 -10.82
N LYS B 441 -5.07 46.91 -9.55
CA LYS B 441 -4.18 47.30 -8.44
C LYS B 441 -3.81 46.08 -7.61
N SER B 442 -2.55 45.66 -7.68
CA SER B 442 -2.09 44.49 -6.95
C SER B 442 -1.67 44.81 -5.52
N SER B 443 -1.84 43.82 -4.64
CA SER B 443 -1.49 43.96 -3.23
C SER B 443 0.03 44.08 -3.06
N GLN B 444 0.76 43.31 -3.86
CA GLN B 444 2.22 43.32 -3.81
C GLN B 444 2.77 43.97 -5.07
N SER B 445 4.09 44.07 -5.14
CA SER B 445 4.75 44.66 -6.30
C SER B 445 4.89 43.60 -7.40
N PRO B 446 4.77 44.02 -8.67
CA PRO B 446 4.88 43.15 -9.84
C PRO B 446 5.98 42.08 -9.75
N LYS B 447 7.24 42.53 -9.68
CA LYS B 447 8.37 41.62 -9.59
C LYS B 447 8.24 40.64 -8.42
N ASP B 448 7.35 40.95 -7.47
CA ASP B 448 7.14 40.09 -6.32
C ASP B 448 5.96 39.14 -6.49
N ILE B 449 5.14 39.38 -7.52
CA ILE B 449 3.97 38.53 -7.76
C ILE B 449 4.40 37.15 -8.29
N ASP B 450 3.91 36.11 -7.63
CA ASP B 450 4.24 34.73 -8.02
C ASP B 450 3.16 34.17 -8.93
N VAL B 451 3.51 33.97 -10.20
CA VAL B 451 2.56 33.44 -11.18
C VAL B 451 2.72 31.94 -11.42
N SER B 452 3.56 31.28 -10.63
CA SER B 452 3.76 29.85 -10.78
C SER B 452 2.51 29.17 -10.20
N PRO B 453 2.18 27.97 -10.69
CA PRO B 453 0.98 27.26 -10.20
C PRO B 453 1.09 26.83 -8.73
N LYS B 454 -0.05 26.73 -8.07
CA LYS B 454 -0.10 26.30 -6.68
C LYS B 454 -0.24 24.79 -6.69
N HIS B 455 -1.12 24.31 -7.57
CA HIS B 455 -1.37 22.88 -7.75
C HIS B 455 -1.30 22.60 -9.24
N VAL B 456 -0.81 21.42 -9.59
CA VAL B 456 -0.71 21.02 -10.99
C VAL B 456 -0.90 19.51 -11.08
N GLY B 457 -2.04 19.12 -11.64
CA GLY B 457 -2.35 17.71 -11.81
C GLY B 457 -3.34 17.67 -12.96
N PHE B 458 -4.56 17.24 -12.68
CA PHE B 458 -5.59 17.19 -13.72
C PHE B 458 -5.73 18.62 -14.26
N ALA B 459 -5.57 19.59 -13.37
CA ALA B 459 -5.68 20.99 -13.74
C ALA B 459 -4.50 21.76 -13.17
N THR B 460 -4.31 22.98 -13.68
CA THR B 460 -3.25 23.87 -13.22
C THR B 460 -4.00 24.98 -12.50
N ILE B 461 -3.85 25.01 -11.18
CA ILE B 461 -4.54 26.01 -10.35
C ILE B 461 -3.58 27.08 -9.87
N PRO B 462 -3.94 28.36 -10.10
CA PRO B 462 -3.10 29.49 -9.68
C PRO B 462 -3.21 29.74 -8.18
N ARG B 463 -2.18 30.38 -7.61
CA ARG B 463 -2.16 30.68 -6.18
C ARG B 463 -3.28 31.64 -5.81
N ASN B 464 -3.75 31.55 -4.56
CA ASN B 464 -4.80 32.44 -4.08
C ASN B 464 -4.17 33.82 -4.03
N TYR B 465 -5.00 34.86 -4.15
CA TYR B 465 -4.49 36.22 -4.10
C TYR B 465 -5.61 37.23 -4.00
N THR B 466 -5.25 38.48 -3.71
CA THR B 466 -6.22 39.55 -3.59
C THR B 466 -5.82 40.67 -4.53
N MET B 467 -6.81 41.40 -5.02
CA MET B 467 -6.56 42.51 -5.94
C MET B 467 -7.70 43.49 -5.80
N SER B 468 -7.47 44.72 -6.23
CA SER B 468 -8.51 45.72 -6.17
C SER B 468 -8.80 46.24 -7.57
N PHE B 469 -10.07 46.45 -7.87
CA PHE B 469 -10.46 46.95 -9.17
C PHE B 469 -10.75 48.44 -9.07
N LEU B 470 -9.81 49.25 -9.55
CA LEU B 470 -9.94 50.69 -9.51
C LEU B 470 -10.59 51.23 -10.78
N PRO B 471 -11.72 51.95 -10.64
CA PRO B 471 -12.40 52.50 -11.80
C PRO B 471 -11.56 53.54 -12.52
N ARG B 472 -11.64 53.57 -13.84
CA ARG B 472 -10.92 54.54 -14.65
C ARG B 472 -12.03 55.41 -15.24
N HIS B 473 -13.11 55.51 -14.47
CA HIS B 473 -14.30 56.26 -14.85
C HIS B 473 -14.23 57.74 -14.47
N HIS B 474 -13.07 58.19 -14.00
CA HIS B 474 -12.90 59.59 -13.62
C HIS B 474 -13.00 60.49 -14.85
N GLY C 9 -33.53 -3.22 8.44
CA GLY C 9 -32.54 -3.63 7.40
C GLY C 9 -33.22 -4.31 6.21
N LYS C 10 -32.88 -3.87 5.01
CA LYS C 10 -33.48 -4.46 3.82
C LYS C 10 -32.70 -5.68 3.35
N LEU C 11 -31.38 -5.55 3.21
CA LEU C 11 -30.54 -6.65 2.78
C LEU C 11 -30.42 -7.74 3.85
N PRO C 12 -30.16 -8.99 3.42
CA PRO C 12 -30.01 -10.10 4.36
C PRO C 12 -28.93 -9.77 5.40
N PRO C 13 -29.07 -10.30 6.63
CA PRO C 13 -28.09 -10.06 7.69
C PRO C 13 -26.78 -10.75 7.36
N GLY C 14 -25.70 -10.35 8.01
CA GLY C 14 -24.41 -10.98 7.75
C GLY C 14 -23.30 -10.35 8.57
N PRO C 15 -22.11 -10.96 8.59
CA PRO C 15 -21.01 -10.37 9.37
C PRO C 15 -20.59 -8.99 8.89
N THR C 16 -20.31 -8.10 9.83
CA THR C 16 -19.91 -6.74 9.51
C THR C 16 -18.61 -6.75 8.71
N PRO C 17 -18.61 -6.14 7.53
CA PRO C 17 -17.41 -6.11 6.72
C PRO C 17 -16.50 -4.97 7.09
N LEU C 18 -15.28 -5.02 6.54
CA LEU C 18 -14.30 -3.98 6.75
C LEU C 18 -14.04 -3.37 5.38
N PRO C 19 -13.69 -2.07 5.31
CA PRO C 19 -13.44 -1.45 4.02
C PRO C 19 -12.43 -2.23 3.15
N PHE C 20 -12.81 -2.44 1.89
CA PHE C 20 -12.02 -3.16 0.88
C PHE C 20 -11.88 -4.67 1.08
N ILE C 21 -11.34 -5.10 2.22
CA ILE C 21 -11.20 -6.54 2.44
C ILE C 21 -12.54 -7.25 2.70
N GLY C 22 -13.61 -6.48 2.86
CA GLY C 22 -14.92 -7.08 3.09
C GLY C 22 -14.97 -8.00 4.30
N ASN C 23 -15.46 -9.22 4.10
CA ASN C 23 -15.53 -10.21 5.19
C ASN C 23 -14.37 -11.19 5.14
N TYR C 24 -13.23 -10.70 4.70
CA TYR C 24 -12.02 -11.51 4.62
C TYR C 24 -11.72 -12.19 5.94
N LEU C 25 -11.93 -11.50 7.05
CA LEU C 25 -11.64 -12.09 8.37
C LEU C 25 -12.51 -13.30 8.70
N GLN C 26 -13.68 -13.41 8.09
CA GLN C 26 -14.54 -14.56 8.38
C GLN C 26 -14.52 -15.61 7.26
N LEU C 27 -13.56 -15.48 6.35
CA LEU C 27 -13.46 -16.42 5.23
C LEU C 27 -12.10 -17.09 5.06
N ASN C 28 -12.11 -18.42 4.99
CA ASN C 28 -10.89 -19.19 4.76
C ASN C 28 -10.99 -19.51 3.27
N THR C 29 -10.18 -18.84 2.44
CA THR C 29 -10.26 -19.05 1.00
C THR C 29 -10.00 -20.48 0.52
N GLU C 30 -9.32 -21.27 1.34
CA GLU C 30 -9.05 -22.65 0.99
C GLU C 30 -10.34 -23.48 1.15
N GLN C 31 -11.25 -22.98 1.97
CA GLN C 31 -12.53 -23.66 2.24
C GLN C 31 -13.67 -22.65 2.23
N MET C 32 -13.95 -22.07 1.06
CA MET C 32 -15.01 -21.08 0.94
C MET C 32 -16.36 -21.68 1.37
N TYR C 33 -16.63 -22.89 0.89
CA TYR C 33 -17.88 -23.55 1.20
C TYR C 33 -18.08 -23.70 2.70
N ASN C 34 -17.10 -24.27 3.39
CA ASN C 34 -17.21 -24.45 4.83
C ASN C 34 -17.26 -23.11 5.57
N SER C 35 -16.54 -22.12 5.07
CA SER C 35 -16.54 -20.79 5.69
C SER C 35 -17.95 -20.20 5.60
N LEU C 36 -18.54 -20.26 4.40
CA LEU C 36 -19.87 -19.71 4.20
C LEU C 36 -20.93 -20.48 5.00
N MET C 37 -20.74 -21.79 5.16
CA MET C 37 -21.69 -22.59 5.90
C MET C 37 -21.60 -22.26 7.38
N LYS C 38 -20.39 -21.93 7.83
CA LYS C 38 -20.20 -21.58 9.23
C LYS C 38 -20.90 -20.25 9.54
N ILE C 39 -20.84 -19.29 8.62
CA ILE C 39 -21.51 -18.03 8.93
C ILE C 39 -23.02 -18.25 8.75
N SER C 40 -23.40 -19.23 7.94
CA SER C 40 -24.80 -19.55 7.74
C SER C 40 -25.38 -20.13 9.05
N GLU C 41 -24.57 -20.90 9.76
CA GLU C 41 -25.01 -21.50 11.03
C GLU C 41 -25.23 -20.38 12.05
N ARG C 42 -24.65 -19.22 11.77
CA ARG C 42 -24.76 -18.09 12.67
C ARG C 42 -25.79 -17.04 12.29
N TYR C 43 -25.95 -16.76 11.00
CA TYR C 43 -26.90 -15.73 10.53
C TYR C 43 -28.18 -16.21 9.87
N GLY C 44 -28.24 -17.49 9.52
CA GLY C 44 -29.43 -18.00 8.85
C GLY C 44 -29.07 -18.48 7.46
N PRO C 45 -30.02 -19.09 6.74
CA PRO C 45 -29.82 -19.63 5.39
C PRO C 45 -29.62 -18.59 4.27
N VAL C 46 -30.07 -17.36 4.50
CA VAL C 46 -29.93 -16.30 3.50
C VAL C 46 -29.21 -15.14 4.15
N PHE C 47 -27.97 -14.89 3.73
CA PHE C 47 -27.16 -13.82 4.31
C PHE C 47 -26.31 -13.07 3.29
N THR C 48 -25.82 -11.92 3.70
CA THR C 48 -24.99 -11.10 2.84
C THR C 48 -23.51 -11.28 3.25
N ILE C 49 -22.63 -11.40 2.26
CA ILE C 49 -21.21 -11.56 2.53
C ILE C 49 -20.45 -10.64 1.57
N HIS C 50 -19.29 -10.18 1.98
CA HIS C 50 -18.53 -9.31 1.12
C HIS C 50 -17.23 -9.99 0.73
N LEU C 51 -17.15 -10.39 -0.54
CA LEU C 51 -15.95 -11.05 -1.07
C LEU C 51 -15.09 -9.87 -1.52
N GLY C 52 -14.34 -9.33 -0.57
CA GLY C 52 -13.56 -8.15 -0.88
C GLY C 52 -14.63 -7.09 -1.01
N PRO C 53 -14.58 -6.23 -2.04
CA PRO C 53 -15.60 -5.19 -2.21
C PRO C 53 -16.85 -5.72 -2.95
N ARG C 54 -16.81 -6.99 -3.31
CA ARG C 54 -17.89 -7.64 -4.05
C ARG C 54 -18.96 -8.19 -3.08
N ARG C 55 -20.10 -7.52 -3.02
CA ARG C 55 -21.17 -7.94 -2.13
C ARG C 55 -22.02 -9.02 -2.77
N VAL C 56 -22.26 -10.09 -2.03
CA VAL C 56 -23.03 -11.19 -2.54
C VAL C 56 -24.03 -11.72 -1.51
N VAL C 57 -25.21 -12.10 -1.97
CA VAL C 57 -26.21 -12.69 -1.09
C VAL C 57 -26.08 -14.20 -1.30
N VAL C 58 -25.91 -14.92 -0.19
CA VAL C 58 -25.72 -16.36 -0.24
C VAL C 58 -27.00 -17.12 0.14
N LEU C 59 -27.32 -18.14 -0.65
CA LEU C 59 -28.50 -18.97 -0.41
C LEU C 59 -28.10 -20.38 -0.03
N CYS C 60 -28.45 -20.79 1.20
CA CYS C 60 -28.11 -22.12 1.71
C CYS C 60 -29.34 -22.97 1.99
N GLY C 61 -29.23 -24.28 1.75
CA GLY C 61 -30.33 -25.19 2.00
C GLY C 61 -31.34 -25.23 0.86
N HIS C 62 -31.98 -26.38 0.67
CA HIS C 62 -32.95 -26.52 -0.41
C HIS C 62 -34.01 -25.42 -0.47
N ASP C 63 -34.67 -25.16 0.65
CA ASP C 63 -35.73 -24.15 0.66
C ASP C 63 -35.32 -22.78 0.12
N ALA C 64 -34.23 -22.21 0.64
CA ALA C 64 -33.79 -20.91 0.18
C ALA C 64 -33.49 -20.90 -1.32
N VAL C 65 -32.75 -21.91 -1.79
CA VAL C 65 -32.40 -21.98 -3.20
C VAL C 65 -33.59 -22.16 -4.14
N ARG C 66 -34.49 -23.09 -3.82
CA ARG C 66 -35.65 -23.31 -4.70
C ARG C 66 -36.57 -22.09 -4.70
N GLU C 67 -36.78 -21.48 -3.54
CA GLU C 67 -37.65 -20.32 -3.43
C GLU C 67 -37.15 -19.17 -4.30
N ALA C 68 -35.84 -18.96 -4.29
CA ALA C 68 -35.27 -17.90 -5.10
C ALA C 68 -35.22 -18.27 -6.58
N LEU C 69 -34.43 -19.29 -6.90
CA LEU C 69 -34.26 -19.71 -8.29
C LEU C 69 -35.48 -20.25 -9.03
N VAL C 70 -36.42 -20.88 -8.31
CA VAL C 70 -37.61 -21.38 -8.99
C VAL C 70 -38.87 -20.56 -8.74
N ASP C 71 -39.21 -20.31 -7.47
CA ASP C 71 -40.42 -19.55 -7.17
C ASP C 71 -40.34 -18.11 -7.65
N GLN C 72 -39.15 -17.53 -7.62
CA GLN C 72 -38.97 -16.17 -8.11
C GLN C 72 -37.93 -16.28 -9.24
N ALA C 73 -38.09 -17.32 -10.04
CA ALA C 73 -37.19 -17.64 -11.15
C ALA C 73 -36.72 -16.46 -11.97
N GLU C 74 -37.67 -15.68 -12.49
CA GLU C 74 -37.36 -14.52 -13.32
C GLU C 74 -36.49 -13.46 -12.64
N GLU C 75 -36.85 -13.08 -11.43
CA GLU C 75 -36.10 -12.08 -10.70
C GLU C 75 -34.66 -12.52 -10.41
N PHE C 76 -34.44 -13.83 -10.25
CA PHE C 76 -33.10 -14.36 -9.98
C PHE C 76 -32.46 -14.98 -11.23
N SER C 77 -32.97 -14.64 -12.40
CA SER C 77 -32.46 -15.20 -13.66
C SER C 77 -31.24 -14.48 -14.25
N GLY C 78 -30.67 -13.53 -13.52
CA GLY C 78 -29.50 -12.84 -14.03
C GLY C 78 -28.26 -13.69 -13.83
N ARG C 79 -27.20 -13.43 -14.59
CA ARG C 79 -25.96 -14.19 -14.46
C ARG C 79 -24.91 -13.35 -13.77
N GLY C 80 -24.31 -13.90 -12.71
CA GLY C 80 -23.30 -13.17 -11.98
C GLY C 80 -21.92 -13.36 -12.60
N GLU C 81 -20.87 -13.11 -11.81
CA GLU C 81 -19.52 -13.24 -12.33
C GLU C 81 -18.69 -14.37 -11.72
N GLN C 82 -17.59 -14.68 -12.40
CA GLN C 82 -16.61 -15.65 -11.97
C GLN C 82 -15.35 -14.96 -12.51
N ALA C 83 -14.71 -14.21 -11.61
CA ALA C 83 -13.54 -13.41 -11.92
C ALA C 83 -12.48 -14.06 -12.81
N THR C 84 -12.06 -15.27 -12.47
CA THR C 84 -11.03 -15.93 -13.26
C THR C 84 -11.48 -16.13 -14.71
N PHE C 85 -12.68 -16.67 -14.90
CA PHE C 85 -13.18 -16.90 -16.25
C PHE C 85 -13.43 -15.59 -16.99
N ASP C 86 -13.88 -14.58 -16.25
CA ASP C 86 -14.16 -13.26 -16.84
C ASP C 86 -12.93 -12.69 -17.52
N TRP C 87 -11.75 -13.04 -17.02
CA TRP C 87 -10.50 -12.55 -17.59
C TRP C 87 -10.48 -12.71 -19.11
N VAL C 88 -11.03 -13.81 -19.59
CA VAL C 88 -11.07 -14.04 -21.04
C VAL C 88 -12.47 -13.85 -21.64
N PHE C 89 -13.51 -14.28 -20.94
CA PHE C 89 -14.86 -14.16 -21.47
C PHE C 89 -15.45 -12.75 -21.54
N LYS C 90 -15.21 -11.96 -20.51
CA LYS C 90 -15.69 -10.58 -20.50
C LYS C 90 -17.19 -10.42 -20.76
N GLY C 91 -17.99 -11.36 -20.30
CA GLY C 91 -19.43 -11.25 -20.49
C GLY C 91 -19.96 -11.76 -21.82
N TYR C 92 -19.08 -12.17 -22.72
CA TYR C 92 -19.50 -12.71 -24.01
C TYR C 92 -19.71 -14.21 -23.90
N GLY C 93 -20.52 -14.76 -24.80
CA GLY C 93 -20.77 -16.19 -24.77
C GLY C 93 -22.05 -16.48 -24.01
N VAL C 94 -22.62 -17.66 -24.24
CA VAL C 94 -23.88 -18.03 -23.61
C VAL C 94 -23.87 -18.10 -22.07
N VAL C 95 -22.85 -18.74 -21.50
CA VAL C 95 -22.79 -18.90 -20.05
C VAL C 95 -22.76 -17.61 -19.23
N PHE C 96 -21.85 -16.70 -19.56
CA PHE C 96 -21.70 -15.47 -18.80
C PHE C 96 -22.39 -14.22 -19.31
N SER C 97 -23.23 -14.38 -20.33
CA SER C 97 -23.94 -13.24 -20.89
C SER C 97 -25.20 -12.96 -20.07
N ASN C 98 -25.86 -11.84 -20.37
CA ASN C 98 -27.06 -11.44 -19.67
C ASN C 98 -28.10 -10.87 -20.65
N GLY C 99 -29.31 -10.62 -20.14
CA GLY C 99 -30.37 -10.06 -20.95
C GLY C 99 -30.62 -10.64 -22.33
N GLU C 100 -30.71 -9.75 -23.33
CA GLU C 100 -30.97 -10.15 -24.71
C GLU C 100 -29.89 -11.10 -25.26
N ARG C 101 -28.64 -10.83 -24.92
CA ARG C 101 -27.55 -11.67 -25.39
C ARG C 101 -27.73 -13.11 -24.92
N ALA C 102 -27.98 -13.28 -23.62
CA ALA C 102 -28.16 -14.61 -23.04
C ALA C 102 -29.36 -15.32 -23.67
N LYS C 103 -30.49 -14.61 -23.74
CA LYS C 103 -31.70 -15.19 -24.31
C LYS C 103 -31.45 -15.74 -25.72
N GLN C 104 -30.80 -14.94 -26.56
CA GLN C 104 -30.51 -15.32 -27.93
C GLN C 104 -29.55 -16.51 -28.02
N LEU C 105 -28.42 -16.42 -27.34
CA LEU C 105 -27.41 -17.46 -27.36
C LEU C 105 -27.88 -18.77 -26.75
N ARG C 106 -28.65 -18.68 -25.66
CA ARG C 106 -29.16 -19.89 -25.02
C ARG C 106 -30.16 -20.61 -25.93
N ARG C 107 -31.08 -19.85 -26.51
CA ARG C 107 -32.07 -20.45 -27.40
C ARG C 107 -31.38 -21.12 -28.59
N PHE C 108 -30.49 -20.40 -29.24
CA PHE C 108 -29.76 -20.95 -30.38
C PHE C 108 -28.97 -22.19 -29.96
N SER C 109 -28.23 -22.08 -28.87
CA SER C 109 -27.41 -23.20 -28.41
C SER C 109 -28.23 -24.46 -28.11
N ILE C 110 -29.37 -24.30 -27.45
CA ILE C 110 -30.22 -25.45 -27.14
C ILE C 110 -30.74 -26.12 -28.42
N ALA C 111 -31.18 -25.31 -29.38
CA ALA C 111 -31.71 -25.85 -30.63
C ALA C 111 -30.62 -26.54 -31.45
N THR C 112 -29.47 -25.89 -31.59
CA THR C 112 -28.37 -26.46 -32.36
C THR C 112 -27.89 -27.77 -31.76
N LEU C 113 -27.82 -27.83 -30.44
CA LEU C 113 -27.39 -29.05 -29.76
C LEU C 113 -28.35 -30.17 -30.15
N ARG C 114 -29.64 -29.87 -30.16
CA ARG C 114 -30.64 -30.87 -30.54
C ARG C 114 -30.48 -31.27 -32.00
N ASP C 115 -30.19 -30.30 -32.86
CA ASP C 115 -30.02 -30.58 -34.29
C ASP C 115 -28.88 -31.57 -34.52
N PHE C 116 -27.87 -31.54 -33.65
CA PHE C 116 -26.74 -32.44 -33.80
C PHE C 116 -26.82 -33.73 -32.99
N GLY C 117 -28.04 -34.16 -32.67
CA GLY C 117 -28.21 -35.42 -31.98
C GLY C 117 -28.40 -35.46 -30.47
N VAL C 118 -28.11 -34.37 -29.77
CA VAL C 118 -28.29 -34.38 -28.33
C VAL C 118 -29.74 -34.75 -27.98
N GLY C 119 -29.88 -35.75 -27.11
CA GLY C 119 -31.19 -36.20 -26.70
C GLY C 119 -31.81 -37.15 -27.71
N LYS C 120 -31.01 -37.52 -28.72
CA LYS C 120 -31.46 -38.42 -29.78
C LYS C 120 -30.49 -39.57 -30.00
N ARG C 121 -30.93 -40.54 -30.81
CA ARG C 121 -30.12 -41.71 -31.14
C ARG C 121 -28.75 -41.27 -31.64
N GLY C 122 -28.74 -40.15 -32.36
CA GLY C 122 -27.50 -39.64 -32.91
C GLY C 122 -26.36 -39.53 -31.91
N ILE C 123 -26.56 -38.75 -30.86
CA ILE C 123 -25.50 -38.59 -29.87
C ILE C 123 -25.32 -39.87 -29.03
N GLU C 124 -26.39 -40.65 -28.88
CA GLU C 124 -26.28 -41.89 -28.12
C GLU C 124 -25.23 -42.79 -28.79
N GLU C 125 -25.33 -42.93 -30.11
CA GLU C 125 -24.38 -43.75 -30.86
C GLU C 125 -22.95 -43.25 -30.69
N ARG C 126 -22.77 -41.93 -30.77
CA ARG C 126 -21.45 -41.34 -30.62
C ARG C 126 -20.87 -41.69 -29.25
N ILE C 127 -21.71 -41.58 -28.22
CA ILE C 127 -21.27 -41.90 -26.87
C ILE C 127 -20.94 -43.39 -26.76
N GLN C 128 -21.77 -44.23 -27.36
CA GLN C 128 -21.53 -45.67 -27.33
C GLN C 128 -20.21 -45.97 -28.02
N GLU C 129 -20.00 -45.41 -29.20
CA GLU C 129 -18.77 -45.64 -29.93
C GLU C 129 -17.59 -45.18 -29.07
N GLU C 130 -17.65 -43.95 -28.57
CA GLU C 130 -16.57 -43.41 -27.76
C GLU C 130 -16.31 -44.30 -26.54
N ALA C 131 -17.38 -44.79 -25.92
CA ALA C 131 -17.26 -45.67 -24.76
C ALA C 131 -16.46 -46.91 -25.16
N GLY C 132 -16.66 -47.36 -26.40
CA GLY C 132 -15.97 -48.52 -26.90
C GLY C 132 -14.48 -48.25 -26.99
N PHE C 133 -14.13 -47.04 -27.41
CA PHE C 133 -12.74 -46.64 -27.53
C PHE C 133 -12.07 -46.61 -26.15
N LEU C 134 -12.84 -46.22 -25.14
CA LEU C 134 -12.32 -46.17 -23.76
C LEU C 134 -12.04 -47.57 -23.26
N ILE C 135 -12.97 -48.48 -23.52
CA ILE C 135 -12.83 -49.86 -23.11
C ILE C 135 -11.54 -50.45 -23.66
N ASP C 136 -11.34 -50.31 -24.97
CA ASP C 136 -10.13 -50.84 -25.60
C ASP C 136 -8.90 -50.19 -24.97
N ALA C 137 -9.02 -48.90 -24.68
CA ALA C 137 -7.92 -48.17 -24.09
C ALA C 137 -7.62 -48.70 -22.70
N LEU C 138 -8.67 -49.02 -21.95
CA LEU C 138 -8.49 -49.56 -20.60
C LEU C 138 -7.96 -51.00 -20.62
N ARG C 139 -8.34 -51.75 -21.66
CA ARG C 139 -7.85 -53.11 -21.79
C ARG C 139 -6.37 -53.10 -22.14
N GLY C 140 -5.96 -52.08 -22.88
CA GLY C 140 -4.57 -51.96 -23.28
C GLY C 140 -3.60 -51.72 -22.14
N THR C 141 -4.10 -51.43 -20.95
CA THR C 141 -3.24 -51.19 -19.79
C THR C 141 -2.83 -52.53 -19.15
N GLY C 142 -3.56 -53.58 -19.51
CA GLY C 142 -3.27 -54.90 -18.98
C GLY C 142 -3.43 -55.00 -17.47
N GLY C 143 -4.41 -54.27 -16.93
CA GLY C 143 -4.63 -54.30 -15.49
C GLY C 143 -3.62 -53.49 -14.71
N ALA C 144 -2.82 -52.70 -15.41
CA ALA C 144 -1.81 -51.88 -14.76
C ALA C 144 -2.43 -50.83 -13.84
N ASN C 145 -1.71 -50.46 -12.80
CA ASN C 145 -2.18 -49.44 -11.86
C ASN C 145 -1.88 -48.09 -12.52
N ILE C 146 -2.93 -47.41 -12.97
CA ILE C 146 -2.74 -46.14 -13.65
C ILE C 146 -3.60 -44.95 -13.19
N ASP C 147 -3.22 -43.75 -13.62
CA ASP C 147 -3.99 -42.54 -13.30
C ASP C 147 -5.08 -42.46 -14.37
N PRO C 148 -6.35 -42.64 -13.96
CA PRO C 148 -7.50 -42.61 -14.87
C PRO C 148 -7.89 -41.26 -15.46
N THR C 149 -7.47 -40.19 -14.79
CA THR C 149 -7.79 -38.82 -15.22
C THR C 149 -7.94 -38.59 -16.72
N PHE C 150 -6.84 -38.75 -17.46
CA PHE C 150 -6.91 -38.49 -18.90
C PHE C 150 -7.57 -39.56 -19.77
N PHE C 151 -7.62 -40.81 -19.30
CA PHE C 151 -8.30 -41.83 -20.09
C PHE C 151 -9.76 -41.41 -20.12
N LEU C 152 -10.23 -40.92 -18.98
CA LEU C 152 -11.61 -40.47 -18.80
C LEU C 152 -11.93 -39.15 -19.48
N SER C 153 -11.07 -38.14 -19.30
CA SER C 153 -11.33 -36.84 -19.90
C SER C 153 -11.27 -36.84 -21.44
N ARG C 154 -10.39 -37.64 -22.02
CA ARG C 154 -10.30 -37.69 -23.49
C ARG C 154 -11.62 -38.23 -24.02
N THR C 155 -12.10 -39.28 -23.37
CA THR C 155 -13.35 -39.93 -23.75
C THR C 155 -14.53 -38.98 -23.67
N VAL C 156 -14.69 -38.33 -22.52
CA VAL C 156 -15.78 -37.38 -22.33
C VAL C 156 -15.69 -36.23 -23.33
N SER C 157 -14.51 -35.64 -23.43
CA SER C 157 -14.28 -34.51 -24.32
C SER C 157 -14.59 -34.79 -25.79
N ASN C 158 -14.30 -36.01 -26.25
CA ASN C 158 -14.57 -36.33 -27.64
C ASN C 158 -16.06 -36.32 -27.98
N VAL C 159 -16.91 -36.34 -26.97
CA VAL C 159 -18.34 -36.30 -27.21
C VAL C 159 -18.75 -34.90 -27.62
N ILE C 160 -18.56 -33.92 -26.74
CA ILE C 160 -18.94 -32.55 -27.07
C ILE C 160 -18.07 -32.06 -28.23
N SER C 161 -16.83 -32.54 -28.31
CA SER C 161 -15.92 -32.16 -29.39
C SER C 161 -16.50 -32.50 -30.77
N SER C 162 -17.05 -33.71 -30.91
CA SER C 162 -17.61 -34.10 -32.19
C SER C 162 -18.74 -33.15 -32.60
N ILE C 163 -19.56 -32.77 -31.63
CA ILE C 163 -20.69 -31.86 -31.85
C ILE C 163 -20.26 -30.45 -32.25
N VAL C 164 -19.30 -29.92 -31.50
CA VAL C 164 -18.79 -28.58 -31.71
C VAL C 164 -17.78 -28.44 -32.84
N PHE C 165 -16.87 -29.41 -32.95
CA PHE C 165 -15.84 -29.37 -33.98
C PHE C 165 -16.11 -30.29 -35.15
N GLY C 166 -17.21 -31.04 -35.10
CA GLY C 166 -17.55 -31.93 -36.19
C GLY C 166 -16.79 -33.24 -36.26
N ASP C 167 -16.01 -33.55 -35.23
CA ASP C 167 -15.26 -34.79 -35.19
C ASP C 167 -14.48 -34.95 -33.89
N ARG C 168 -14.12 -36.19 -33.58
CA ARG C 168 -13.39 -36.50 -32.36
C ARG C 168 -11.89 -36.32 -32.52
N PHE C 169 -11.20 -36.21 -31.39
CA PHE C 169 -9.75 -36.07 -31.35
C PHE C 169 -9.18 -37.48 -31.24
N ASP C 170 -8.06 -37.72 -31.89
CA ASP C 170 -7.43 -39.02 -31.80
C ASP C 170 -6.73 -39.07 -30.44
N TYR C 171 -6.87 -40.19 -29.73
CA TYR C 171 -6.25 -40.33 -28.40
C TYR C 171 -4.75 -40.08 -28.38
N LYS C 172 -4.13 -40.02 -29.57
CA LYS C 172 -2.70 -39.81 -29.66
C LYS C 172 -2.35 -38.34 -29.83
N ASP C 173 -3.30 -37.56 -30.34
CA ASP C 173 -3.11 -36.13 -30.58
C ASP C 173 -2.55 -35.41 -29.35
N LYS C 174 -1.31 -34.94 -29.44
CA LYS C 174 -0.68 -34.24 -28.34
C LYS C 174 -1.38 -32.93 -28.01
N GLU C 175 -1.85 -32.23 -29.03
CA GLU C 175 -2.54 -30.97 -28.82
C GLU C 175 -3.83 -31.22 -28.04
N PHE C 176 -4.42 -32.39 -28.26
CA PHE C 176 -5.65 -32.77 -27.57
C PHE C 176 -5.34 -32.93 -26.10
N LEU C 177 -4.22 -33.57 -25.78
CA LEU C 177 -3.83 -33.77 -24.39
C LEU C 177 -3.58 -32.41 -23.74
N SER C 178 -2.91 -31.52 -24.48
CA SER C 178 -2.59 -30.19 -24.01
C SER C 178 -3.84 -29.43 -23.58
N LEU C 179 -4.87 -29.46 -24.42
CA LEU C 179 -6.13 -28.77 -24.13
C LEU C 179 -6.75 -29.35 -22.86
N LEU C 180 -6.70 -30.68 -22.74
CA LEU C 180 -7.26 -31.36 -21.58
C LEU C 180 -6.55 -30.93 -20.30
N ARG C 181 -5.24 -30.69 -20.39
CA ARG C 181 -4.49 -30.25 -19.23
C ARG C 181 -4.86 -28.82 -18.88
N MET C 182 -5.16 -28.02 -19.90
CA MET C 182 -5.55 -26.63 -19.65
C MET C 182 -6.86 -26.61 -18.89
N MET C 183 -7.78 -27.48 -19.27
CA MET C 183 -9.08 -27.52 -18.58
C MET C 183 -8.97 -28.07 -17.17
N LEU C 184 -8.15 -29.09 -16.97
CA LEU C 184 -7.96 -29.65 -15.64
C LEU C 184 -7.35 -28.56 -14.76
N GLY C 185 -6.39 -27.84 -15.36
CA GLY C 185 -5.71 -26.77 -14.66
C GLY C 185 -6.57 -25.60 -14.22
N ILE C 186 -7.50 -25.15 -15.06
CA ILE C 186 -8.34 -24.03 -14.68
C ILE C 186 -9.35 -24.47 -13.62
N PHE C 187 -9.80 -25.72 -13.70
CA PHE C 187 -10.75 -26.22 -12.69
C PHE C 187 -10.05 -26.31 -11.35
N GLN C 188 -8.81 -26.80 -11.36
CA GLN C 188 -8.05 -26.90 -10.12
C GLN C 188 -7.76 -25.52 -9.56
N PHE C 189 -7.24 -24.62 -10.41
CA PHE C 189 -6.93 -23.28 -9.93
C PHE C 189 -8.10 -22.56 -9.27
N THR C 190 -9.24 -22.50 -9.97
CA THR C 190 -10.42 -21.81 -9.42
C THR C 190 -10.95 -22.48 -8.17
N SER C 191 -10.40 -23.64 -7.84
CA SER C 191 -10.80 -24.39 -6.66
C SER C 191 -9.80 -24.31 -5.52
N THR C 192 -8.68 -23.61 -5.75
CA THR C 192 -7.66 -23.47 -4.72
C THR C 192 -7.88 -22.19 -3.92
N SER C 193 -7.14 -22.08 -2.82
CA SER C 193 -7.23 -20.89 -1.97
C SER C 193 -6.92 -19.62 -2.77
N THR C 194 -5.89 -19.65 -3.60
CA THR C 194 -5.53 -18.47 -4.39
C THR C 194 -6.64 -18.17 -5.39
N GLY C 195 -7.23 -19.22 -5.94
CA GLY C 195 -8.32 -19.05 -6.90
C GLY C 195 -9.54 -18.38 -6.27
N GLN C 196 -9.81 -18.68 -5.01
CA GLN C 196 -10.96 -18.07 -4.34
C GLN C 196 -10.61 -16.69 -3.79
N LEU C 197 -9.33 -16.48 -3.51
CA LEU C 197 -8.88 -15.17 -3.04
C LEU C 197 -9.08 -14.24 -4.25
N TYR C 198 -8.80 -14.80 -5.44
CA TYR C 198 -8.93 -14.03 -6.67
C TYR C 198 -10.36 -13.53 -6.90
N GLU C 199 -11.35 -14.30 -6.46
CA GLU C 199 -12.75 -13.88 -6.62
C GLU C 199 -13.07 -12.65 -5.77
N MET C 200 -12.25 -12.40 -4.76
CA MET C 200 -12.44 -11.26 -3.87
C MET C 200 -11.58 -10.07 -4.28
N PHE C 201 -10.35 -10.35 -4.72
CA PHE C 201 -9.42 -9.28 -5.04
C PHE C 201 -8.84 -9.25 -6.44
N SER C 202 -9.63 -9.66 -7.42
CA SER C 202 -9.16 -9.70 -8.80
C SER C 202 -8.64 -8.37 -9.34
N SER C 203 -9.27 -7.25 -8.95
CA SER C 203 -8.85 -5.94 -9.44
C SER C 203 -7.36 -5.67 -9.18
N VAL C 204 -6.84 -6.25 -8.11
CA VAL C 204 -5.44 -6.10 -7.74
C VAL C 204 -4.62 -7.30 -8.21
N MET C 205 -5.10 -8.51 -7.89
CA MET C 205 -4.40 -9.74 -8.25
C MET C 205 -4.17 -10.02 -9.74
N LYS C 206 -5.00 -9.47 -10.62
CA LYS C 206 -4.80 -9.72 -12.05
C LYS C 206 -3.53 -9.07 -12.56
N HIS C 207 -2.97 -8.16 -11.76
CA HIS C 207 -1.74 -7.45 -12.11
C HIS C 207 -0.56 -7.95 -11.27
N LEU C 208 -0.80 -8.99 -10.46
CA LEU C 208 0.25 -9.54 -9.62
C LEU C 208 0.71 -10.93 -10.06
N PRO C 209 2.01 -11.23 -9.87
CA PRO C 209 2.49 -12.56 -10.27
C PRO C 209 1.90 -13.59 -9.31
N GLY C 210 1.82 -14.83 -9.77
CA GLY C 210 1.28 -15.88 -8.93
C GLY C 210 0.55 -16.89 -9.78
N PRO C 211 -0.09 -17.89 -9.16
CA PRO C 211 -0.83 -18.94 -9.86
C PRO C 211 -1.92 -18.41 -10.81
N GLN C 212 -2.50 -17.25 -10.51
CA GLN C 212 -3.54 -16.72 -11.39
C GLN C 212 -2.96 -16.44 -12.77
N GLN C 213 -1.73 -15.97 -12.82
CA GLN C 213 -1.13 -15.66 -14.12
C GLN C 213 -1.04 -16.92 -14.97
N GLN C 214 -0.69 -18.05 -14.37
CA GLN C 214 -0.61 -19.30 -15.11
C GLN C 214 -2.04 -19.68 -15.55
N ALA C 215 -3.01 -19.44 -14.67
CA ALA C 215 -4.39 -19.75 -14.99
C ALA C 215 -4.85 -18.97 -16.23
N PHE C 216 -4.50 -17.68 -16.30
CA PHE C 216 -4.89 -16.88 -17.45
C PHE C 216 -4.30 -17.46 -18.73
N GLN C 217 -3.06 -17.95 -18.63
CA GLN C 217 -2.39 -18.55 -19.79
C GLN C 217 -3.11 -19.80 -20.27
N LEU C 218 -3.67 -20.59 -19.36
CA LEU C 218 -4.41 -21.78 -19.76
C LEU C 218 -5.67 -21.37 -20.50
N LEU C 219 -6.34 -20.32 -20.00
CA LEU C 219 -7.57 -19.80 -20.63
C LEU C 219 -7.23 -19.24 -22.01
N GLN C 220 -6.11 -18.54 -22.09
CA GLN C 220 -5.66 -17.95 -23.35
C GLN C 220 -5.43 -19.09 -24.33
N GLY C 221 -4.82 -20.18 -23.86
CA GLY C 221 -4.56 -21.32 -24.71
C GLY C 221 -5.84 -21.94 -25.26
N LEU C 222 -6.86 -22.06 -24.42
CA LEU C 222 -8.12 -22.64 -24.84
C LEU C 222 -8.79 -21.71 -25.85
N GLU C 223 -8.74 -20.41 -25.58
CA GLU C 223 -9.33 -19.44 -26.48
C GLU C 223 -8.63 -19.45 -27.84
N ASP C 224 -7.30 -19.46 -27.83
CA ASP C 224 -6.54 -19.49 -29.08
C ASP C 224 -6.94 -20.71 -29.90
N PHE C 225 -7.09 -21.85 -29.23
CA PHE C 225 -7.47 -23.05 -29.93
C PHE C 225 -8.86 -22.94 -30.57
N ILE C 226 -9.83 -22.42 -29.81
CA ILE C 226 -11.17 -22.28 -30.35
C ILE C 226 -11.22 -21.30 -31.52
N ALA C 227 -10.48 -20.20 -31.40
CA ALA C 227 -10.43 -19.19 -32.45
C ALA C 227 -9.90 -19.79 -33.74
N LYS C 228 -8.86 -20.61 -33.63
CA LYS C 228 -8.25 -21.25 -34.78
C LYS C 228 -9.23 -22.18 -35.47
N LYS C 229 -9.98 -22.94 -34.67
CA LYS C 229 -10.96 -23.87 -35.23
C LYS C 229 -12.05 -23.12 -35.97
N VAL C 230 -12.51 -22.02 -35.38
CA VAL C 230 -13.55 -21.20 -36.00
C VAL C 230 -13.03 -20.62 -37.32
N GLU C 231 -11.78 -20.17 -37.30
CA GLU C 231 -11.19 -19.61 -38.50
C GLU C 231 -11.11 -20.64 -39.62
N HIS C 232 -10.73 -21.87 -39.28
CA HIS C 232 -10.65 -22.93 -40.27
C HIS C 232 -12.04 -23.28 -40.80
N ASN C 233 -13.05 -23.24 -39.94
CA ASN C 233 -14.41 -23.55 -40.38
C ASN C 233 -14.91 -22.48 -41.34
N GLN C 234 -14.61 -21.21 -41.05
CA GLN C 234 -15.05 -20.12 -41.91
C GLN C 234 -14.47 -20.24 -43.31
N ARG C 235 -13.21 -20.65 -43.40
CA ARG C 235 -12.53 -20.80 -44.69
C ARG C 235 -12.99 -22.01 -45.49
N THR C 236 -13.78 -22.88 -44.88
CA THR C 236 -14.23 -24.08 -45.56
C THR C 236 -15.73 -24.32 -45.40
N LEU C 237 -16.44 -23.32 -44.90
CA LEU C 237 -17.88 -23.43 -44.67
C LEU C 237 -18.74 -23.66 -45.91
N ASP C 238 -19.75 -24.49 -45.75
CA ASP C 238 -20.73 -24.78 -46.81
C ASP C 238 -22.04 -24.36 -46.15
N PRO C 239 -22.53 -23.15 -46.45
CA PRO C 239 -23.77 -22.58 -45.90
C PRO C 239 -24.98 -23.49 -45.96
N ASN C 240 -24.97 -24.45 -46.89
CA ASN C 240 -26.10 -25.36 -47.04
C ASN C 240 -25.94 -26.68 -46.30
N SER C 241 -24.76 -26.88 -45.72
CA SER C 241 -24.50 -28.13 -45.02
C SER C 241 -23.54 -27.97 -43.84
N PRO C 242 -24.06 -27.54 -42.68
CA PRO C 242 -23.22 -27.35 -41.50
C PRO C 242 -22.65 -28.68 -40.99
N ARG C 243 -21.35 -28.67 -40.71
CA ARG C 243 -20.66 -29.87 -40.21
C ARG C 243 -20.74 -29.96 -38.70
N ASP C 244 -20.87 -28.82 -38.03
CA ASP C 244 -20.90 -28.79 -36.57
C ASP C 244 -21.57 -27.54 -35.99
N PHE C 245 -21.47 -27.38 -34.68
CA PHE C 245 -22.05 -26.23 -33.97
C PHE C 245 -21.49 -24.92 -34.53
N ILE C 246 -20.18 -24.89 -34.76
CA ILE C 246 -19.54 -23.69 -35.28
C ILE C 246 -20.15 -23.29 -36.62
N ASP C 247 -20.29 -24.24 -37.56
CA ASP C 247 -20.88 -23.94 -38.86
C ASP C 247 -22.30 -23.39 -38.75
N SER C 248 -23.10 -23.99 -37.88
CA SER C 248 -24.48 -23.54 -37.70
C SER C 248 -24.49 -22.10 -37.21
N PHE C 249 -23.59 -21.79 -36.28
CA PHE C 249 -23.50 -20.44 -35.73
C PHE C 249 -23.05 -19.47 -36.82
N LEU C 250 -22.03 -19.86 -37.59
CA LEU C 250 -21.53 -19.02 -38.68
C LEU C 250 -22.63 -18.71 -39.71
N ILE C 251 -23.48 -19.70 -39.97
CA ILE C 251 -24.58 -19.52 -40.91
C ILE C 251 -25.57 -18.51 -40.33
N ARG C 252 -25.87 -18.64 -39.03
CA ARG C 252 -26.78 -17.71 -38.39
C ARG C 252 -26.19 -16.32 -38.50
N MET C 253 -24.87 -16.22 -38.33
CA MET C 253 -24.19 -14.94 -38.42
C MET C 253 -24.39 -14.29 -39.79
N GLN C 254 -24.36 -15.11 -40.85
CA GLN C 254 -24.55 -14.57 -42.19
C GLN C 254 -25.98 -14.05 -42.32
N GLU C 255 -26.93 -14.84 -41.83
CA GLU C 255 -28.34 -14.48 -41.89
C GLU C 255 -28.67 -13.25 -41.05
N GLU C 256 -27.83 -12.97 -40.06
CA GLU C 256 -28.03 -11.84 -39.16
C GLU C 256 -27.27 -10.56 -39.51
N GLU C 257 -26.43 -10.61 -40.54
CA GLU C 257 -25.66 -9.42 -40.89
C GLU C 257 -26.54 -8.21 -41.18
N LYS C 258 -27.80 -8.46 -41.56
CA LYS C 258 -28.75 -7.39 -41.84
C LYS C 258 -29.31 -6.80 -40.55
N ASN C 259 -29.04 -7.47 -39.43
CA ASN C 259 -29.52 -7.02 -38.13
C ASN C 259 -28.47 -6.22 -37.37
N PRO C 260 -28.75 -4.93 -37.12
CA PRO C 260 -27.86 -4.01 -36.41
C PRO C 260 -27.62 -4.34 -34.94
N ASN C 261 -28.59 -5.02 -34.31
CA ASN C 261 -28.48 -5.35 -32.90
C ASN C 261 -28.26 -6.84 -32.64
N THR C 262 -27.91 -7.58 -33.68
CA THR C 262 -27.71 -9.01 -33.56
C THR C 262 -26.67 -9.38 -32.51
N GLU C 263 -26.89 -10.50 -31.85
CA GLU C 263 -25.97 -11.00 -30.83
C GLU C 263 -25.09 -12.07 -31.47
N PHE C 264 -25.36 -12.36 -32.73
CA PHE C 264 -24.61 -13.37 -33.47
C PHE C 264 -23.43 -12.81 -34.25
N TYR C 265 -22.28 -12.76 -33.59
CA TYR C 265 -21.05 -12.28 -34.19
C TYR C 265 -19.91 -13.13 -33.63
N LEU C 266 -18.77 -13.09 -34.30
CA LEU C 266 -17.59 -13.87 -33.94
C LEU C 266 -17.28 -14.07 -32.46
N LYS C 267 -17.16 -12.96 -31.72
CA LYS C 267 -16.84 -13.03 -30.29
C LYS C 267 -17.79 -13.93 -29.51
N ASN C 268 -19.10 -13.79 -29.72
CA ASN C 268 -20.06 -14.64 -29.00
C ASN C 268 -19.95 -16.08 -29.47
N LEU C 269 -19.53 -16.28 -30.71
CA LEU C 269 -19.36 -17.64 -31.22
C LEU C 269 -18.17 -18.31 -30.53
N VAL C 270 -17.05 -17.59 -30.46
CA VAL C 270 -15.86 -18.15 -29.83
C VAL C 270 -16.10 -18.50 -28.36
N MET C 271 -16.64 -17.56 -27.60
CA MET C 271 -16.89 -17.80 -26.19
C MET C 271 -17.96 -18.87 -25.95
N THR C 272 -19.01 -18.89 -26.76
CA THR C 272 -20.06 -19.89 -26.59
C THR C 272 -19.48 -21.27 -26.86
N THR C 273 -18.67 -21.36 -27.93
CA THR C 273 -18.06 -22.64 -28.29
C THR C 273 -17.15 -23.07 -27.14
N LEU C 274 -16.38 -22.13 -26.61
CA LEU C 274 -15.48 -22.44 -25.49
C LEU C 274 -16.30 -22.84 -24.25
N ASN C 275 -17.47 -22.21 -24.04
CA ASN C 275 -18.33 -22.56 -22.89
C ASN C 275 -18.69 -24.05 -22.94
N LEU C 276 -19.12 -24.50 -24.09
CA LEU C 276 -19.51 -25.90 -24.29
C LEU C 276 -18.34 -26.86 -24.14
N PHE C 277 -17.23 -26.51 -24.79
CA PHE C 277 -16.02 -27.34 -24.74
C PHE C 277 -15.56 -27.54 -23.30
N ILE C 278 -15.46 -26.45 -22.54
CA ILE C 278 -15.03 -26.55 -21.15
C ILE C 278 -16.12 -27.10 -20.24
N GLY C 279 -17.28 -26.45 -20.28
CA GLY C 279 -18.38 -26.89 -19.44
C GLY C 279 -18.83 -28.32 -19.70
N GLY C 280 -18.73 -28.76 -20.95
CA GLY C 280 -19.15 -30.11 -21.29
C GLY C 280 -18.10 -31.19 -21.13
N THR C 281 -16.89 -30.79 -20.73
CA THR C 281 -15.80 -31.74 -20.56
C THR C 281 -15.43 -32.03 -19.11
N GLU C 282 -14.84 -31.02 -18.46
CA GLU C 282 -14.37 -31.15 -17.09
C GLU C 282 -15.42 -31.51 -16.04
N THR C 283 -16.66 -31.09 -16.24
CA THR C 283 -17.72 -31.42 -15.29
C THR C 283 -18.00 -32.92 -15.24
N VAL C 284 -18.25 -33.50 -16.41
CA VAL C 284 -18.53 -34.93 -16.53
C VAL C 284 -17.29 -35.74 -16.17
N SER C 285 -16.13 -35.25 -16.59
CA SER C 285 -14.87 -35.94 -16.31
C SER C 285 -14.63 -36.05 -14.80
N THR C 286 -14.74 -34.93 -14.10
CA THR C 286 -14.52 -34.92 -12.65
C THR C 286 -15.50 -35.88 -11.97
N THR C 287 -16.75 -35.85 -12.41
CA THR C 287 -17.78 -36.74 -11.86
C THR C 287 -17.40 -38.22 -12.00
N LEU C 288 -16.98 -38.61 -13.20
CA LEU C 288 -16.59 -39.99 -13.46
C LEU C 288 -15.42 -40.40 -12.57
N ARG C 289 -14.44 -39.51 -12.48
CA ARG C 289 -13.23 -39.75 -11.69
C ARG C 289 -13.59 -39.92 -10.21
N TYR C 290 -14.53 -39.12 -9.72
CA TYR C 290 -14.95 -39.20 -8.33
C TYR C 290 -15.77 -40.48 -8.14
N GLY C 291 -16.67 -40.76 -9.08
CA GLY C 291 -17.50 -41.94 -9.00
C GLY C 291 -16.75 -43.25 -8.84
N PHE C 292 -15.72 -43.46 -9.65
CA PHE C 292 -14.93 -44.70 -9.57
C PHE C 292 -14.20 -44.78 -8.23
N LEU C 293 -13.76 -43.64 -7.71
CA LEU C 293 -13.07 -43.64 -6.44
C LEU C 293 -14.04 -44.09 -5.36
N LEU C 294 -15.26 -43.55 -5.41
CA LEU C 294 -16.30 -43.87 -4.45
C LEU C 294 -16.68 -45.34 -4.52
N LEU C 295 -16.68 -45.89 -5.73
CA LEU C 295 -17.03 -47.30 -5.93
C LEU C 295 -15.99 -48.24 -5.33
N MET C 296 -14.71 -47.89 -5.42
CA MET C 296 -13.66 -48.71 -4.86
C MET C 296 -13.71 -48.59 -3.33
N LYS C 297 -14.24 -47.46 -2.87
CA LYS C 297 -14.38 -47.19 -1.44
C LYS C 297 -15.52 -48.04 -0.89
N HIS C 298 -16.50 -48.34 -1.75
CA HIS C 298 -17.66 -49.14 -1.35
C HIS C 298 -17.86 -50.33 -2.29
N PRO C 299 -17.01 -51.36 -2.16
CA PRO C 299 -17.09 -52.58 -2.99
C PRO C 299 -18.49 -53.18 -3.07
N GLU C 300 -19.22 -53.08 -1.97
CA GLU C 300 -20.57 -53.63 -1.91
C GLU C 300 -21.51 -52.96 -2.90
N VAL C 301 -21.25 -51.69 -3.21
CA VAL C 301 -22.08 -50.97 -4.17
C VAL C 301 -21.72 -51.42 -5.58
N GLU C 302 -20.43 -51.64 -5.82
CA GLU C 302 -19.97 -52.10 -7.13
C GLU C 302 -20.50 -53.50 -7.42
N ALA C 303 -20.62 -54.31 -6.37
CA ALA C 303 -21.12 -55.69 -6.53
C ALA C 303 -22.57 -55.65 -6.98
N LYS C 304 -23.37 -54.80 -6.34
CA LYS C 304 -24.78 -54.65 -6.68
C LYS C 304 -24.90 -54.16 -8.11
N VAL C 305 -24.06 -53.20 -8.48
CA VAL C 305 -24.05 -52.65 -9.83
C VAL C 305 -23.79 -53.77 -10.84
N HIS C 306 -22.75 -54.56 -10.59
CA HIS C 306 -22.41 -55.67 -11.48
C HIS C 306 -23.61 -56.59 -11.66
N GLU C 307 -24.20 -56.99 -10.53
CA GLU C 307 -25.36 -57.87 -10.54
C GLU C 307 -26.47 -57.35 -11.44
N GLU C 308 -26.80 -56.07 -11.29
CA GLU C 308 -27.85 -55.46 -12.11
C GLU C 308 -27.48 -55.32 -13.57
N ILE C 309 -26.20 -55.08 -13.85
CA ILE C 309 -25.74 -54.95 -15.23
C ILE C 309 -25.78 -56.32 -15.92
N ASP C 310 -25.30 -57.35 -15.22
CA ASP C 310 -25.27 -58.70 -15.76
C ASP C 310 -26.67 -59.24 -15.97
N ARG C 311 -27.59 -58.82 -15.12
CA ARG C 311 -28.97 -59.28 -15.21
C ARG C 311 -29.83 -58.54 -16.24
N VAL C 312 -29.61 -57.23 -16.38
CA VAL C 312 -30.40 -56.45 -17.31
C VAL C 312 -29.79 -56.30 -18.70
N ILE C 313 -28.48 -56.21 -18.79
CA ILE C 313 -27.81 -56.05 -20.09
C ILE C 313 -27.02 -57.27 -20.54
N GLY C 314 -26.32 -57.90 -19.61
CA GLY C 314 -25.53 -59.07 -19.95
C GLY C 314 -24.10 -58.69 -20.29
N LYS C 315 -23.54 -59.33 -21.31
CA LYS C 315 -22.17 -59.07 -21.73
C LYS C 315 -22.00 -59.19 -23.25
N ASN C 316 -23.08 -59.49 -23.96
CA ASN C 316 -23.03 -59.64 -25.41
C ASN C 316 -23.49 -58.36 -26.10
N ARG C 317 -24.10 -57.48 -25.33
CA ARG C 317 -24.59 -56.21 -25.87
C ARG C 317 -24.01 -55.03 -25.10
N GLN C 318 -23.82 -53.92 -25.79
CA GLN C 318 -23.31 -52.73 -25.15
C GLN C 318 -24.51 -51.97 -24.59
N PRO C 319 -24.33 -51.30 -23.45
CA PRO C 319 -25.44 -50.55 -22.84
C PRO C 319 -25.97 -49.45 -23.76
N LYS C 320 -27.26 -49.15 -23.61
CA LYS C 320 -27.90 -48.09 -24.39
C LYS C 320 -28.69 -47.28 -23.36
N PHE C 321 -28.93 -46.02 -23.65
CA PHE C 321 -29.63 -45.16 -22.68
C PHE C 321 -30.92 -45.74 -22.12
N GLU C 322 -31.65 -46.48 -22.94
CA GLU C 322 -32.91 -47.08 -22.51
C GLU C 322 -32.77 -48.04 -21.33
N ASP C 323 -31.67 -48.79 -21.29
CA ASP C 323 -31.44 -49.74 -20.21
C ASP C 323 -31.65 -49.09 -18.85
N ARG C 324 -31.49 -47.77 -18.80
CA ARG C 324 -31.65 -46.99 -17.59
C ARG C 324 -33.00 -47.30 -16.93
N ALA C 325 -34.03 -47.44 -17.77
CA ALA C 325 -35.39 -47.72 -17.31
C ALA C 325 -35.51 -48.93 -16.40
N LYS C 326 -34.71 -49.96 -16.66
CA LYS C 326 -34.74 -51.18 -15.85
C LYS C 326 -33.56 -51.31 -14.91
N MET C 327 -32.88 -50.20 -14.64
CA MET C 327 -31.72 -50.25 -13.75
C MET C 327 -31.77 -49.18 -12.65
N PRO C 328 -32.69 -49.35 -11.68
CA PRO C 328 -32.85 -48.39 -10.59
C PRO C 328 -31.63 -48.28 -9.68
N TYR C 329 -30.89 -49.36 -9.50
CA TYR C 329 -29.71 -49.28 -8.65
C TYR C 329 -28.63 -48.44 -9.31
N MET C 330 -28.40 -48.66 -10.60
CA MET C 330 -27.39 -47.91 -11.33
C MET C 330 -27.79 -46.43 -11.33
N GLU C 331 -29.08 -46.17 -11.56
CA GLU C 331 -29.61 -44.82 -11.58
C GLU C 331 -29.34 -44.10 -10.26
N ALA C 332 -29.62 -44.79 -9.15
CA ALA C 332 -29.42 -44.24 -7.82
C ALA C 332 -27.93 -44.05 -7.50
N VAL C 333 -27.09 -44.99 -7.93
CA VAL C 333 -25.64 -44.89 -7.69
C VAL C 333 -25.07 -43.65 -8.37
N ILE C 334 -25.51 -43.41 -9.61
CA ILE C 334 -25.06 -42.27 -10.38
C ILE C 334 -25.56 -40.97 -9.73
N HIS C 335 -26.80 -40.98 -9.26
CA HIS C 335 -27.35 -39.80 -8.58
C HIS C 335 -26.57 -39.54 -7.31
N GLU C 336 -26.26 -40.60 -6.57
CA GLU C 336 -25.51 -40.47 -5.32
C GLU C 336 -24.10 -39.97 -5.59
N ILE C 337 -23.53 -40.39 -6.73
CA ILE C 337 -22.19 -39.95 -7.11
C ILE C 337 -22.23 -38.45 -7.35
N GLN C 338 -23.26 -37.98 -8.04
CA GLN C 338 -23.39 -36.55 -8.32
C GLN C 338 -23.70 -35.76 -7.06
N ARG C 339 -24.51 -36.35 -6.17
CA ARG C 339 -24.88 -35.68 -4.93
C ARG C 339 -23.65 -35.56 -4.03
N PHE C 340 -22.92 -36.66 -3.88
CA PHE C 340 -21.74 -36.68 -3.04
C PHE C 340 -20.61 -35.85 -3.66
N GLY C 341 -20.39 -36.02 -4.96
CA GLY C 341 -19.34 -35.28 -5.66
C GLY C 341 -19.46 -33.77 -5.56
N ASP C 342 -20.69 -33.25 -5.60
CA ASP C 342 -20.93 -31.82 -5.49
C ASP C 342 -19.90 -31.05 -6.35
N VAL C 343 -19.76 -31.48 -7.61
CA VAL C 343 -18.79 -30.91 -8.54
C VAL C 343 -18.76 -29.38 -8.66
N ILE C 344 -19.93 -28.75 -8.73
CA ILE C 344 -20.00 -27.29 -8.80
C ILE C 344 -20.76 -26.87 -7.53
N PRO C 345 -20.04 -26.84 -6.39
CA PRO C 345 -20.57 -26.50 -5.06
C PRO C 345 -21.38 -25.22 -4.87
N MET C 346 -20.96 -24.15 -5.52
CA MET C 346 -21.67 -22.88 -5.37
C MET C 346 -22.30 -22.47 -6.70
N SER C 347 -22.46 -23.44 -7.59
CA SER C 347 -23.07 -23.21 -8.90
C SER C 347 -22.28 -22.11 -9.60
N LEU C 348 -22.92 -21.51 -10.61
CA LEU C 348 -22.35 -20.36 -11.30
C LEU C 348 -23.27 -19.26 -10.77
N ALA C 349 -22.67 -18.18 -10.28
CA ALA C 349 -23.43 -17.08 -9.68
C ALA C 349 -24.59 -16.52 -10.49
N ARG C 350 -25.65 -16.12 -9.77
CA ARG C 350 -26.82 -15.50 -10.38
C ARG C 350 -26.73 -14.02 -10.03
N ARG C 351 -27.75 -13.26 -10.42
CA ARG C 351 -27.82 -11.83 -10.17
C ARG C 351 -29.30 -11.47 -10.26
N VAL C 352 -29.79 -10.61 -9.37
CA VAL C 352 -31.20 -10.24 -9.44
C VAL C 352 -31.42 -9.27 -10.61
N LYS C 353 -32.38 -9.61 -11.46
CA LYS C 353 -32.72 -8.81 -12.63
C LYS C 353 -33.16 -7.38 -12.31
N LYS C 354 -33.94 -7.22 -11.24
CA LYS C 354 -34.44 -5.91 -10.84
C LYS C 354 -34.56 -5.85 -9.32
N ASP C 355 -34.95 -4.69 -8.79
CA ASP C 355 -35.12 -4.57 -7.35
C ASP C 355 -36.02 -5.75 -7.01
N THR C 356 -35.69 -6.46 -5.94
CA THR C 356 -36.49 -7.61 -5.58
C THR C 356 -36.72 -7.74 -4.10
N LYS C 357 -37.88 -8.31 -3.76
CA LYS C 357 -38.24 -8.58 -2.38
C LYS C 357 -38.11 -10.09 -2.26
N PHE C 358 -37.24 -10.54 -1.36
CA PHE C 358 -37.05 -11.97 -1.15
C PHE C 358 -37.19 -12.22 0.34
N ARG C 359 -38.19 -13.00 0.70
CA ARG C 359 -38.49 -13.27 2.10
C ARG C 359 -38.63 -11.89 2.74
N ASP C 360 -37.94 -11.62 3.85
CA ASP C 360 -38.09 -10.30 4.46
C ASP C 360 -37.02 -9.31 4.02
N PHE C 361 -36.34 -9.62 2.92
CA PHE C 361 -35.26 -8.75 2.45
C PHE C 361 -35.50 -8.05 1.12
N PHE C 362 -34.71 -6.99 0.91
CA PHE C 362 -34.77 -6.19 -0.31
C PHE C 362 -33.43 -6.35 -1.04
N LEU C 363 -33.48 -6.91 -2.25
CA LEU C 363 -32.27 -7.08 -3.03
C LEU C 363 -32.21 -6.10 -4.19
N PRO C 364 -31.33 -5.09 -4.09
CA PRO C 364 -31.17 -4.08 -5.14
C PRO C 364 -30.82 -4.72 -6.48
N LYS C 365 -31.28 -4.11 -7.56
CA LYS C 365 -31.00 -4.62 -8.90
C LYS C 365 -29.49 -4.85 -9.06
N GLY C 366 -29.13 -5.96 -9.70
CA GLY C 366 -27.72 -6.26 -9.92
C GLY C 366 -27.02 -7.02 -8.81
N THR C 367 -27.71 -7.22 -7.68
CA THR C 367 -27.13 -7.94 -6.55
C THR C 367 -26.72 -9.35 -6.95
N GLU C 368 -25.45 -9.67 -6.73
CA GLU C 368 -24.95 -10.99 -7.06
C GLU C 368 -25.48 -12.01 -6.08
N VAL C 369 -25.72 -13.22 -6.56
CA VAL C 369 -26.26 -14.27 -5.73
C VAL C 369 -25.50 -15.59 -5.87
N TYR C 370 -25.14 -16.18 -4.73
CA TYR C 370 -24.46 -17.46 -4.71
C TYR C 370 -25.42 -18.57 -4.25
N PRO C 371 -25.92 -19.38 -5.20
CA PRO C 371 -26.83 -20.45 -4.80
C PRO C 371 -25.93 -21.60 -4.36
N MET C 372 -25.92 -21.94 -3.08
CA MET C 372 -25.05 -22.99 -2.58
C MET C 372 -25.62 -24.39 -2.82
N LEU C 373 -25.46 -24.87 -4.05
CA LEU C 373 -25.96 -26.18 -4.47
C LEU C 373 -25.53 -27.28 -3.50
N GLY C 374 -24.27 -27.23 -3.09
CA GLY C 374 -23.75 -28.22 -2.16
C GLY C 374 -24.54 -28.28 -0.86
N SER C 375 -25.10 -27.16 -0.43
CA SER C 375 -25.89 -27.16 0.81
C SER C 375 -27.25 -27.78 0.57
N VAL C 376 -27.63 -27.87 -0.70
CA VAL C 376 -28.90 -28.49 -1.06
C VAL C 376 -28.62 -30.00 -1.14
N LEU C 377 -27.55 -30.35 -1.86
CA LEU C 377 -27.18 -31.74 -2.03
C LEU C 377 -26.92 -32.44 -0.69
N ARG C 378 -26.57 -31.67 0.35
CA ARG C 378 -26.33 -32.24 1.68
C ARG C 378 -27.38 -31.77 2.67
N ASP C 379 -28.52 -31.28 2.20
CA ASP C 379 -29.55 -30.79 3.10
C ASP C 379 -30.11 -31.95 3.94
N PRO C 380 -29.90 -31.91 5.26
CA PRO C 380 -30.37 -32.94 6.19
C PRO C 380 -31.87 -33.20 6.22
N SER C 381 -32.66 -32.30 5.64
CA SER C 381 -34.10 -32.49 5.59
C SER C 381 -34.47 -33.33 4.36
N PHE C 382 -33.50 -33.55 3.48
CA PHE C 382 -33.76 -34.33 2.27
C PHE C 382 -32.95 -35.62 2.17
N PHE C 383 -31.87 -35.72 2.94
CA PHE C 383 -31.03 -36.91 2.91
C PHE C 383 -30.65 -37.31 4.33
N SER C 384 -31.00 -38.53 4.70
CA SER C 384 -30.73 -39.06 6.04
C SER C 384 -29.27 -39.01 6.46
N ASN C 385 -28.37 -39.41 5.57
CA ASN C 385 -26.94 -39.41 5.90
C ASN C 385 -26.17 -38.59 4.86
N PRO C 386 -26.47 -37.30 4.77
CA PRO C 386 -25.84 -36.37 3.82
C PRO C 386 -24.34 -36.47 3.63
N GLN C 387 -23.62 -36.86 4.68
CA GLN C 387 -22.17 -36.96 4.60
C GLN C 387 -21.65 -38.34 4.18
N ASP C 388 -22.56 -39.29 3.99
CA ASP C 388 -22.16 -40.63 3.59
C ASP C 388 -22.48 -40.90 2.14
N PHE C 389 -21.71 -41.79 1.51
CA PHE C 389 -21.98 -42.16 0.13
C PHE C 389 -22.91 -43.36 0.27
N ASN C 390 -24.19 -43.15 -0.06
CA ASN C 390 -25.17 -44.22 0.07
C ASN C 390 -26.27 -44.14 -0.97
N PRO C 391 -26.23 -45.01 -1.98
CA PRO C 391 -27.22 -45.05 -3.06
C PRO C 391 -28.66 -45.10 -2.55
N GLN C 392 -28.84 -45.57 -1.32
CA GLN C 392 -30.18 -45.67 -0.73
C GLN C 392 -30.91 -44.32 -0.75
N HIS C 393 -30.13 -43.23 -0.76
CA HIS C 393 -30.69 -41.88 -0.80
C HIS C 393 -31.65 -41.70 -1.99
N PHE C 394 -31.43 -42.48 -3.04
CA PHE C 394 -32.26 -42.39 -4.24
C PHE C 394 -32.95 -43.71 -4.54
N LEU C 395 -33.28 -44.43 -3.48
CA LEU C 395 -33.93 -45.71 -3.61
C LEU C 395 -35.20 -45.83 -2.77
N ASN C 396 -36.26 -46.30 -3.43
CA ASN C 396 -37.57 -46.50 -2.83
C ASN C 396 -37.48 -47.65 -1.82
N GLU C 397 -38.48 -47.75 -0.94
CA GLU C 397 -38.49 -48.83 0.03
C GLU C 397 -38.63 -50.12 -0.77
N LYS C 398 -39.35 -50.03 -1.89
CA LYS C 398 -39.56 -51.17 -2.78
C LYS C 398 -38.28 -51.43 -3.58
N GLY C 399 -37.33 -50.50 -3.46
CA GLY C 399 -36.08 -50.66 -4.18
C GLY C 399 -36.11 -49.99 -5.54
N GLN C 400 -37.10 -49.12 -5.75
CA GLN C 400 -37.25 -48.40 -7.01
C GLN C 400 -36.56 -47.04 -6.91
N PHE C 401 -36.29 -46.42 -8.05
CA PHE C 401 -35.63 -45.11 -8.03
C PHE C 401 -36.55 -44.06 -7.41
N LYS C 402 -35.99 -43.27 -6.50
CA LYS C 402 -36.76 -42.23 -5.82
C LYS C 402 -36.16 -40.84 -6.04
N LYS C 403 -36.84 -40.01 -6.82
CA LYS C 403 -36.39 -38.66 -7.10
C LYS C 403 -36.40 -37.78 -5.85
N SER C 404 -35.61 -36.70 -5.90
CA SER C 404 -35.52 -35.76 -4.78
C SER C 404 -35.47 -34.32 -5.26
N ASP C 405 -36.25 -33.47 -4.61
CA ASP C 405 -36.29 -32.05 -4.97
C ASP C 405 -34.95 -31.41 -4.65
N ALA C 406 -34.16 -32.06 -3.80
CA ALA C 406 -32.85 -31.55 -3.42
C ALA C 406 -31.72 -32.02 -4.34
N PHE C 407 -32.05 -32.82 -5.36
CA PHE C 407 -31.02 -33.28 -6.30
C PHE C 407 -30.87 -32.14 -7.30
N VAL C 408 -29.88 -31.28 -7.08
CA VAL C 408 -29.70 -30.11 -7.94
C VAL C 408 -28.25 -29.82 -8.41
N PRO C 409 -27.50 -30.87 -8.82
CA PRO C 409 -26.13 -30.64 -9.28
C PRO C 409 -26.05 -29.82 -10.58
N PHE C 410 -27.18 -29.72 -11.28
CA PHE C 410 -27.27 -28.96 -12.53
C PHE C 410 -28.00 -27.66 -12.25
N SER C 411 -28.25 -27.40 -10.98
CA SER C 411 -28.95 -26.21 -10.52
C SER C 411 -30.39 -26.24 -11.03
N ILE C 412 -31.12 -25.14 -10.85
CA ILE C 412 -32.51 -25.04 -11.27
C ILE C 412 -32.84 -23.61 -11.68
N GLY C 413 -33.99 -23.41 -12.32
CA GLY C 413 -34.37 -22.07 -12.72
C GLY C 413 -34.06 -21.72 -14.16
N LYS C 414 -34.30 -20.47 -14.53
CA LYS C 414 -34.11 -19.95 -15.88
C LYS C 414 -32.74 -20.14 -16.54
N ARG C 415 -31.67 -20.12 -15.76
CA ARG C 415 -30.35 -20.27 -16.34
C ARG C 415 -29.70 -21.59 -15.93
N ASN C 416 -30.51 -22.61 -15.72
CA ASN C 416 -29.99 -23.90 -15.31
C ASN C 416 -29.18 -24.53 -16.43
N CYS C 417 -28.45 -25.58 -16.10
CA CYS C 417 -27.60 -26.27 -17.08
C CYS C 417 -28.37 -26.94 -18.20
N PHE C 418 -28.28 -26.41 -19.43
CA PHE C 418 -28.97 -27.07 -20.53
C PHE C 418 -28.13 -28.20 -21.14
N GLY C 419 -27.05 -28.54 -20.44
CA GLY C 419 -26.19 -29.63 -20.86
C GLY C 419 -26.51 -30.87 -20.04
N GLU C 420 -27.49 -30.75 -19.14
CA GLU C 420 -27.89 -31.86 -18.28
C GLU C 420 -28.21 -33.14 -19.05
N GLY C 421 -29.05 -33.01 -20.08
CA GLY C 421 -29.40 -34.18 -20.88
C GLY C 421 -28.19 -34.94 -21.40
N LEU C 422 -27.30 -34.24 -22.09
CA LEU C 422 -26.09 -34.86 -22.64
C LEU C 422 -25.25 -35.46 -21.51
N ALA C 423 -25.02 -34.65 -20.47
CA ALA C 423 -24.23 -35.09 -19.33
C ALA C 423 -24.79 -36.38 -18.72
N ARG C 424 -26.11 -36.42 -18.48
CA ARG C 424 -26.72 -37.61 -17.90
C ARG C 424 -26.64 -38.82 -18.83
N MET C 425 -26.67 -38.59 -20.14
CA MET C 425 -26.58 -39.71 -21.06
C MET C 425 -25.13 -40.22 -21.02
N GLU C 426 -24.19 -39.28 -20.95
CA GLU C 426 -22.78 -39.64 -20.87
C GLU C 426 -22.47 -40.42 -19.59
N LEU C 427 -22.91 -39.90 -18.45
CA LEU C 427 -22.66 -40.58 -17.18
C LEU C 427 -23.22 -41.99 -17.16
N PHE C 428 -24.46 -42.16 -17.61
CA PHE C 428 -25.05 -43.49 -17.61
C PHE C 428 -24.30 -44.48 -18.50
N LEU C 429 -24.03 -44.09 -19.74
CA LEU C 429 -23.35 -45.01 -20.65
C LEU C 429 -21.89 -45.24 -20.27
N PHE C 430 -21.17 -44.21 -19.87
CA PHE C 430 -19.78 -44.42 -19.49
C PHE C 430 -19.63 -45.28 -18.24
N PHE C 431 -20.41 -44.97 -17.20
CA PHE C 431 -20.32 -45.74 -15.97
C PHE C 431 -20.70 -47.20 -16.22
N THR C 432 -21.84 -47.42 -16.86
CA THR C 432 -22.32 -48.77 -17.14
C THR C 432 -21.40 -49.58 -18.04
N THR C 433 -20.96 -49.01 -19.16
CA THR C 433 -20.09 -49.74 -20.07
C THR C 433 -18.75 -50.10 -19.43
N VAL C 434 -18.18 -49.18 -18.65
CA VAL C 434 -16.91 -49.46 -18.00
C VAL C 434 -17.04 -50.59 -16.97
N MET C 435 -18.06 -50.49 -16.13
CA MET C 435 -18.27 -51.49 -15.09
C MET C 435 -18.81 -52.82 -15.61
N GLN C 436 -19.38 -52.80 -16.81
CA GLN C 436 -19.87 -54.04 -17.41
C GLN C 436 -18.64 -54.85 -17.78
N ASN C 437 -17.62 -54.14 -18.27
CA ASN C 437 -16.36 -54.74 -18.71
C ASN C 437 -15.26 -54.89 -17.68
N PHE C 438 -15.32 -54.12 -16.59
CA PHE C 438 -14.25 -54.21 -15.61
C PHE C 438 -14.68 -54.21 -14.14
N ARG C 439 -13.79 -54.78 -13.33
CA ARG C 439 -13.94 -54.81 -11.89
C ARG C 439 -12.93 -53.73 -11.54
N LEU C 440 -13.20 -52.94 -10.51
CA LEU C 440 -12.28 -51.88 -10.12
C LEU C 440 -11.33 -52.37 -9.04
N LYS C 441 -10.04 -52.02 -9.15
CA LYS C 441 -9.08 -52.44 -8.14
C LYS C 441 -8.30 -51.26 -7.60
N SER C 442 -8.54 -50.93 -6.34
CA SER C 442 -7.87 -49.80 -5.70
C SER C 442 -6.42 -50.13 -5.29
N SER C 443 -5.57 -49.11 -5.32
CA SER C 443 -4.17 -49.30 -4.97
C SER C 443 -4.01 -49.41 -3.45
N GLN C 444 -5.11 -49.27 -2.73
CA GLN C 444 -5.11 -49.36 -1.27
C GLN C 444 -6.45 -49.92 -0.78
N SER C 445 -6.48 -50.44 0.45
CA SER C 445 -7.70 -51.00 1.01
C SER C 445 -8.79 -49.93 1.10
N PRO C 446 -10.05 -50.32 0.84
CA PRO C 446 -11.16 -49.36 0.91
C PRO C 446 -11.08 -48.49 2.15
N LYS C 447 -10.79 -49.11 3.30
CA LYS C 447 -10.69 -48.40 4.56
C LYS C 447 -9.71 -47.24 4.50
N ASP C 448 -8.66 -47.38 3.70
CA ASP C 448 -7.64 -46.33 3.58
C ASP C 448 -7.88 -45.35 2.43
N ILE C 449 -8.90 -45.60 1.62
CA ILE C 449 -9.19 -44.69 0.51
C ILE C 449 -9.81 -43.41 1.10
N ASP C 450 -9.21 -42.27 0.77
CA ASP C 450 -9.72 -40.99 1.25
C ASP C 450 -10.58 -40.35 0.18
N VAL C 451 -11.89 -40.30 0.39
CA VAL C 451 -12.79 -39.71 -0.60
C VAL C 451 -13.12 -38.25 -0.30
N SER C 452 -12.37 -37.64 0.62
CA SER C 452 -12.58 -36.23 0.94
C SER C 452 -11.89 -35.48 -0.20
N PRO C 453 -12.46 -34.35 -0.62
CA PRO C 453 -11.85 -33.58 -1.72
C PRO C 453 -10.45 -33.03 -1.50
N LYS C 454 -9.73 -32.85 -2.59
CA LYS C 454 -8.38 -32.31 -2.57
C LYS C 454 -8.49 -30.79 -2.55
N HIS C 455 -9.44 -30.27 -3.33
CA HIS C 455 -9.68 -28.83 -3.44
C HIS C 455 -11.18 -28.60 -3.52
N VAL C 456 -11.63 -27.46 -2.98
CA VAL C 456 -13.04 -27.09 -3.07
C VAL C 456 -13.11 -25.57 -3.18
N GLY C 457 -13.71 -25.10 -4.25
CA GLY C 457 -13.87 -23.68 -4.48
C GLY C 457 -14.93 -23.57 -5.55
N PHE C 458 -14.54 -23.16 -6.76
CA PHE C 458 -15.50 -23.09 -7.84
C PHE C 458 -16.01 -24.51 -8.12
N ALA C 459 -15.11 -25.49 -8.01
CA ALA C 459 -15.48 -26.88 -8.22
C ALA C 459 -14.98 -27.72 -7.05
N THR C 460 -15.33 -29.00 -7.06
CA THR C 460 -14.88 -29.92 -6.03
C THR C 460 -13.98 -30.91 -6.76
N ILE C 461 -12.70 -30.94 -6.38
CA ILE C 461 -11.74 -31.82 -7.02
C ILE C 461 -11.33 -32.98 -6.11
N PRO C 462 -11.47 -34.23 -6.59
CA PRO C 462 -11.11 -35.42 -5.81
C PRO C 462 -9.59 -35.54 -5.75
N ARG C 463 -9.08 -36.18 -4.70
CA ARG C 463 -7.64 -36.36 -4.54
C ARG C 463 -7.06 -37.19 -5.68
N ASN C 464 -5.80 -36.96 -6.00
CA ASN C 464 -5.13 -37.72 -7.06
C ASN C 464 -5.08 -39.18 -6.62
N TYR C 465 -5.17 -40.10 -7.58
CA TYR C 465 -5.10 -41.52 -7.27
C TYR C 465 -4.83 -42.35 -8.52
N THR C 466 -4.51 -43.62 -8.31
CA THR C 466 -4.26 -44.55 -9.39
C THR C 466 -5.16 -45.75 -9.10
N MET C 467 -5.46 -46.52 -10.13
CA MET C 467 -6.33 -47.67 -9.98
C MET C 467 -6.08 -48.66 -11.12
N SER C 468 -6.67 -49.84 -11.02
CA SER C 468 -6.53 -50.86 -12.04
C SER C 468 -7.90 -51.31 -12.55
N PHE C 469 -8.00 -51.50 -13.86
CA PHE C 469 -9.24 -51.96 -14.49
C PHE C 469 -9.01 -53.42 -14.89
N LEU C 470 -9.62 -54.35 -14.13
CA LEU C 470 -9.47 -55.77 -14.40
C LEU C 470 -10.65 -56.35 -15.18
N PRO C 471 -10.37 -56.92 -16.36
CA PRO C 471 -11.37 -57.54 -17.25
C PRO C 471 -12.30 -58.51 -16.54
N ARG C 472 -13.60 -58.41 -16.83
CA ARG C 472 -14.59 -59.30 -16.23
C ARG C 472 -14.81 -60.51 -17.13
N GLY D 9 33.08 13.37 -1.12
CA GLY D 9 33.25 12.40 -2.24
C GLY D 9 31.97 11.64 -2.54
N LYS D 10 32.09 10.53 -3.26
CA LYS D 10 30.90 9.75 -3.60
C LYS D 10 30.97 8.31 -3.12
N LEU D 11 29.82 7.77 -2.77
CA LEU D 11 29.73 6.40 -2.31
C LEU D 11 30.14 5.52 -3.48
N PRO D 12 30.45 4.24 -3.21
CA PRO D 12 30.85 3.34 -4.29
C PRO D 12 29.69 3.24 -5.30
N PRO D 13 30.00 2.93 -6.57
CA PRO D 13 28.95 2.81 -7.59
C PRO D 13 28.08 1.60 -7.29
N GLY D 14 26.90 1.54 -7.92
CA GLY D 14 26.01 0.42 -7.70
C GLY D 14 24.77 0.53 -8.55
N PRO D 15 24.00 -0.56 -8.69
CA PRO D 15 22.78 -0.46 -9.50
C PRO D 15 21.84 0.61 -8.93
N THR D 16 21.12 1.31 -9.82
CA THR D 16 20.21 2.34 -9.37
C THR D 16 19.04 1.72 -8.62
N PRO D 17 18.82 2.13 -7.36
CA PRO D 17 17.73 1.61 -6.53
C PRO D 17 16.41 2.33 -6.79
N LEU D 18 15.33 1.76 -6.28
CA LEU D 18 14.00 2.37 -6.41
C LEU D 18 13.55 2.70 -4.98
N PRO D 19 12.74 3.76 -4.81
CA PRO D 19 12.28 4.11 -3.46
C PRO D 19 11.77 2.92 -2.67
N PHE D 20 12.18 2.85 -1.39
CA PHE D 20 11.82 1.79 -0.45
C PHE D 20 12.26 0.36 -0.80
N ILE D 21 11.95 -0.13 -1.98
CA ILE D 21 12.36 -1.49 -2.32
C ILE D 21 13.85 -1.61 -2.63
N GLY D 22 14.55 -0.47 -2.69
CA GLY D 22 15.98 -0.50 -2.95
C GLY D 22 16.37 -1.24 -4.22
N ASN D 23 17.29 -2.19 -4.11
CA ASN D 23 17.74 -2.95 -5.28
C ASN D 23 17.10 -4.32 -5.39
N TYR D 24 15.89 -4.43 -4.86
CA TYR D 24 15.12 -5.66 -4.88
C TYR D 24 15.10 -6.31 -6.26
N LEU D 25 14.93 -5.50 -7.31
CA LEU D 25 14.90 -6.02 -8.67
C LEU D 25 16.19 -6.70 -9.12
N GLN D 26 17.32 -6.32 -8.54
CA GLN D 26 18.60 -6.93 -8.90
C GLN D 26 19.02 -7.99 -7.88
N LEU D 27 18.14 -8.28 -6.93
CA LEU D 27 18.46 -9.26 -5.90
C LEU D 27 17.51 -10.45 -5.85
N ASN D 28 18.10 -11.64 -5.67
CA ASN D 28 17.35 -12.88 -5.54
C ASN D 28 17.57 -13.22 -4.06
N THR D 29 16.55 -13.00 -3.24
CA THR D 29 16.65 -13.24 -1.81
C THR D 29 16.96 -14.68 -1.44
N GLU D 30 16.75 -15.61 -2.38
CA GLU D 30 17.08 -17.01 -2.11
C GLU D 30 18.58 -17.24 -2.32
N GLN D 31 19.21 -16.37 -3.11
CA GLN D 31 20.64 -16.48 -3.41
C GLN D 31 21.30 -15.11 -3.29
N MET D 32 21.33 -14.56 -2.08
CA MET D 32 21.93 -13.24 -1.89
C MET D 32 23.40 -13.17 -2.27
N TYR D 33 24.16 -14.19 -1.92
CA TYR D 33 25.58 -14.22 -2.24
C TYR D 33 25.78 -14.14 -3.75
N ASN D 34 25.15 -15.05 -4.49
CA ASN D 34 25.29 -15.07 -5.95
C ASN D 34 24.74 -13.79 -6.58
N SER D 35 23.70 -13.23 -5.98
CA SER D 35 23.14 -12.01 -6.52
C SER D 35 24.13 -10.86 -6.37
N LEU D 36 24.73 -10.75 -5.18
CA LEU D 36 25.69 -9.68 -4.91
C LEU D 36 26.95 -9.86 -5.75
N MET D 37 27.39 -11.10 -5.94
CA MET D 37 28.58 -11.37 -6.75
C MET D 37 28.30 -11.00 -8.19
N LYS D 38 27.09 -11.30 -8.67
CA LYS D 38 26.71 -10.96 -10.05
C LYS D 38 26.75 -9.44 -10.22
N ILE D 39 26.44 -8.72 -9.16
CA ILE D 39 26.46 -7.26 -9.22
C ILE D 39 27.92 -6.76 -9.21
N SER D 40 28.78 -7.42 -8.44
CA SER D 40 30.18 -7.01 -8.39
C SER D 40 30.84 -7.21 -9.77
N GLU D 41 30.43 -8.25 -10.50
CA GLU D 41 30.99 -8.54 -11.82
C GLU D 41 30.70 -7.38 -12.78
N ARG D 42 29.67 -6.61 -12.46
CA ARG D 42 29.30 -5.48 -13.29
C ARG D 42 29.81 -4.15 -12.75
N TYR D 43 29.86 -4.00 -11.43
CA TYR D 43 30.27 -2.73 -10.84
C TYR D 43 31.64 -2.70 -10.19
N GLY D 44 32.26 -3.86 -10.00
CA GLY D 44 33.56 -3.90 -9.36
C GLY D 44 33.48 -4.51 -7.96
N PRO D 45 34.64 -4.73 -7.31
CA PRO D 45 34.76 -5.33 -5.97
C PRO D 45 34.13 -4.54 -4.83
N VAL D 46 33.99 -3.24 -4.99
CA VAL D 46 33.40 -2.41 -3.94
C VAL D 46 32.19 -1.66 -4.53
N PHE D 47 31.00 -1.96 -4.03
CA PHE D 47 29.81 -1.32 -4.55
C PHE D 47 28.75 -1.07 -3.48
N THR D 48 27.80 -0.20 -3.82
CA THR D 48 26.72 0.16 -2.91
C THR D 48 25.44 -0.56 -3.33
N ILE D 49 24.77 -1.14 -2.34
CA ILE D 49 23.54 -1.86 -2.61
C ILE D 49 22.48 -1.40 -1.60
N HIS D 50 21.22 -1.51 -1.98
CA HIS D 50 20.14 -1.12 -1.10
C HIS D 50 19.28 -2.33 -0.80
N LEU D 51 19.42 -2.85 0.41
CA LEU D 51 18.65 -4.00 0.84
C LEU D 51 17.38 -3.32 1.31
N GLY D 52 16.48 -3.04 0.37
CA GLY D 52 15.29 -2.32 0.71
C GLY D 52 15.84 -0.92 0.98
N PRO D 53 15.39 -0.24 2.04
CA PRO D 53 15.88 1.11 2.35
C PRO D 53 17.24 1.12 3.06
N ARG D 54 17.70 -0.07 3.43
CA ARG D 54 18.96 -0.27 4.14
C ARG D 54 20.17 -0.24 3.18
N ARG D 55 20.88 0.88 3.19
CA ARG D 55 22.03 1.04 2.30
C ARG D 55 23.29 0.38 2.84
N VAL D 56 23.89 -0.46 2.00
CA VAL D 56 25.09 -1.18 2.39
C VAL D 56 26.19 -1.17 1.34
N VAL D 57 27.44 -1.09 1.81
CA VAL D 57 28.60 -1.11 0.94
C VAL D 57 29.13 -2.55 0.96
N VAL D 58 29.17 -3.19 -0.20
CA VAL D 58 29.62 -4.57 -0.28
C VAL D 58 31.09 -4.67 -0.71
N LEU D 59 31.85 -5.49 0.02
CA LEU D 59 33.28 -5.70 -0.25
C LEU D 59 33.50 -7.12 -0.75
N CYS D 60 34.02 -7.24 -1.97
CA CYS D 60 34.26 -8.56 -2.55
C CYS D 60 35.75 -8.77 -2.86
N GLY D 61 36.18 -10.03 -2.74
CA GLY D 61 37.57 -10.37 -3.02
C GLY D 61 38.50 -10.11 -1.86
N HIS D 62 39.61 -10.85 -1.82
CA HIS D 62 40.59 -10.71 -0.76
C HIS D 62 41.10 -9.28 -0.57
N ASP D 63 41.52 -8.64 -1.66
CA ASP D 63 42.06 -7.29 -1.54
C ASP D 63 41.11 -6.27 -0.94
N ALA D 64 39.88 -6.19 -1.46
CA ALA D 64 38.92 -5.23 -0.95
C ALA D 64 38.63 -5.47 0.54
N VAL D 65 38.41 -6.72 0.91
CA VAL D 65 38.11 -7.04 2.30
C VAL D 65 39.29 -6.79 3.25
N ARG D 66 40.50 -7.20 2.88
CA ARG D 66 41.63 -6.97 3.78
C ARG D 66 41.96 -5.48 3.88
N GLU D 67 41.91 -4.78 2.76
CA GLU D 67 42.21 -3.34 2.77
C GLU D 67 41.29 -2.58 3.74
N ALA D 68 40.03 -2.99 3.82
CA ALA D 68 39.08 -2.31 4.69
C ALA D 68 39.19 -2.75 6.16
N LEU D 69 38.92 -4.02 6.41
CA LEU D 69 38.95 -4.55 7.77
C LEU D 69 40.33 -4.59 8.43
N VAL D 70 41.40 -4.60 7.63
CA VAL D 70 42.74 -4.62 8.21
C VAL D 70 43.53 -3.33 8.02
N ASP D 71 43.84 -2.96 6.79
CA ASP D 71 44.60 -1.73 6.58
C ASP D 71 43.88 -0.52 7.16
N GLN D 72 42.56 -0.58 7.25
CA GLN D 72 41.79 0.51 7.85
C GLN D 72 40.87 -0.09 8.91
N ALA D 73 41.46 -0.96 9.73
CA ALA D 73 40.78 -1.69 10.80
C ALA D 73 39.89 -0.86 11.71
N GLU D 74 40.44 0.22 12.26
CA GLU D 74 39.70 1.07 13.17
C GLU D 74 38.47 1.70 12.54
N GLU D 75 38.62 2.28 11.34
CA GLU D 75 37.48 2.91 10.67
C GLU D 75 36.38 1.91 10.33
N PHE D 76 36.75 0.66 10.05
CA PHE D 76 35.77 -0.37 9.73
C PHE D 76 35.45 -1.27 10.94
N SER D 77 35.90 -0.86 12.12
CA SER D 77 35.68 -1.62 13.33
C SER D 77 34.27 -1.56 13.92
N GLY D 78 33.35 -0.85 13.28
CA GLY D 78 32.00 -0.77 13.79
C GLY D 78 31.21 -2.05 13.50
N ARG D 79 30.10 -2.25 14.21
CA ARG D 79 29.27 -3.44 14.06
C ARG D 79 27.93 -3.13 13.39
N GLY D 80 27.62 -3.88 12.32
CA GLY D 80 26.38 -3.67 11.61
C GLY D 80 25.17 -4.37 12.22
N GLU D 81 24.13 -4.53 11.41
CA GLU D 81 22.90 -5.16 11.86
C GLU D 81 22.60 -6.51 11.20
N GLN D 82 21.76 -7.29 11.87
CA GLN D 82 21.26 -8.56 11.36
C GLN D 82 19.84 -8.44 11.92
N ALA D 83 18.91 -8.04 11.07
CA ALA D 83 17.52 -7.80 11.47
C ALA D 83 16.87 -8.89 12.31
N THR D 84 16.92 -10.14 11.86
CA THR D 84 16.31 -11.22 12.62
C THR D 84 16.84 -11.30 14.06
N PHE D 85 18.16 -11.30 14.23
CA PHE D 85 18.71 -11.38 15.58
C PHE D 85 18.41 -10.13 16.40
N ASP D 86 18.35 -8.99 15.73
CA ASP D 86 18.06 -7.72 16.39
C ASP D 86 16.71 -7.75 17.11
N TRP D 87 15.80 -8.59 16.62
CA TRP D 87 14.47 -8.70 17.21
C TRP D 87 14.58 -8.97 18.72
N VAL D 88 15.58 -9.76 19.09
CA VAL D 88 15.82 -10.11 20.49
C VAL D 88 16.99 -9.37 21.11
N PHE D 89 18.10 -9.24 20.38
CA PHE D 89 19.28 -8.59 20.91
C PHE D 89 19.22 -7.08 21.08
N LYS D 90 18.59 -6.39 20.13
CA LYS D 90 18.46 -4.96 20.19
C LYS D 90 19.74 -4.20 20.56
N GLY D 91 20.84 -4.57 19.92
CA GLY D 91 22.11 -3.89 20.18
C GLY D 91 22.81 -4.22 21.48
N TYR D 92 22.27 -5.16 22.25
CA TYR D 92 22.89 -5.55 23.51
C TYR D 92 23.75 -6.81 23.31
N GLY D 93 24.69 -7.04 24.21
CA GLY D 93 25.55 -8.21 24.10
C GLY D 93 26.83 -7.87 23.35
N VAL D 94 27.85 -8.69 23.54
CA VAL D 94 29.14 -8.46 22.91
C VAL D 94 29.09 -8.46 21.36
N VAL D 95 28.37 -9.39 20.76
CA VAL D 95 28.33 -9.45 19.30
C VAL D 95 27.74 -8.22 18.62
N PHE D 96 26.52 -7.84 18.97
CA PHE D 96 25.88 -6.71 18.30
C PHE D 96 26.04 -5.32 18.89
N SER D 97 26.91 -5.17 19.88
CA SER D 97 27.13 -3.86 20.48
C SER D 97 28.18 -3.05 19.70
N ASN D 98 28.28 -1.77 20.04
CA ASN D 98 29.22 -0.85 19.41
C ASN D 98 29.85 0.03 20.47
N GLY D 99 30.84 0.82 20.07
CA GLY D 99 31.52 1.74 20.97
C GLY D 99 31.99 1.21 22.32
N GLU D 100 31.73 1.99 23.36
CA GLU D 100 32.12 1.66 24.73
C GLU D 100 31.63 0.28 25.13
N ARG D 101 30.37 -0.02 24.82
CA ARG D 101 29.79 -1.31 25.16
C ARG D 101 30.61 -2.44 24.56
N ALA D 102 30.94 -2.32 23.28
CA ALA D 102 31.72 -3.34 22.59
C ALA D 102 33.13 -3.44 23.17
N LYS D 103 33.74 -2.28 23.41
CA LYS D 103 35.08 -2.22 23.98
C LYS D 103 35.12 -3.01 25.27
N GLN D 104 34.13 -2.76 26.12
CA GLN D 104 34.04 -3.42 27.43
C GLN D 104 33.71 -4.91 27.34
N LEU D 105 32.59 -5.24 26.70
CA LEU D 105 32.16 -6.62 26.58
C LEU D 105 33.17 -7.53 25.89
N ARG D 106 33.85 -7.04 24.85
CA ARG D 106 34.83 -7.87 24.16
C ARG D 106 36.09 -8.07 24.99
N ARG D 107 36.45 -7.04 25.76
CA ARG D 107 37.63 -7.09 26.61
C ARG D 107 37.41 -8.09 27.74
N PHE D 108 36.23 -8.05 28.34
CA PHE D 108 35.91 -8.95 29.43
C PHE D 108 35.75 -10.38 28.93
N SER D 109 35.00 -10.55 27.85
CA SER D 109 34.77 -11.87 27.27
C SER D 109 36.04 -12.60 26.88
N ILE D 110 36.95 -11.90 26.20
CA ILE D 110 38.21 -12.52 25.79
C ILE D 110 39.04 -12.91 27.01
N ALA D 111 39.02 -12.06 28.03
CA ALA D 111 39.79 -12.31 29.25
C ALA D 111 39.21 -13.47 30.04
N THR D 112 37.91 -13.40 30.31
CA THR D 112 37.19 -14.41 31.07
C THR D 112 37.32 -15.78 30.40
N LEU D 113 37.18 -15.78 29.08
CA LEU D 113 37.27 -17.00 28.31
C LEU D 113 38.63 -17.65 28.47
N ARG D 114 39.69 -16.83 28.47
CA ARG D 114 41.04 -17.33 28.62
C ARG D 114 41.23 -18.00 29.98
N ASP D 115 40.49 -17.53 30.98
CA ASP D 115 40.60 -18.09 32.32
C ASP D 115 39.90 -19.43 32.47
N PHE D 116 38.77 -19.60 31.80
CA PHE D 116 38.01 -20.85 31.86
C PHE D 116 38.45 -21.83 30.79
N GLY D 117 39.66 -21.63 30.26
CA GLY D 117 40.16 -22.51 29.23
C GLY D 117 40.55 -21.78 27.96
N VAL D 118 39.88 -22.10 26.86
CA VAL D 118 40.12 -21.49 25.55
C VAL D 118 41.59 -21.24 25.24
N GLY D 119 42.16 -22.06 24.36
CA GLY D 119 43.56 -21.92 24.00
C GLY D 119 44.50 -22.49 25.06
N LYS D 120 43.97 -23.38 25.89
CA LYS D 120 44.76 -23.99 26.94
C LYS D 120 44.49 -25.50 27.07
N ARG D 121 45.35 -26.17 27.83
CA ARG D 121 45.22 -27.61 28.05
C ARG D 121 43.92 -27.84 28.83
N GLY D 122 43.49 -26.83 29.56
CA GLY D 122 42.28 -26.93 30.34
C GLY D 122 41.08 -27.25 29.47
N ILE D 123 40.77 -26.37 28.53
CA ILE D 123 39.65 -26.58 27.64
C ILE D 123 39.94 -27.74 26.68
N GLU D 124 41.22 -28.07 26.52
CA GLU D 124 41.59 -29.17 25.63
C GLU D 124 41.16 -30.52 26.22
N GLU D 125 41.42 -30.72 27.51
CA GLU D 125 41.04 -31.96 28.18
C GLU D 125 39.52 -32.08 28.16
N ARG D 126 38.83 -30.94 28.22
CA ARG D 126 37.38 -30.90 28.19
C ARG D 126 36.87 -31.32 26.81
N ILE D 127 37.54 -30.85 25.77
CA ILE D 127 37.16 -31.17 24.41
C ILE D 127 37.44 -32.64 24.11
N GLN D 128 38.55 -33.16 24.63
CA GLN D 128 38.93 -34.55 24.43
C GLN D 128 37.92 -35.46 25.12
N GLU D 129 37.43 -35.04 26.29
CA GLU D 129 36.47 -35.82 27.03
C GLU D 129 35.13 -35.82 26.30
N GLU D 130 34.73 -34.65 25.82
CA GLU D 130 33.46 -34.55 25.09
C GLU D 130 33.57 -35.38 23.82
N ALA D 131 34.75 -35.38 23.20
CA ALA D 131 34.97 -36.13 21.97
C ALA D 131 34.77 -37.62 22.26
N GLY D 132 35.18 -38.05 23.45
CA GLY D 132 35.02 -39.46 23.82
C GLY D 132 33.55 -39.81 23.91
N PHE D 133 32.76 -38.88 24.42
CA PHE D 133 31.33 -39.06 24.56
C PHE D 133 30.66 -39.12 23.18
N LEU D 134 31.24 -38.43 22.20
CA LEU D 134 30.69 -38.47 20.86
C LEU D 134 31.02 -39.84 20.28
N ILE D 135 32.26 -40.29 20.48
CA ILE D 135 32.65 -41.60 19.99
C ILE D 135 31.74 -42.68 20.59
N ASP D 136 31.44 -42.57 21.88
CA ASP D 136 30.55 -43.55 22.52
C ASP D 136 29.16 -43.48 21.91
N ALA D 137 28.68 -42.26 21.66
CA ALA D 137 27.35 -42.07 21.09
C ALA D 137 27.29 -42.68 19.69
N LEU D 138 28.33 -42.43 18.89
CA LEU D 138 28.38 -42.96 17.53
C LEU D 138 28.49 -44.48 17.54
N ARG D 139 29.34 -45.03 18.40
CA ARG D 139 29.48 -46.48 18.51
C ARG D 139 28.09 -47.04 18.81
N GLY D 140 27.40 -46.39 19.73
CA GLY D 140 26.07 -46.82 20.12
C GLY D 140 25.08 -46.97 18.99
N THR D 141 25.33 -46.32 17.85
CA THR D 141 24.42 -46.43 16.71
C THR D 141 24.66 -47.76 16.00
N GLY D 142 25.80 -48.39 16.28
CA GLY D 142 26.11 -49.66 15.67
C GLY D 142 26.24 -49.62 14.15
N GLY D 143 26.55 -48.45 13.61
CA GLY D 143 26.71 -48.32 12.18
C GLY D 143 25.42 -48.13 11.42
N ALA D 144 24.34 -47.85 12.14
CA ALA D 144 23.04 -47.64 11.49
C ALA D 144 23.05 -46.33 10.70
N ASN D 145 22.19 -46.27 9.70
CA ASN D 145 22.05 -45.07 8.87
C ASN D 145 21.34 -44.02 9.72
N ILE D 146 22.07 -42.98 10.12
CA ILE D 146 21.48 -41.94 10.96
C ILE D 146 21.76 -40.52 10.48
N ASP D 147 20.98 -39.59 10.99
CA ASP D 147 21.16 -38.18 10.67
C ASP D 147 22.14 -37.71 11.74
N PRO D 148 23.38 -37.34 11.35
CA PRO D 148 24.39 -36.91 12.31
C PRO D 148 24.20 -35.54 12.94
N THR D 149 23.23 -34.77 12.46
CA THR D 149 23.02 -33.42 12.95
C THR D 149 23.10 -33.21 14.45
N PHE D 150 22.26 -33.89 15.23
CA PHE D 150 22.30 -33.68 16.66
C PHE D 150 23.39 -34.38 17.45
N PHE D 151 23.95 -35.47 16.93
CA PHE D 151 25.04 -36.12 17.65
C PHE D 151 26.17 -35.10 17.67
N LEU D 152 26.32 -34.39 16.54
CA LEU D 152 27.35 -33.37 16.35
C LEU D 152 27.12 -32.07 17.14
N SER D 153 25.92 -31.50 17.04
CA SER D 153 25.62 -30.26 17.75
C SER D 153 25.68 -30.45 19.27
N ARG D 154 25.24 -31.61 19.75
CA ARG D 154 25.27 -31.88 21.18
C ARG D 154 26.70 -31.83 21.70
N THR D 155 27.61 -32.51 21.00
CA THR D 155 29.00 -32.54 21.37
C THR D 155 29.57 -31.13 21.34
N VAL D 156 29.39 -30.46 20.21
CA VAL D 156 29.89 -29.09 20.05
C VAL D 156 29.38 -28.15 21.14
N SER D 157 28.06 -28.13 21.31
CA SER D 157 27.43 -27.25 22.29
C SER D 157 27.88 -27.52 23.73
N ASN D 158 28.19 -28.77 24.05
CA ASN D 158 28.62 -29.07 25.41
C ASN D 158 29.96 -28.43 25.73
N VAL D 159 30.75 -28.11 24.71
CA VAL D 159 32.03 -27.48 24.96
C VAL D 159 31.83 -26.06 25.49
N ILE D 160 31.03 -25.26 24.77
CA ILE D 160 30.79 -23.88 25.20
C ILE D 160 29.89 -23.84 26.43
N SER D 161 28.99 -24.80 26.55
CA SER D 161 28.08 -24.88 27.70
C SER D 161 28.90 -25.06 28.99
N SER D 162 29.91 -25.90 28.95
CA SER D 162 30.75 -26.14 30.11
C SER D 162 31.38 -24.82 30.55
N ILE D 163 31.90 -24.08 29.58
CA ILE D 163 32.56 -22.81 29.84
C ILE D 163 31.61 -21.73 30.37
N VAL D 164 30.43 -21.65 29.77
CA VAL D 164 29.42 -20.66 30.14
C VAL D 164 28.48 -21.03 31.29
N PHE D 165 28.07 -22.30 31.34
CA PHE D 165 27.15 -22.75 32.39
C PHE D 165 27.86 -23.51 33.51
N GLY D 166 29.16 -23.74 33.35
CA GLY D 166 29.91 -24.44 34.37
C GLY D 166 29.94 -25.95 34.20
N ASP D 167 28.93 -26.50 33.53
CA ASP D 167 28.87 -27.93 33.32
C ASP D 167 28.29 -28.27 31.95
N ARG D 168 28.22 -29.57 31.65
CA ARG D 168 27.68 -30.03 30.37
C ARG D 168 26.28 -30.58 30.51
N PHE D 169 25.62 -30.79 29.38
CA PHE D 169 24.27 -31.33 29.36
C PHE D 169 24.37 -32.83 29.06
N ASP D 170 23.42 -33.61 29.56
CA ASP D 170 23.43 -35.04 29.31
C ASP D 170 22.77 -35.27 27.95
N TYR D 171 23.37 -36.12 27.12
CA TYR D 171 22.86 -36.38 25.77
C TYR D 171 21.40 -36.82 25.69
N LYS D 172 20.81 -37.16 26.83
CA LYS D 172 19.41 -37.58 26.84
C LYS D 172 18.51 -36.45 27.33
N ASP D 173 19.11 -35.34 27.71
CA ASP D 173 18.37 -34.17 28.19
C ASP D 173 17.43 -33.68 27.09
N LYS D 174 16.12 -33.71 27.37
CA LYS D 174 15.12 -33.29 26.40
C LYS D 174 15.19 -31.80 26.11
N GLU D 175 15.34 -30.99 27.15
CA GLU D 175 15.42 -29.55 26.99
C GLU D 175 16.65 -29.17 26.17
N PHE D 176 17.76 -29.87 26.40
CA PHE D 176 19.01 -29.62 25.69
C PHE D 176 18.74 -29.75 24.20
N LEU D 177 17.99 -30.77 23.82
CA LEU D 177 17.66 -31.00 22.42
C LEU D 177 16.79 -29.89 21.84
N SER D 178 15.83 -29.39 22.63
CA SER D 178 14.97 -28.32 22.16
C SER D 178 15.80 -27.07 21.85
N LEU D 179 16.76 -26.79 22.72
CA LEU D 179 17.63 -25.63 22.53
C LEU D 179 18.44 -25.81 21.26
N LEU D 180 18.92 -27.03 21.02
CA LEU D 180 19.70 -27.31 19.82
C LEU D 180 18.84 -27.11 18.59
N ARG D 181 17.55 -27.43 18.69
CA ARG D 181 16.64 -27.26 17.56
C ARG D 181 16.33 -25.78 17.33
N MET D 182 16.37 -24.99 18.41
CA MET D 182 16.12 -23.56 18.31
C MET D 182 17.25 -22.90 17.53
N MET D 183 18.48 -23.21 17.90
CA MET D 183 19.63 -22.64 17.20
C MET D 183 19.62 -23.11 15.76
N LEU D 184 19.36 -24.39 15.54
CA LEU D 184 19.32 -24.94 14.19
C LEU D 184 18.25 -24.24 13.35
N GLY D 185 17.06 -24.09 13.94
CA GLY D 185 15.97 -23.44 13.22
C GLY D 185 16.27 -21.99 12.84
N ILE D 186 16.93 -21.26 13.74
CA ILE D 186 17.26 -19.88 13.48
C ILE D 186 18.38 -19.74 12.44
N PHE D 187 19.30 -20.69 12.42
CA PHE D 187 20.40 -20.66 11.46
C PHE D 187 19.87 -20.92 10.04
N GLN D 188 18.89 -21.81 9.92
CA GLN D 188 18.33 -22.08 8.60
C GLN D 188 17.39 -20.97 8.15
N PHE D 189 16.55 -20.46 9.07
CA PHE D 189 15.64 -19.39 8.72
C PHE D 189 16.38 -18.18 8.16
N THR D 190 17.42 -17.72 8.86
CA THR D 190 18.19 -16.57 8.39
C THR D 190 18.95 -16.85 7.10
N SER D 191 18.96 -18.11 6.66
CA SER D 191 19.65 -18.48 5.43
C SER D 191 18.68 -18.74 4.27
N THR D 192 17.38 -18.61 4.52
CA THR D 192 16.38 -18.82 3.48
C THR D 192 16.02 -17.52 2.79
N SER D 193 15.21 -17.61 1.75
CA SER D 193 14.76 -16.45 1.01
C SER D 193 13.97 -15.49 1.90
N THR D 194 13.07 -16.03 2.72
CA THR D 194 12.25 -15.21 3.62
C THR D 194 13.13 -14.56 4.67
N GLY D 195 14.16 -15.28 5.11
CA GLY D 195 15.06 -14.73 6.10
C GLY D 195 15.83 -13.54 5.54
N GLN D 196 16.27 -13.64 4.29
CA GLN D 196 17.02 -12.55 3.66
C GLN D 196 16.10 -11.42 3.22
N LEU D 197 14.85 -11.75 2.92
CA LEU D 197 13.88 -10.73 2.53
C LEU D 197 13.64 -9.91 3.80
N TYR D 198 13.68 -10.58 4.94
CA TYR D 198 13.46 -9.92 6.23
C TYR D 198 14.55 -8.89 6.52
N GLU D 199 15.76 -9.15 6.02
CA GLU D 199 16.88 -8.22 6.21
C GLU D 199 16.64 -6.93 5.45
N MET D 200 15.77 -7.00 4.46
CA MET D 200 15.45 -5.84 3.65
C MET D 200 14.21 -5.11 4.15
N PHE D 201 13.17 -5.86 4.50
CA PHE D 201 11.91 -5.26 4.92
C PHE D 201 11.41 -5.54 6.34
N SER D 202 12.33 -5.68 7.29
CA SER D 202 11.95 -5.96 8.67
C SER D 202 10.94 -4.97 9.28
N SER D 203 11.05 -3.69 8.93
CA SER D 203 10.14 -2.67 9.47
C SER D 203 8.68 -3.06 9.27
N VAL D 204 8.42 -3.79 8.19
CA VAL D 204 7.07 -4.24 7.88
C VAL D 204 6.86 -5.70 8.29
N MET D 205 7.77 -6.56 7.87
CA MET D 205 7.65 -7.99 8.13
C MET D 205 7.57 -8.43 9.60
N LYS D 206 8.15 -7.65 10.51
CA LYS D 206 8.09 -8.02 11.91
C LYS D 206 6.67 -7.94 12.46
N HIS D 207 5.77 -7.29 11.72
CA HIS D 207 4.37 -7.15 12.14
C HIS D 207 3.45 -8.07 11.35
N LEU D 208 4.03 -8.84 10.44
CA LEU D 208 3.24 -9.73 9.60
C LEU D 208 3.43 -11.19 9.94
N PRO D 209 2.44 -12.03 9.58
CA PRO D 209 2.49 -13.47 9.85
C PRO D 209 3.51 -14.09 8.89
N GLY D 210 4.19 -15.14 9.31
CA GLY D 210 5.15 -15.77 8.44
C GLY D 210 6.26 -16.49 9.17
N PRO D 211 7.15 -17.17 8.43
CA PRO D 211 8.26 -17.90 9.03
C PRO D 211 9.03 -17.05 10.04
N GLN D 212 9.08 -15.75 9.79
CA GLN D 212 9.78 -14.85 10.69
C GLN D 212 9.21 -14.91 12.11
N GLN D 213 7.88 -15.08 12.23
CA GLN D 213 7.27 -15.14 13.56
C GLN D 213 7.75 -16.38 14.31
N GLN D 214 7.87 -17.50 13.62
CA GLN D 214 8.35 -18.71 14.28
C GLN D 214 9.82 -18.50 14.65
N ALA D 215 10.56 -17.78 13.81
CA ALA D 215 11.97 -17.53 14.10
C ALA D 215 12.10 -16.69 15.36
N PHE D 216 11.24 -15.69 15.53
CA PHE D 216 11.31 -14.85 16.73
C PHE D 216 11.08 -15.69 17.98
N GLN D 217 10.17 -16.65 17.88
CA GLN D 217 9.85 -17.53 19.02
C GLN D 217 11.05 -18.40 19.40
N LEU D 218 11.73 -18.95 18.40
CA LEU D 218 12.91 -19.77 18.66
C LEU D 218 13.89 -18.91 19.44
N LEU D 219 14.01 -17.66 19.05
CA LEU D 219 14.91 -16.72 19.71
C LEU D 219 14.45 -16.40 21.13
N GLN D 220 13.15 -16.30 21.34
CA GLN D 220 12.62 -16.03 22.67
C GLN D 220 12.89 -17.20 23.60
N GLY D 221 12.79 -18.41 23.05
CA GLY D 221 13.03 -19.61 23.84
C GLY D 221 14.46 -19.69 24.31
N LEU D 222 15.39 -19.35 23.42
CA LEU D 222 16.80 -19.37 23.75
C LEU D 222 17.09 -18.31 24.80
N GLU D 223 16.44 -17.16 24.68
CA GLU D 223 16.67 -16.09 25.64
C GLU D 223 16.15 -16.48 27.02
N ASP D 224 14.92 -16.99 27.07
CA ASP D 224 14.33 -17.39 28.34
C ASP D 224 15.21 -18.39 29.07
N PHE D 225 15.74 -19.37 28.34
CA PHE D 225 16.60 -20.38 28.96
C PHE D 225 17.83 -19.74 29.59
N ILE D 226 18.48 -18.84 28.86
CA ILE D 226 19.67 -18.18 29.36
C ILE D 226 19.35 -17.33 30.59
N ALA D 227 18.19 -16.68 30.56
CA ALA D 227 17.78 -15.85 31.69
C ALA D 227 17.63 -16.68 32.95
N LYS D 228 17.03 -17.85 32.82
CA LYS D 228 16.83 -18.74 33.97
C LYS D 228 18.16 -19.27 34.50
N LYS D 229 19.08 -19.60 33.60
CA LYS D 229 20.39 -20.09 34.02
C LYS D 229 21.15 -19.01 34.81
N VAL D 230 21.03 -17.77 34.35
CA VAL D 230 21.70 -16.66 35.02
C VAL D 230 21.03 -16.39 36.36
N GLU D 231 19.72 -16.58 36.40
CA GLU D 231 18.96 -16.38 37.63
C GLU D 231 19.38 -17.39 38.68
N HIS D 232 19.66 -18.62 38.26
CA HIS D 232 20.09 -19.67 39.17
C HIS D 232 21.48 -19.40 39.73
N ASN D 233 22.42 -19.05 38.85
CA ASN D 233 23.78 -18.75 39.27
C ASN D 233 23.83 -17.59 40.23
N GLN D 234 22.87 -16.67 40.10
CA GLN D 234 22.82 -15.49 40.93
C GLN D 234 22.40 -15.80 42.37
N ARG D 235 21.52 -16.78 42.54
CA ARG D 235 21.04 -17.15 43.86
C ARG D 235 21.98 -18.12 44.57
N THR D 236 23.05 -18.51 43.88
CA THR D 236 24.02 -19.45 44.46
C THR D 236 25.45 -19.03 44.18
N LEU D 237 25.61 -17.78 43.74
CA LEU D 237 26.94 -17.26 43.43
C LEU D 237 27.86 -17.19 44.63
N ASP D 238 29.14 -17.44 44.38
CA ASP D 238 30.15 -17.36 45.42
C ASP D 238 31.14 -16.32 44.91
N PRO D 239 30.87 -15.03 45.20
CA PRO D 239 31.71 -13.90 44.79
C PRO D 239 33.22 -14.16 44.84
N ASN D 240 33.64 -15.14 45.64
CA ASN D 240 35.06 -15.45 45.76
C ASN D 240 35.51 -16.60 44.88
N SER D 241 34.56 -17.35 44.33
CA SER D 241 34.91 -18.47 43.47
C SER D 241 33.91 -18.70 42.34
N PRO D 242 34.15 -18.07 41.17
CA PRO D 242 33.25 -18.22 40.02
C PRO D 242 33.35 -19.63 39.46
N ARG D 243 32.22 -20.19 39.06
CA ARG D 243 32.17 -21.53 38.50
C ARG D 243 32.26 -21.48 36.98
N ASP D 244 31.81 -20.36 36.41
CA ASP D 244 31.80 -20.20 34.97
C ASP D 244 31.81 -18.75 34.50
N PHE D 245 31.58 -18.56 33.21
CA PHE D 245 31.53 -17.24 32.59
C PHE D 245 30.47 -16.36 33.25
N ILE D 246 29.28 -16.92 33.44
CA ILE D 246 28.19 -16.17 34.04
C ILE D 246 28.57 -15.62 35.42
N ASP D 247 29.22 -16.45 36.23
CA ASP D 247 29.64 -16.02 37.55
C ASP D 247 30.61 -14.85 37.44
N SER D 248 31.61 -14.98 36.57
CA SER D 248 32.58 -13.92 36.38
C SER D 248 31.89 -12.62 36.02
N PHE D 249 30.82 -12.72 35.24
CA PHE D 249 30.07 -11.53 34.82
C PHE D 249 29.19 -11.01 35.95
N LEU D 250 28.45 -11.91 36.62
CA LEU D 250 27.58 -11.50 37.71
C LEU D 250 28.39 -10.79 38.81
N ILE D 251 29.64 -11.20 38.94
CA ILE D 251 30.53 -10.63 39.94
C ILE D 251 30.99 -9.25 39.48
N ARG D 252 31.40 -9.15 38.22
CA ARG D 252 31.85 -7.90 37.66
C ARG D 252 30.69 -6.90 37.72
N MET D 253 29.47 -7.41 37.81
CA MET D 253 28.29 -6.56 37.90
C MET D 253 28.16 -5.95 39.30
N GLN D 254 28.36 -6.77 40.33
CA GLN D 254 28.28 -6.29 41.71
C GLN D 254 29.24 -5.12 41.88
N GLU D 255 30.49 -5.33 41.46
CA GLU D 255 31.53 -4.31 41.56
C GLU D 255 31.17 -3.04 40.80
N GLU D 256 30.31 -3.17 39.79
CA GLU D 256 29.90 -2.04 38.97
C GLU D 256 28.65 -1.35 39.49
N GLU D 257 28.24 -1.68 40.71
CA GLU D 257 27.05 -1.06 41.29
C GLU D 257 27.27 0.43 41.51
N LYS D 258 28.53 0.82 41.73
CA LYS D 258 28.88 2.21 41.94
C LYS D 258 29.16 2.92 40.61
N ASN D 259 28.43 2.54 39.57
CA ASN D 259 28.61 3.16 38.25
C ASN D 259 27.35 3.05 37.41
N PRO D 260 26.58 4.14 37.32
CA PRO D 260 25.34 4.19 36.55
C PRO D 260 25.60 4.22 35.04
N ASN D 261 26.89 4.31 34.68
CA ASN D 261 27.30 4.34 33.29
C ASN D 261 27.97 3.03 32.89
N THR D 262 27.87 2.03 33.76
CA THR D 262 28.49 0.74 33.51
C THR D 262 27.81 -0.08 32.40
N GLU D 263 28.63 -0.80 31.64
CA GLU D 263 28.12 -1.65 30.56
C GLU D 263 27.85 -3.05 31.12
N PHE D 264 28.20 -3.25 32.38
CA PHE D 264 28.01 -4.55 33.03
C PHE D 264 26.70 -4.66 33.81
N TYR D 265 25.64 -5.06 33.10
CA TYR D 265 24.33 -5.24 33.71
C TYR D 265 23.64 -6.44 33.08
N LEU D 266 22.56 -6.88 33.72
CA LEU D 266 21.81 -8.06 33.28
C LEU D 266 21.68 -8.30 31.78
N LYS D 267 20.98 -7.40 31.07
CA LYS D 267 20.75 -7.60 29.65
C LYS D 267 22.02 -7.88 28.83
N ASN D 268 23.13 -7.24 29.19
CA ASN D 268 24.38 -7.49 28.46
C ASN D 268 24.95 -8.86 28.81
N LEU D 269 24.73 -9.29 30.05
CA LEU D 269 25.20 -10.60 30.47
C LEU D 269 24.40 -11.65 29.74
N VAL D 270 23.08 -11.50 29.77
CA VAL D 270 22.18 -12.44 29.09
C VAL D 270 22.54 -12.55 27.61
N MET D 271 22.52 -11.41 26.92
CA MET D 271 22.81 -11.39 25.50
C MET D 271 24.21 -11.87 25.16
N THR D 272 25.22 -11.48 25.95
CA THR D 272 26.58 -11.93 25.68
C THR D 272 26.66 -13.46 25.79
N THR D 273 26.05 -14.01 26.83
CA THR D 273 26.03 -15.45 27.05
C THR D 273 25.31 -16.15 25.91
N LEU D 274 24.22 -15.54 25.44
CA LEU D 274 23.46 -16.10 24.33
C LEU D 274 24.30 -16.06 23.05
N ASN D 275 25.13 -15.04 22.91
CA ASN D 275 26.01 -14.88 21.74
C ASN D 275 27.00 -16.04 21.68
N LEU D 276 27.61 -16.37 22.81
CA LEU D 276 28.60 -17.44 22.87
C LEU D 276 27.94 -18.80 22.66
N PHE D 277 26.79 -19.00 23.31
CA PHE D 277 26.07 -20.24 23.20
C PHE D 277 25.67 -20.51 21.76
N ILE D 278 25.17 -19.49 21.07
CA ILE D 278 24.75 -19.62 19.68
C ILE D 278 25.95 -19.59 18.74
N GLY D 279 26.72 -18.51 18.83
CA GLY D 279 27.86 -18.36 17.95
C GLY D 279 28.89 -19.46 18.11
N GLY D 280 28.94 -20.07 19.29
CA GLY D 280 29.92 -21.12 19.53
C GLY D 280 29.43 -22.54 19.30
N THR D 281 28.16 -22.69 18.92
CA THR D 281 27.59 -24.01 18.69
C THR D 281 27.30 -24.29 17.21
N GLU D 282 26.36 -23.53 16.66
CA GLU D 282 25.94 -23.75 15.29
C GLU D 282 27.00 -23.59 14.20
N THR D 283 27.99 -22.73 14.42
CA THR D 283 29.03 -22.52 13.43
C THR D 283 29.93 -23.75 13.32
N VAL D 284 30.41 -24.24 14.47
CA VAL D 284 31.27 -25.42 14.51
C VAL D 284 30.47 -26.65 14.08
N SER D 285 29.23 -26.74 14.55
CA SER D 285 28.37 -27.86 14.22
C SER D 285 28.14 -27.99 12.72
N THR D 286 27.79 -26.87 12.09
CA THR D 286 27.55 -26.86 10.64
C THR D 286 28.81 -27.27 9.90
N THR D 287 29.96 -26.81 10.38
CA THR D 287 31.24 -27.13 9.77
C THR D 287 31.55 -28.64 9.81
N LEU D 288 31.28 -29.27 10.95
CA LEU D 288 31.52 -30.70 11.09
C LEU D 288 30.58 -31.46 10.17
N ARG D 289 29.31 -31.07 10.19
CA ARG D 289 28.29 -31.72 9.36
C ARG D 289 28.61 -31.64 7.87
N TYR D 290 29.09 -30.48 7.41
CA TYR D 290 29.44 -30.31 6.00
C TYR D 290 30.71 -31.08 5.69
N GLY D 291 31.65 -31.08 6.63
CA GLY D 291 32.92 -31.78 6.45
C GLY D 291 32.77 -33.28 6.25
N PHE D 292 31.92 -33.92 7.03
CA PHE D 292 31.73 -35.36 6.88
C PHE D 292 31.10 -35.68 5.53
N LEU D 293 30.21 -34.81 5.07
CA LEU D 293 29.58 -35.04 3.77
C LEU D 293 30.67 -34.89 2.70
N LEU D 294 31.51 -33.88 2.87
CA LEU D 294 32.61 -33.65 1.93
C LEU D 294 33.49 -34.90 1.86
N LEU D 295 33.84 -35.43 3.03
CA LEU D 295 34.71 -36.61 3.11
C LEU D 295 34.11 -37.82 2.42
N MET D 296 32.80 -37.99 2.51
CA MET D 296 32.15 -39.11 1.87
C MET D 296 32.10 -38.89 0.35
N LYS D 297 32.09 -37.62 -0.04
CA LYS D 297 32.06 -37.24 -1.45
C LYS D 297 33.43 -37.51 -2.07
N HIS D 298 34.48 -37.46 -1.25
CA HIS D 298 35.83 -37.70 -1.72
C HIS D 298 36.55 -38.81 -0.96
N PRO D 299 36.23 -40.07 -1.28
CA PRO D 299 36.82 -41.25 -0.64
C PRO D 299 38.34 -41.19 -0.56
N GLU D 300 38.99 -40.75 -1.64
CA GLU D 300 40.45 -40.65 -1.67
C GLU D 300 40.99 -39.77 -0.54
N VAL D 301 40.28 -38.70 -0.21
CA VAL D 301 40.71 -37.81 0.85
C VAL D 301 40.61 -38.47 2.23
N GLU D 302 39.52 -39.19 2.46
CA GLU D 302 39.34 -39.89 3.74
C GLU D 302 40.44 -40.93 3.93
N ALA D 303 40.81 -41.61 2.84
CA ALA D 303 41.85 -42.63 2.88
C ALA D 303 43.17 -42.01 3.33
N LYS D 304 43.52 -40.86 2.75
CA LYS D 304 44.75 -40.18 3.12
C LYS D 304 44.68 -39.74 4.56
N VAL D 305 43.50 -39.29 4.98
CA VAL D 305 43.31 -38.86 6.36
C VAL D 305 43.59 -40.03 7.31
N HIS D 306 43.07 -41.21 7.00
CA HIS D 306 43.28 -42.39 7.84
C HIS D 306 44.74 -42.82 7.88
N GLU D 307 45.40 -42.77 6.73
CA GLU D 307 46.81 -43.14 6.61
C GLU D 307 47.65 -42.28 7.55
N GLU D 308 47.40 -40.98 7.53
CA GLU D 308 48.14 -40.06 8.38
C GLU D 308 47.81 -40.26 9.87
N ILE D 309 46.54 -40.48 10.18
CA ILE D 309 46.10 -40.69 11.56
C ILE D 309 46.73 -41.96 12.15
N ASP D 310 46.59 -43.07 11.44
CA ASP D 310 47.12 -44.34 11.91
C ASP D 310 48.63 -44.25 12.14
N ARG D 311 49.32 -43.62 11.21
CA ARG D 311 50.77 -43.47 11.29
C ARG D 311 51.26 -42.53 12.37
N VAL D 312 50.60 -41.38 12.54
CA VAL D 312 51.03 -40.41 13.54
C VAL D 312 50.49 -40.62 14.94
N ILE D 313 49.18 -40.90 15.05
CA ILE D 313 48.56 -41.08 16.37
C ILE D 313 48.35 -42.52 16.82
N GLY D 314 47.95 -43.39 15.89
CA GLY D 314 47.71 -44.78 16.25
C GLY D 314 46.23 -44.97 16.58
N LYS D 315 45.86 -46.19 16.94
CA LYS D 315 44.47 -46.49 17.26
C LYS D 315 44.19 -46.54 18.75
N ASN D 316 45.20 -46.26 19.57
CA ASN D 316 45.02 -46.33 21.02
C ASN D 316 44.75 -45.02 21.75
N ARG D 317 45.75 -44.15 21.78
CA ARG D 317 45.62 -42.88 22.48
C ARG D 317 44.69 -41.90 21.77
N GLN D 318 44.16 -40.96 22.55
CA GLN D 318 43.27 -39.94 22.04
C GLN D 318 44.08 -38.87 21.34
N PRO D 319 43.56 -38.29 20.26
CA PRO D 319 44.31 -37.25 19.58
C PRO D 319 44.47 -36.03 20.50
N LYS D 320 45.59 -35.32 20.36
CA LYS D 320 45.84 -34.13 21.16
C LYS D 320 46.05 -33.02 20.15
N PHE D 321 45.74 -31.79 20.53
CA PHE D 321 45.90 -30.69 19.59
C PHE D 321 47.33 -30.62 19.06
N GLU D 322 48.29 -31.01 19.89
CA GLU D 322 49.71 -31.02 19.52
C GLU D 322 49.96 -31.81 18.23
N ASP D 323 49.24 -32.92 18.09
CA ASP D 323 49.39 -33.80 16.94
C ASP D 323 49.28 -33.12 15.59
N ARG D 324 48.60 -31.97 15.54
CA ARG D 324 48.43 -31.29 14.27
C ARG D 324 49.77 -30.93 13.63
N ALA D 325 50.77 -30.65 14.46
CA ALA D 325 52.09 -30.30 13.94
C ALA D 325 52.66 -31.37 13.01
N LYS D 326 52.23 -32.62 13.20
CA LYS D 326 52.70 -33.72 12.36
C LYS D 326 51.64 -34.23 11.39
N MET D 327 50.51 -33.52 11.34
CA MET D 327 49.43 -33.94 10.46
C MET D 327 49.02 -32.81 9.52
N PRO D 328 49.90 -32.47 8.57
CA PRO D 328 49.62 -31.39 7.61
C PRO D 328 48.45 -31.72 6.69
N TYR D 329 48.26 -32.99 6.36
CA TYR D 329 47.16 -33.33 5.48
C TYR D 329 45.83 -33.07 6.18
N MET D 330 45.71 -33.52 7.43
CA MET D 330 44.47 -33.33 8.19
C MET D 330 44.20 -31.84 8.33
N GLU D 331 45.26 -31.10 8.65
CA GLU D 331 45.18 -29.66 8.82
C GLU D 331 44.68 -29.04 7.51
N ALA D 332 45.21 -29.51 6.39
CA ALA D 332 44.82 -29.02 5.07
C ALA D 332 43.37 -29.39 4.76
N VAL D 333 42.96 -30.57 5.22
CA VAL D 333 41.60 -31.04 5.00
C VAL D 333 40.61 -30.19 5.80
N ILE D 334 40.96 -29.83 7.04
CA ILE D 334 40.07 -29.04 7.87
C ILE D 334 39.97 -27.61 7.37
N HIS D 335 41.08 -27.07 6.88
CA HIS D 335 41.09 -25.71 6.33
C HIS D 335 40.23 -25.69 5.07
N GLU D 336 40.37 -26.72 4.26
CA GLU D 336 39.60 -26.83 3.01
C GLU D 336 38.11 -27.03 3.29
N ILE D 337 37.78 -27.68 4.40
CA ILE D 337 36.38 -27.87 4.73
C ILE D 337 35.78 -26.50 5.10
N GLN D 338 36.54 -25.70 5.83
CA GLN D 338 36.09 -24.37 6.21
C GLN D 338 36.03 -23.40 5.02
N ARG D 339 36.97 -23.55 4.08
CA ARG D 339 36.98 -22.69 2.91
C ARG D 339 35.81 -23.03 2.00
N PHE D 340 35.61 -24.33 1.77
CA PHE D 340 34.51 -24.79 0.91
C PHE D 340 33.17 -24.55 1.59
N GLY D 341 33.13 -24.86 2.89
CA GLY D 341 31.92 -24.70 3.69
C GLY D 341 31.37 -23.29 3.74
N ASP D 342 32.27 -22.31 3.86
CA ASP D 342 31.88 -20.90 3.87
C ASP D 342 30.62 -20.70 4.74
N VAL D 343 30.68 -21.22 5.97
CA VAL D 343 29.56 -21.18 6.90
C VAL D 343 28.90 -19.83 7.12
N ILE D 344 29.68 -18.76 7.23
CA ILE D 344 29.14 -17.40 7.40
C ILE D 344 29.69 -16.65 6.18
N PRO D 345 29.05 -16.86 5.01
CA PRO D 345 29.42 -16.26 3.72
C PRO D 345 29.52 -14.76 3.61
N MET D 346 28.73 -14.04 4.39
CA MET D 346 28.79 -12.58 4.35
C MET D 346 29.19 -12.02 5.70
N SER D 347 29.85 -12.83 6.51
CA SER D 347 30.30 -12.42 7.85
C SER D 347 29.14 -11.83 8.64
N LEU D 348 29.50 -11.10 9.69
CA LEU D 348 28.52 -10.37 10.48
C LEU D 348 28.84 -8.94 10.03
N ALA D 349 27.80 -8.18 9.70
CA ALA D 349 27.96 -6.82 9.22
C ALA D 349 28.84 -5.90 10.04
N ARG D 350 29.64 -5.10 9.35
CA ARG D 350 30.49 -4.12 10.02
C ARG D 350 29.82 -2.77 9.79
N ARG D 351 30.41 -1.72 10.33
CA ARG D 351 29.89 -0.37 10.18
C ARG D 351 31.07 0.60 10.26
N VAL D 352 31.06 1.63 9.41
CA VAL D 352 32.14 2.61 9.45
C VAL D 352 31.95 3.49 10.68
N LYS D 353 32.99 3.60 11.50
CA LYS D 353 32.94 4.37 12.74
C LYS D 353 32.79 5.88 12.58
N LYS D 354 33.34 6.42 11.50
CA LYS D 354 33.26 7.86 11.20
C LYS D 354 33.38 8.06 9.70
N ASP D 355 33.15 9.28 9.24
CA ASP D 355 33.28 9.56 7.82
C ASP D 355 34.60 8.93 7.39
N THR D 356 34.60 8.22 6.27
CA THR D 356 35.80 7.54 5.84
C THR D 356 36.08 7.59 4.33
N LYS D 357 37.37 7.65 4.01
CA LYS D 357 37.80 7.64 2.63
C LYS D 357 38.39 6.26 2.40
N PHE D 358 37.76 5.48 1.52
CA PHE D 358 38.23 4.14 1.22
C PHE D 358 38.37 4.08 -0.29
N ARG D 359 39.60 3.85 -0.75
CA ARG D 359 39.89 3.82 -2.17
C ARG D 359 39.43 5.18 -2.72
N ASP D 360 38.66 5.20 -3.80
CA ASP D 360 38.23 6.49 -4.34
C ASP D 360 36.85 6.86 -3.83
N PHE D 361 36.43 6.27 -2.71
CA PHE D 361 35.10 6.55 -2.22
C PHE D 361 35.00 7.18 -0.85
N PHE D 362 33.86 7.82 -0.61
CA PHE D 362 33.58 8.47 0.65
C PHE D 362 32.45 7.70 1.32
N LEU D 363 32.72 7.14 2.49
CA LEU D 363 31.72 6.39 3.25
C LEU D 363 31.35 7.15 4.52
N PRO D 364 30.15 7.74 4.55
CA PRO D 364 29.66 8.51 5.69
C PRO D 364 29.65 7.67 6.96
N LYS D 365 29.85 8.31 8.10
CA LYS D 365 29.85 7.63 9.39
C LYS D 365 28.55 6.85 9.56
N GLY D 366 28.65 5.59 9.95
CA GLY D 366 27.45 4.79 10.15
C GLY D 366 27.09 3.89 8.97
N THR D 367 27.78 4.07 7.84
CA THR D 367 27.49 3.24 6.68
C THR D 367 27.74 1.77 7.00
N GLU D 368 26.73 0.94 6.74
CA GLU D 368 26.83 -0.48 7.01
C GLU D 368 27.69 -1.14 5.92
N VAL D 369 28.45 -2.16 6.30
CA VAL D 369 29.34 -2.85 5.37
C VAL D 369 29.19 -4.37 5.40
N TYR D 370 29.14 -4.96 4.22
CA TYR D 370 29.06 -6.41 4.10
C TYR D 370 30.40 -6.96 3.60
N PRO D 371 31.18 -7.60 4.50
CA PRO D 371 32.46 -8.15 4.04
C PRO D 371 32.10 -9.53 3.50
N MET D 372 32.22 -9.72 2.18
CA MET D 372 31.86 -11.00 1.58
C MET D 372 32.97 -12.05 1.73
N LEU D 373 33.06 -12.62 2.92
CA LEU D 373 34.08 -13.62 3.22
C LEU D 373 34.09 -14.74 2.20
N GLY D 374 32.91 -15.18 1.79
CA GLY D 374 32.81 -16.23 0.81
C GLY D 374 33.55 -15.93 -0.49
N SER D 375 33.63 -14.63 -0.84
CA SER D 375 34.31 -14.23 -2.06
C SER D 375 35.82 -14.24 -1.84
N VAL D 376 36.22 -14.19 -0.58
CA VAL D 376 37.65 -14.24 -0.25
C VAL D 376 38.05 -15.72 -0.26
N LEU D 377 37.25 -16.55 0.41
CA LEU D 377 37.51 -17.99 0.46
C LEU D 377 37.54 -18.59 -0.95
N ARG D 378 36.87 -17.96 -1.91
CA ARG D 378 36.86 -18.45 -3.28
C ARG D 378 37.63 -17.52 -4.23
N ASP D 379 38.48 -16.65 -3.70
CA ASP D 379 39.20 -15.72 -4.56
C ASP D 379 40.15 -16.49 -5.47
N PRO D 380 39.91 -16.43 -6.79
CA PRO D 380 40.75 -17.14 -7.77
C PRO D 380 42.20 -16.72 -7.81
N SER D 381 42.53 -15.58 -7.19
CA SER D 381 43.92 -15.15 -7.16
C SER D 381 44.64 -15.87 -6.03
N PHE D 382 43.89 -16.61 -5.20
CA PHE D 382 44.49 -17.33 -4.08
C PHE D 382 44.26 -18.82 -4.08
N PHE D 383 43.26 -19.27 -4.82
CA PHE D 383 42.97 -20.70 -4.89
C PHE D 383 42.80 -21.13 -6.34
N SER D 384 43.60 -22.10 -6.77
CA SER D 384 43.57 -22.61 -8.15
C SER D 384 42.20 -23.13 -8.63
N ASN D 385 41.50 -23.87 -7.78
CA ASN D 385 40.18 -24.38 -8.15
C ASN D 385 39.25 -24.09 -6.98
N PRO D 386 38.88 -22.81 -6.79
CA PRO D 386 38.00 -22.32 -5.72
C PRO D 386 36.65 -22.99 -5.61
N GLN D 387 36.12 -23.48 -6.72
CA GLN D 387 34.83 -24.14 -6.72
C GLN D 387 34.94 -25.62 -6.40
N ASP D 388 36.16 -26.12 -6.31
CA ASP D 388 36.39 -27.53 -6.01
C ASP D 388 36.81 -27.74 -4.57
N PHE D 389 36.53 -28.94 -4.04
CA PHE D 389 36.94 -29.30 -2.70
C PHE D 389 38.28 -29.98 -2.89
N ASN D 390 39.36 -29.28 -2.58
CA ASN D 390 40.67 -29.86 -2.78
C ASN D 390 41.66 -29.46 -1.70
N PRO D 391 42.05 -30.41 -0.84
CA PRO D 391 43.01 -30.13 0.23
C PRO D 391 44.34 -29.57 -0.27
N GLN D 392 44.67 -29.81 -1.54
CA GLN D 392 45.93 -29.30 -2.09
C GLN D 392 46.00 -27.78 -2.01
N HIS D 393 44.86 -27.13 -1.79
CA HIS D 393 44.82 -25.67 -1.68
C HIS D 393 45.62 -25.20 -0.47
N PHE D 394 45.87 -26.12 0.47
CA PHE D 394 46.62 -25.80 1.67
C PHE D 394 47.89 -26.63 1.86
N LEU D 395 48.42 -27.16 0.75
CA LEU D 395 49.65 -27.94 0.78
C LEU D 395 50.61 -27.43 -0.29
N ASN D 396 51.90 -27.38 0.05
CA ASN D 396 52.89 -26.96 -0.92
C ASN D 396 53.28 -28.20 -1.71
N GLU D 397 54.32 -28.09 -2.53
CA GLU D 397 54.79 -29.21 -3.34
C GLU D 397 55.32 -30.38 -2.52
N LYS D 398 55.89 -30.10 -1.36
CA LYS D 398 56.45 -31.13 -0.50
C LYS D 398 55.41 -31.74 0.44
N GLY D 399 54.15 -31.32 0.29
CA GLY D 399 53.10 -31.85 1.14
C GLY D 399 53.05 -31.19 2.50
N GLN D 400 53.68 -30.03 2.63
CA GLN D 400 53.67 -29.31 3.90
C GLN D 400 52.49 -28.34 3.92
N PHE D 401 51.92 -28.11 5.11
CA PHE D 401 50.79 -27.21 5.22
C PHE D 401 51.17 -25.78 4.82
N LYS D 402 50.39 -25.21 3.91
CA LYS D 402 50.65 -23.86 3.40
C LYS D 402 49.50 -22.91 3.73
N LYS D 403 49.80 -21.90 4.54
CA LYS D 403 48.81 -20.90 4.94
C LYS D 403 48.37 -20.03 3.77
N SER D 404 47.22 -19.37 3.92
CA SER D 404 46.72 -18.48 2.89
C SER D 404 46.13 -17.23 3.51
N ASP D 405 46.44 -16.07 2.91
CA ASP D 405 45.91 -14.80 3.39
C ASP D 405 44.43 -14.69 3.07
N ALA D 406 43.94 -15.58 2.21
CA ALA D 406 42.54 -15.57 1.80
C ALA D 406 41.70 -16.52 2.66
N PHE D 407 42.34 -17.18 3.62
CA PHE D 407 41.63 -18.07 4.55
C PHE D 407 41.08 -17.16 5.65
N VAL D 408 39.83 -16.75 5.50
CA VAL D 408 39.21 -15.85 6.48
C VAL D 408 37.80 -16.26 6.95
N PRO D 409 37.59 -17.55 7.22
CA PRO D 409 36.26 -17.99 7.67
C PRO D 409 35.82 -17.32 8.99
N PHE D 410 36.80 -16.84 9.76
CA PHE D 410 36.55 -16.18 11.04
C PHE D 410 36.63 -14.66 10.88
N SER D 411 36.77 -14.21 9.63
CA SER D 411 36.90 -12.79 9.31
C SER D 411 38.26 -12.28 9.85
N ILE D 412 38.47 -10.96 9.79
CA ILE D 412 39.71 -10.33 10.24
C ILE D 412 39.40 -8.93 10.76
N GLY D 413 40.38 -8.28 11.38
CA GLY D 413 40.13 -6.93 11.89
C GLY D 413 39.77 -6.87 13.36
N LYS D 414 39.42 -5.69 13.83
CA LYS D 414 39.12 -5.48 15.24
C LYS D 414 37.90 -6.15 15.85
N ARG D 415 36.94 -6.58 15.05
CA ARG D 415 35.78 -7.24 15.64
C ARG D 415 35.70 -8.67 15.11
N ASN D 416 36.87 -9.24 14.83
CA ASN D 416 36.96 -10.60 14.30
C ASN D 416 36.57 -11.62 15.35
N CYS D 417 36.31 -12.85 14.91
CA CYS D 417 35.90 -13.91 15.84
C CYS D 417 36.94 -14.24 16.90
N PHE D 418 36.65 -13.92 18.16
CA PHE D 418 37.60 -14.25 19.21
C PHE D 418 37.35 -15.67 19.74
N GLY D 419 36.47 -16.39 19.05
CA GLY D 419 36.18 -17.76 19.40
C GLY D 419 36.96 -18.68 18.49
N GLU D 420 37.74 -18.09 17.58
CA GLU D 420 38.54 -18.87 16.63
C GLU D 420 39.43 -19.94 17.28
N GLY D 421 40.12 -19.58 18.36
CA GLY D 421 41.00 -20.53 19.02
C GLY D 421 40.26 -21.78 19.47
N LEU D 422 39.12 -21.56 20.12
CA LEU D 422 38.28 -22.65 20.60
C LEU D 422 37.76 -23.46 19.40
N ALA D 423 37.29 -22.76 18.37
CA ALA D 423 36.77 -23.41 17.17
C ALA D 423 37.83 -24.30 16.49
N ARG D 424 39.04 -23.78 16.31
CA ARG D 424 40.11 -24.55 15.66
C ARG D 424 40.44 -25.81 16.47
N MET D 425 40.40 -25.68 17.79
CA MET D 425 40.69 -26.80 18.66
C MET D 425 39.59 -27.86 18.56
N GLU D 426 38.35 -27.41 18.57
CA GLU D 426 37.20 -28.31 18.46
C GLU D 426 37.22 -29.03 17.11
N LEU D 427 37.46 -28.28 16.04
CA LEU D 427 37.48 -28.87 14.70
C LEU D 427 38.57 -29.92 14.57
N PHE D 428 39.78 -29.62 15.02
CA PHE D 428 40.86 -30.58 14.92
C PHE D 428 40.58 -31.83 15.76
N LEU D 429 40.24 -31.63 17.03
CA LEU D 429 39.98 -32.78 17.90
C LEU D 429 38.77 -33.62 17.52
N PHE D 430 37.66 -32.98 17.15
CA PHE D 430 36.48 -33.76 16.78
C PHE D 430 36.65 -34.50 15.46
N PHE D 431 37.17 -33.83 14.44
CA PHE D 431 37.37 -34.50 13.16
C PHE D 431 38.34 -35.66 13.31
N THR D 432 39.47 -35.42 13.98
CA THR D 432 40.48 -36.46 14.14
C THR D 432 40.01 -37.63 14.99
N THR D 433 39.43 -37.36 16.14
CA THR D 433 38.97 -38.44 17.00
C THR D 433 37.90 -39.28 16.29
N VAL D 434 36.98 -38.63 15.58
CA VAL D 434 35.95 -39.37 14.86
C VAL D 434 36.56 -40.19 13.71
N MET D 435 37.42 -39.57 12.91
CA MET D 435 38.05 -40.28 11.79
C MET D 435 38.99 -41.40 12.24
N GLN D 436 39.57 -41.24 13.43
CA GLN D 436 40.46 -42.26 13.98
C GLN D 436 39.65 -43.52 14.29
N ASN D 437 38.45 -43.33 14.85
CA ASN D 437 37.60 -44.43 15.24
C ASN D 437 36.62 -44.96 14.21
N PHE D 438 36.30 -44.17 13.20
CA PHE D 438 35.32 -44.61 12.21
C PHE D 438 35.67 -44.31 10.76
N ARG D 439 35.07 -45.10 9.87
CA ARG D 439 35.18 -44.90 8.44
C ARG D 439 33.76 -44.47 8.10
N LEU D 440 33.60 -43.63 7.10
CA LEU D 440 32.29 -43.12 6.74
C LEU D 440 31.62 -43.85 5.59
N LYS D 441 30.35 -44.21 5.78
CA LYS D 441 29.62 -44.89 4.73
C LYS D 441 28.37 -44.06 4.41
N SER D 442 28.25 -43.61 3.17
CA SER D 442 27.11 -42.80 2.76
C SER D 442 25.96 -43.65 2.26
N SER D 443 24.78 -43.04 2.19
CA SER D 443 23.60 -43.75 1.72
C SER D 443 23.52 -43.74 0.20
N GLN D 444 24.50 -43.10 -0.44
CA GLN D 444 24.54 -43.06 -1.90
C GLN D 444 25.99 -43.04 -2.40
N SER D 445 26.19 -43.31 -3.69
CA SER D 445 27.55 -43.34 -4.23
C SER D 445 28.13 -41.92 -4.32
N PRO D 446 29.46 -41.79 -4.14
CA PRO D 446 30.15 -40.50 -4.19
C PRO D 446 29.67 -39.59 -5.32
N LYS D 447 29.62 -40.14 -6.52
CA LYS D 447 29.18 -39.40 -7.69
C LYS D 447 27.81 -38.74 -7.51
N ASP D 448 26.91 -39.41 -6.78
CA ASP D 448 25.57 -38.90 -6.55
C ASP D 448 25.40 -37.97 -5.35
N ILE D 449 26.43 -37.84 -4.53
CA ILE D 449 26.35 -36.99 -3.35
C ILE D 449 26.33 -35.50 -3.74
N ASP D 450 25.26 -34.80 -3.35
CA ASP D 450 25.14 -33.38 -3.67
C ASP D 450 25.72 -32.52 -2.55
N VAL D 451 26.86 -31.92 -2.82
CA VAL D 451 27.52 -31.09 -1.82
C VAL D 451 27.20 -29.59 -1.96
N SER D 452 26.31 -29.25 -2.88
CA SER D 452 25.90 -27.85 -3.04
C SER D 452 24.98 -27.57 -1.85
N PRO D 453 25.07 -26.36 -1.27
CA PRO D 453 24.23 -26.00 -0.12
C PRO D 453 22.72 -26.05 -0.32
N LYS D 454 22.00 -26.30 0.77
CA LYS D 454 20.56 -26.35 0.77
C LYS D 454 20.04 -24.91 0.87
N HIS D 455 20.72 -24.12 1.70
CA HIS D 455 20.37 -22.71 1.92
C HIS D 455 21.64 -21.88 2.03
N VAL D 456 21.57 -20.65 1.53
CA VAL D 456 22.67 -19.70 1.62
C VAL D 456 22.09 -18.32 1.87
N GLY D 457 22.48 -17.70 2.99
CA GLY D 457 22.00 -16.38 3.34
C GLY D 457 22.94 -15.91 4.42
N PHE D 458 22.44 -15.86 5.65
CA PHE D 458 23.29 -15.48 6.76
C PHE D 458 24.36 -16.57 6.93
N ALA D 459 23.96 -17.80 6.68
CA ALA D 459 24.87 -18.93 6.80
C ALA D 459 24.74 -19.79 5.56
N THR D 460 25.64 -20.77 5.45
CA THR D 460 25.62 -21.74 4.35
C THR D 460 25.20 -23.04 5.01
N ILE D 461 24.09 -23.62 4.57
CA ILE D 461 23.58 -24.85 5.17
C ILE D 461 23.68 -26.02 4.21
N PRO D 462 24.35 -27.11 4.62
CA PRO D 462 24.46 -28.26 3.72
C PRO D 462 23.11 -28.98 3.67
N ARG D 463 22.90 -29.76 2.62
CA ARG D 463 21.63 -30.48 2.48
C ARG D 463 21.47 -31.56 3.55
N ASN D 464 20.21 -31.87 3.87
CA ASN D 464 19.92 -32.89 4.86
C ASN D 464 20.46 -34.22 4.34
N TYR D 465 21.01 -35.04 5.24
CA TYR D 465 21.53 -36.33 4.82
C TYR D 465 21.70 -37.28 6.00
N THR D 466 21.79 -38.57 5.69
CA THR D 466 21.98 -39.61 6.68
C THR D 466 23.25 -40.35 6.29
N MET D 467 23.86 -41.04 7.25
CA MET D 467 25.10 -41.77 6.96
C MET D 467 25.32 -42.82 8.03
N SER D 468 26.39 -43.60 7.87
CA SER D 468 26.73 -44.61 8.85
C SER D 468 28.18 -44.41 9.28
N PHE D 469 28.43 -44.52 10.58
CA PHE D 469 29.80 -44.43 11.09
C PHE D 469 30.18 -45.87 11.38
N LEU D 470 31.14 -46.38 10.62
CA LEU D 470 31.57 -47.76 10.77
C LEU D 470 32.88 -47.90 11.54
N PRO D 471 32.87 -48.72 12.60
CA PRO D 471 34.08 -48.92 13.41
C PRO D 471 35.24 -49.41 12.54
N ARG D 472 36.39 -48.77 12.68
CA ARG D 472 37.57 -49.14 11.89
C ARG D 472 38.33 -50.31 12.52
CHA HEM E . 4.97 20.96 24.84
CHB HEM E . 1.01 23.33 23.68
CHC HEM E . 3.48 27.36 23.48
CHD HEM E . 7.46 24.93 24.26
C1A HEM E . 3.60 21.24 24.72
C2A HEM E . 2.55 20.30 24.75
C3A HEM E . 1.42 20.99 24.33
C4A HEM E . 1.83 22.30 24.07
CMA HEM E . -0.04 20.43 24.17
CAA HEM E . 2.67 18.84 25.19
CBA HEM E . 2.44 18.63 26.66
CGA HEM E . 2.50 17.20 27.16
O1A HEM E . 1.79 16.88 28.09
O2A HEM E . 3.25 16.38 26.66
C1B HEM E . 1.26 24.68 23.46
C2B HEM E . 0.31 25.68 23.13
C3B HEM E . 1.06 26.89 23.09
C4B HEM E . 2.39 26.50 23.40
CMB HEM E . -1.17 25.42 22.89
CAB HEM E . 0.62 28.23 22.81
CBB HEM E . -0.74 28.84 22.74
C1C HEM E . 4.82 27.12 23.75
C2C HEM E . 5.83 28.08 23.70
C3C HEM E . 7.04 27.38 23.84
C4C HEM E . 6.66 26.02 23.97
CMC HEM E . 5.64 29.62 23.53
CAC HEM E . 8.35 27.79 23.86
CBC HEM E . 9.02 28.69 24.72
C1D HEM E . 7.14 23.65 24.60
C2D HEM E . 8.07 22.64 24.86
C3D HEM E . 7.37 21.49 25.04
C4D HEM E . 6.03 21.86 24.85
CMD HEM E . 9.60 22.80 24.94
CAD HEM E . 7.92 20.05 25.35
CBD HEM E . 8.00 19.79 26.90
CGD HEM E . 8.52 18.40 27.38
O1D HEM E . 8.91 18.25 28.50
O2D HEM E . 8.50 17.44 26.62
NA HEM E . 3.13 22.45 24.30
NB HEM E . 2.48 25.21 23.61
NC HEM E . 5.31 25.91 23.90
ND HEM E . 5.94 23.15 24.60
FE HEM E . 4.21 24.20 24.13
C_1 D3G F . 7.19 20.86 16.51
C_2 D3G F . 8.47 20.56 15.98
C_3 D3G F . 9.60 20.69 16.84
N_1 D3G F . 9.50 21.10 18.15
C_4 D3G F . 8.27 21.38 18.65
C_5 D3G F . 7.06 21.29 17.88
C_6 D3G F . 5.77 21.61 18.44
C_7 D3G F . 4.48 21.60 17.93
C_8 D3G F . 3.61 22.02 18.99
C_9 D3G F . 4.41 22.24 20.09
O_1 D3G F . 5.74 22.00 19.78
C10 D3G F . 4.15 22.68 21.48
N_2 D3G F . 4.80 23.87 21.94
CHA HEM G . -13.43 18.61 -23.27
CHB HEM G . -10.58 22.24 -22.22
CHC HEM G . -14.35 25.01 -21.59
CHD HEM G . -17.19 21.38 -22.59
C1A HEM G . -12.26 19.37 -23.22
C2A HEM G . -10.94 18.90 -23.36
C3A HEM G . -10.12 19.95 -23.01
C4A HEM G . -10.97 21.01 -22.67
CMA HEM G . -8.56 20.00 -22.97
CAA HEM G . -10.53 17.49 -23.83
CBA HEM G . -10.35 17.36 -25.31
CGA HEM G . -9.91 16.00 -25.80
O1A HEM G . -9.06 15.93 -26.67
O2A HEM G . -10.35 14.98 -25.33
C1B HEM G . -11.30 23.40 -21.97
C2B HEM G . -10.76 24.67 -21.64
C3B HEM G . -11.91 25.49 -21.43
C4B HEM G . -13.02 24.63 -21.65
CMB HEM G . -9.27 24.99 -21.56
CAB HEM G . -12.02 26.88 -21.06
CBB HEM G . -11.02 27.97 -20.96
C1C HEM G . -15.51 24.34 -21.94
C2C HEM G . -16.78 24.87 -21.86
C3C HEM G . -17.67 23.79 -22.03
C4C HEM G . -16.83 22.66 -22.21
CMC HEM G . -17.15 26.38 -21.61
CAC HEM G . -19.05 23.71 -22.02
CBC HEM G . -19.96 23.90 -23.09
C1D HEM G . -16.43 20.27 -22.79
C2D HEM G . -16.94 19.00 -23.09
C3D HEM G . -15.87 18.19 -23.33
C4D HEM G . -14.75 19.02 -23.18
CMD HEM G . -18.41 18.57 -23.13
CAD HEM G . -15.86 16.67 -23.72
CBD HEM G . -15.91 16.46 -25.26
CGD HEM G . -15.91 15.01 -25.81
O1D HEM G . -16.18 14.78 -26.98
O2D HEM G . -15.64 14.08 -25.04
NA HEM G . -12.24 20.67 -22.80
NB HEM G . -12.63 23.42 -21.97
NC HEM G . -15.54 23.04 -22.16
ND HEM G . -15.13 20.26 -22.85
FE HEM G . -13.89 21.87 -22.45
C_1 D3G H . -15.16 17.62 -14.84
C_2 D3G H . -16.21 16.82 -14.33
C_3 D3G H . -17.24 16.41 -15.23
N_1 D3G H . -17.26 16.75 -16.55
C_4 D3G H . -16.24 17.52 -17.05
C_5 D3G H . -15.16 18.00 -16.22
C_6 D3G H . -14.10 18.82 -16.78
C_7 D3G H . -12.95 19.41 -16.24
C_8 D3G H . -12.30 20.11 -17.31
C_9 D3G H . -13.08 19.92 -18.43
O_1 D3G H . -14.18 19.14 -18.14
C10 D3G H . -12.98 20.38 -19.83
N_2 D3G H . -14.04 21.22 -20.32
CHA HEM I . -24.58 -24.23 -16.57
CHB HEM I . -23.34 -27.92 -13.91
CHC HEM I . -22.49 -30.46 -17.81
CHD HEM I . -23.24 -26.61 -20.44
C1A HEM I . -24.42 -25.01 -15.44
C2A HEM I . -24.66 -24.63 -14.11
C3A HEM I . -24.27 -25.72 -13.34
C4A HEM I . -23.84 -26.69 -14.24
CMA HEM I . -24.32 -25.87 -11.76
CAA HEM I . -25.23 -23.28 -13.65
CBA HEM I . -26.73 -23.25 -13.55
CGA HEM I . -27.34 -21.96 -13.07
O1A HEM I . -28.40 -22.01 -12.43
O2A HEM I . -26.82 -20.87 -13.26
C1B HEM I . -23.11 -29.05 -14.68
C2B HEM I . -22.75 -30.34 -14.22
C3B HEM I . -22.43 -31.08 -15.39
C4B HEM I . -22.63 -30.16 -16.46
CMB HEM I . -22.75 -30.76 -12.75
CAB HEM I . -22.01 -32.44 -15.54
CBB HEM I . -22.15 -33.60 -14.65
C1C HEM I . -22.71 -29.70 -18.95
C2C HEM I . -22.56 -30.13 -20.24
C3C HEM I . -22.65 -28.99 -21.06
C4C HEM I . -22.87 -27.92 -20.15
CMC HEM I . -22.32 -31.61 -20.70
CAC HEM I . -22.56 -28.83 -22.42
CBC HEM I . -23.44 -29.31 -23.43
C1D HEM I . -23.72 -25.62 -19.64
C2D HEM I . -24.00 -24.31 -20.06
C3D HEM I . -24.39 -23.60 -18.96
C4D HEM I . -24.32 -24.52 -17.91
CMD HEM I . -23.88 -23.75 -21.50
CAD HEM I . -24.81 -22.10 -18.86
CBD HEM I . -26.35 -21.93 -19.06
CGD HEM I . -26.91 -20.49 -18.99
O1D HEM I . -27.98 -20.22 -19.48
O2D HEM I . -26.23 -19.60 -18.45
NA HEM I . -23.92 -26.29 -15.49
NB HEM I . -23.02 -28.99 -16.02
NC HEM I . -22.89 -28.39 -18.89
ND HEM I . -23.92 -25.73 -18.35
FE HEM I . -23.47 -27.37 -17.19
C_1 D3G J . -15.97 -22.65 -17.26
C_2 D3G J . -15.34 -21.71 -18.11
C_3 D3G J . -16.05 -21.28 -19.27
N_1 D3G J . -17.31 -21.73 -19.59
C_4 D3G J . -17.92 -22.63 -18.76
C_5 D3G J . -17.30 -23.13 -17.57
C_6 D3G J . -17.96 -24.08 -16.70
C_7 D3G J . -17.58 -24.71 -15.53
C_8 D3G J . -18.66 -25.55 -15.12
C_9 D3G J . -19.66 -25.40 -16.06
O_1 D3G J . -19.26 -24.50 -17.05
C10 D3G J . -21.02 -25.98 -16.20
N_2 D3G J . -21.37 -26.55 -17.47
CHA HEM K . 32.32 -13.28 15.46
CHB HEM K . 32.72 -16.95 12.49
CHC HEM K . 33.10 -19.88 16.17
CHD HEM K . 32.21 -16.29 19.13
C1A HEM K . 32.48 -13.99 14.26
C2A HEM K . 32.48 -13.45 12.96
C3A HEM K . 32.56 -14.54 12.11
C4A HEM K . 32.63 -15.66 12.93
CMA HEM K . 32.59 -14.54 10.52
CAA HEM K . 32.39 -11.96 12.60
CBA HEM K . 33.76 -11.33 12.50
CGA HEM K . 33.80 -9.88 12.11
O1A HEM K . 34.80 -9.47 11.53
O2A HEM K . 32.89 -9.10 12.36
C1B HEM K . 32.85 -18.16 13.18
C2B HEM K . 33.04 -19.44 12.61
C3B HEM K . 33.24 -20.30 13.73
C4B HEM K . 33.14 -19.45 14.86
CMB HEM K . 33.03 -19.74 11.12
CAB HEM K . 33.48 -21.71 13.77
CBB HEM K . 34.06 -22.62 12.77
C1C HEM K . 32.98 -19.18 17.36
C2C HEM K . 33.07 -19.74 18.60
C3C HEM K . 32.73 -18.74 19.52
C4C HEM K . 32.46 -17.60 18.71
CMC HEM K . 33.46 -21.23 18.92
CAC HEM K . 32.64 -18.73 20.89
CBC HEM K . 33.69 -18.70 21.84
C1D HEM K . 32.17 -15.13 18.40
C2D HEM K . 31.88 -13.86 18.93
C3D HEM K . 31.89 -12.98 17.88
C4D HEM K . 32.18 -13.76 16.75
CMD HEM K . 31.61 -13.50 20.41
CAD HEM K . 31.63 -11.43 17.92
CBD HEM K . 32.94 -10.61 18.13
CGD HEM K . 32.82 -9.07 18.20
O1D HEM K . 33.66 -8.40 18.76
O2D HEM K . 31.83 -8.52 17.69
NA HEM K . 32.58 -15.34 14.20
NB HEM K . 32.91 -18.20 14.50
NC HEM K . 32.63 -17.92 17.41
ND HEM K . 32.33 -15.04 17.11
FE HEM K . 32.65 -16.63 15.83
C_1 D3G L . 23.81 -15.58 16.18
C_2 D3G L . 22.89 -15.04 17.12
C_3 D3G L . 23.41 -14.39 18.27
N_1 D3G L . 24.76 -14.25 18.52
C_4 D3G L . 25.64 -14.76 17.61
C_5 D3G L . 25.23 -15.44 16.41
C_6 D3G L . 26.18 -15.98 15.47
C_7 D3G L . 26.06 -16.67 14.28
C_8 D3G L . 27.39 -16.93 13.80
C_9 D3G L . 28.26 -16.37 14.71
O_1 D3G L . 27.55 -15.78 15.76
C10 D3G L . 29.74 -16.27 14.82
N_2 D3G L . 30.37 -16.79 15.99
#